data_9FFM
#
_entry.id   9FFM
#
_cell.length_a   1.00
_cell.length_b   1.00
_cell.length_c   1.00
_cell.angle_alpha   90.00
_cell.angle_beta   90.00
_cell.angle_gamma   90.00
#
_symmetry.space_group_name_H-M   'P 1'
#
loop_
_entity.id
_entity.type
_entity.pdbx_description
1 polymer 'Gamma-aminobutyric acid receptor subunit alpha-1'
2 polymer 'Gamma-aminobutyric acid receptor subunit beta-3'
3 polymer 'Megabody25,Outer membrane protein'
4 branched alpha-D-mannopyranose-(1-3)-[alpha-D-mannopyranose-(1-6)]beta-D-mannopyranose-(1-4)-2-acetamido-2-deoxy-beta-D-glucopyranose-(1-4)-2-acetamido-2-deoxy-beta-D-glucopyranose
5 branched 2-acetamido-2-deoxy-beta-D-glucopyranose-(1-4)-2-acetamido-2-deoxy-beta-D-glucopyranose
6 non-polymer DECANE
#
loop_
_entity_poly.entity_id
_entity_poly.type
_entity_poly.pdbx_seq_one_letter_code
_entity_poly.pdbx_strand_id
1 'polypeptide(L)'
;MDEKTTGWRGGHVVEGLAGELEQLRARLEHHPQGQREPDYDIPTTENLYFQGTGQPSQDELKDNTTVFTRILDRLLDGYD
NRLRPGLGERVTEVKTDIFVTSFGPVSDHDMEYTIDVFFRQSWKDERLKFKGPMTVLRLNNLMASKIWTPDTFFHNGKKS
VAHNMTMPNKLLRITEDGTLLYTMRLTVRAECPMHLEDFPMDAHACPLKFGSYAYTRAEVVYEWTREPARSVVVAEDGSR
LNQYDLLGQTVDSGIVQSSTGEYVVMTTHFHLKRKIGYFVIQTYLPCIMTVILSQVSFWLNRESVPARTVFGVTTVLTMT
TLSISARNSLPKVAYATAMDWFIAVCYAFVFSALIEFATVNYFTKSQPARAAKIDRLSRIAFPLLFGIFNLVYWATYLNR
EPQLKAPTPHQ
;
D,A
2 'polypeptide(L)'
;MDEKTTGWRGGHVVEGLAGELEQLRARLEHHPQGQREPDYDIPTTENLYFQGTGQSVNDPGNMSFVKETVDKLLKGYDIR
LRPDFGGPPVCVGMNIDIASIDMVSEVNMDYTLTMYFQQYWRDKRLAYSGIPLNLTLDNRVADQLWVPDTYFLNDKKSFV
HGVTVKNRMIRLHPDGTVLYGLRITTTAACMMDLRRYPLDEQNCTLEIESYGYTTDDIEFYWRGGDKAVTGVERIELPQF
SIVEHRLVSRNVVFATGAYPRLSLSFRLKRNIGYFILQTYMPSILITILSWVSFWINYDASAARVALGITTVLTMTTINT
HLRETLPKIPYVKAIDMYLMGCFVFVFLALLEYAFVNYIFFSQPARAAAIDRWSRIVFPFTFSLFNLVYWLYYVN
;
E,B,C
3 'polypeptide(L)'
;QVQLVESGGGLVQTKTTTSVIDTTNDAQNLLTQAQTIVNTLKDYCPILIAKSSSSNGGTNNANTPSWQTAGGGKNSCATF
GAEFSAASDMINNAQKIVQETQQLSANQPKNITQPHNLNLNSPSSLTALAQKMLKNAQSQAEILKLANQVESDFNKLSSG
HLKDYIGKCDASAISSANMTMQNQKNNWGNGCAGVEETQSLLKTSAADFNNQTPQINQAQNLANTLIQELGNNTYEQLSR
LLTNDNGTNSKTSAQAINQAVNNLNERAKTLAGGTTNSPAYQATLLALRSVLGLWNSMGYAVICGGYTKSPGENNQKDFH
YTDENGNGTTINCGGSTNSNGTHSYNGTNTLKADKNVSLSIEQYEKIHEAYQILSKALKQAGLAPLNSKGEKLEAHVTTS
KYGSLRLSCAASGHTFNYPIMGWFRQAPGKEREFVGAISWSGGSTSYADSVKDRFTISRDNAKNTVYLEMNNLKPEDTAV
YYCAAKGRYSGGLYYPTNYDYWGQGTQVTVSSHHHHHHEPEA
;
F
#
loop_
_chem_comp.id
_chem_comp.type
_chem_comp.name
_chem_comp.formula
BMA D-saccharide, beta linking beta-D-mannopyranose 'C6 H12 O6'
D10 non-polymer DECANE 'C10 H22'
MAN D-saccharide, alpha linking alpha-D-mannopyranose 'C6 H12 O6'
NAG D-saccharide, beta linking 2-acetamido-2-deoxy-beta-D-glucopyranose 'C8 H15 N O6'
#
# COMPACT_ATOMS: atom_id res chain seq x y z
N THR A 65 -40.28 -34.78 -16.13
CA THR A 65 -40.13 -33.33 -15.94
C THR A 65 -40.89 -32.86 -14.71
N THR A 66 -42.19 -33.16 -14.66
CA THR A 66 -43.00 -32.75 -13.52
C THR A 66 -42.68 -33.58 -12.28
N VAL A 67 -42.19 -34.80 -12.47
CA VAL A 67 -41.89 -35.68 -11.34
C VAL A 67 -40.80 -35.07 -10.46
N PHE A 68 -39.75 -34.52 -11.08
CA PHE A 68 -38.66 -33.95 -10.31
C PHE A 68 -39.10 -32.70 -9.56
N THR A 69 -40.02 -31.92 -10.14
CA THR A 69 -40.49 -30.71 -9.46
C THR A 69 -41.19 -31.05 -8.15
N ARG A 70 -42.02 -32.10 -8.15
CA ARG A 70 -42.72 -32.48 -6.93
C ARG A 70 -41.75 -33.00 -5.87
N ILE A 71 -40.73 -33.76 -6.29
CA ILE A 71 -39.78 -34.30 -5.33
C ILE A 71 -39.02 -33.18 -4.63
N LEU A 72 -38.60 -32.17 -5.39
CA LEU A 72 -37.85 -31.07 -4.80
C LEU A 72 -38.68 -30.31 -3.77
N ASP A 73 -39.96 -30.07 -4.08
CA ASP A 73 -40.82 -29.37 -3.14
C ASP A 73 -41.19 -30.26 -1.95
N ARG A 74 -41.17 -31.57 -2.13
CA ARG A 74 -41.54 -32.48 -1.04
C ARG A 74 -40.44 -32.62 0.00
N LEU A 75 -39.16 -32.57 -0.43
CA LEU A 75 -38.07 -32.80 0.51
C LEU A 75 -38.00 -31.73 1.59
N LEU A 76 -38.18 -30.46 1.21
CA LEU A 76 -38.04 -29.38 2.16
C LEU A 76 -39.23 -29.26 3.11
N ASP A 77 -40.30 -30.01 2.88
CA ASP A 77 -41.44 -29.98 3.79
C ASP A 77 -41.07 -30.66 5.11
N GLY A 78 -41.33 -29.97 6.21
CA GLY A 78 -41.01 -30.51 7.52
C GLY A 78 -39.53 -30.63 7.81
N TYR A 79 -38.70 -29.82 7.15
CA TYR A 79 -37.25 -29.87 7.31
C TYR A 79 -36.79 -28.63 8.06
N ASP A 80 -35.98 -28.84 9.10
CA ASP A 80 -35.42 -27.76 9.89
C ASP A 80 -33.91 -27.72 9.66
N ASN A 81 -33.43 -26.61 9.07
CA ASN A 81 -32.02 -26.48 8.74
C ASN A 81 -31.18 -25.98 9.91
N ARG A 82 -31.79 -25.65 11.04
CA ARG A 82 -31.03 -25.24 12.22
C ARG A 82 -30.46 -26.42 12.98
N LEU A 83 -30.90 -27.64 12.70
CA LEU A 83 -30.50 -28.82 13.44
C LEU A 83 -29.64 -29.72 12.56
N ARG A 84 -28.51 -30.16 13.11
CA ARG A 84 -27.64 -31.07 12.37
C ARG A 84 -28.32 -32.43 12.24
N PRO A 85 -27.96 -33.20 11.21
CA PRO A 85 -28.52 -34.55 11.07
C PRO A 85 -28.17 -35.41 12.29
N GLY A 86 -29.14 -36.18 12.75
CA GLY A 86 -28.94 -37.02 13.92
C GLY A 86 -28.63 -36.25 15.18
N LEU A 87 -29.34 -35.14 15.41
CA LEU A 87 -29.12 -34.35 16.61
C LEU A 87 -29.64 -35.09 17.84
N GLY A 88 -28.80 -35.20 18.86
CA GLY A 88 -29.18 -35.90 20.07
C GLY A 88 -29.28 -37.40 19.95
N GLU A 89 -28.82 -37.97 18.85
CA GLU A 89 -28.91 -39.41 18.63
C GLU A 89 -27.59 -40.03 18.24
N ARG A 90 -26.78 -39.35 17.44
CA ARG A 90 -25.51 -39.90 16.98
C ARG A 90 -24.60 -38.74 16.59
N VAL A 91 -23.43 -39.08 16.06
CA VAL A 91 -22.42 -38.11 15.67
C VAL A 91 -22.40 -38.01 14.15
N THR A 92 -22.48 -36.79 13.64
CA THR A 92 -22.38 -36.56 12.20
C THR A 92 -20.94 -36.80 11.75
N GLU A 93 -20.77 -37.60 10.71
CA GLU A 93 -19.45 -37.92 10.17
C GLU A 93 -19.33 -37.29 8.79
N VAL A 94 -18.28 -36.49 8.59
CA VAL A 94 -18.06 -35.77 7.35
C VAL A 94 -16.76 -36.30 6.73
N LYS A 95 -16.85 -36.80 5.52
CA LYS A 95 -15.67 -37.28 4.79
C LYS A 95 -15.19 -36.18 3.86
N THR A 96 -13.88 -35.92 3.88
CA THR A 96 -13.31 -34.76 3.22
C THR A 96 -12.12 -35.15 2.37
N ASP A 97 -11.95 -34.46 1.25
CA ASP A 97 -10.76 -34.57 0.45
C ASP A 97 -10.54 -33.25 -0.28
N ILE A 98 -9.30 -33.01 -0.69
CA ILE A 98 -8.90 -31.74 -1.27
C ILE A 98 -8.11 -31.99 -2.54
N PHE A 99 -8.41 -31.23 -3.59
CA PHE A 99 -7.66 -31.25 -4.84
C PHE A 99 -7.06 -29.88 -5.05
N VAL A 100 -5.74 -29.77 -4.88
CA VAL A 100 -5.05 -28.50 -5.00
C VAL A 100 -4.79 -28.22 -6.48
N THR A 101 -5.46 -27.20 -7.02
CA THR A 101 -5.25 -26.86 -8.43
C THR A 101 -3.91 -26.18 -8.64
N SER A 102 -3.50 -25.32 -7.71
CA SER A 102 -2.24 -24.59 -7.85
C SER A 102 -1.80 -24.10 -6.48
N PHE A 103 -0.57 -24.45 -6.09
CA PHE A 103 0.03 -23.98 -4.85
C PHE A 103 0.65 -22.62 -5.14
N GLY A 104 -0.05 -21.56 -4.77
CA GLY A 104 0.30 -20.22 -5.17
C GLY A 104 1.58 -19.71 -4.53
N PRO A 105 1.84 -18.41 -4.71
CA PRO A 105 3.11 -17.84 -4.23
C PRO A 105 3.20 -17.85 -2.71
N VAL A 106 4.43 -17.94 -2.23
CA VAL A 106 4.75 -17.89 -0.81
C VAL A 106 5.42 -16.55 -0.52
N SER A 107 4.90 -15.82 0.46
CA SER A 107 5.38 -14.49 0.80
C SER A 107 6.18 -14.57 2.09
N ASP A 108 7.49 -14.33 2.01
CA ASP A 108 8.32 -14.35 3.21
C ASP A 108 8.06 -13.13 4.08
N HIS A 109 7.78 -11.98 3.46
CA HIS A 109 7.60 -10.75 4.22
C HIS A 109 6.40 -10.84 5.16
N ASP A 110 5.29 -11.38 4.66
CA ASP A 110 4.09 -11.53 5.47
C ASP A 110 3.97 -12.90 6.14
N MET A 111 4.89 -13.83 5.83
CA MET A 111 4.87 -15.18 6.36
C MET A 111 3.51 -15.85 6.07
N GLU A 112 3.22 -15.98 4.78
CA GLU A 112 1.93 -16.53 4.36
C GLU A 112 2.09 -17.13 2.97
N TYR A 113 1.11 -17.94 2.59
CA TYR A 113 1.06 -18.52 1.26
C TYR A 113 -0.38 -18.54 0.78
N THR A 114 -0.56 -18.74 -0.53
CA THR A 114 -1.87 -18.80 -1.16
C THR A 114 -2.04 -20.16 -1.82
N ILE A 115 -3.26 -20.70 -1.73
CA ILE A 115 -3.56 -22.00 -2.32
C ILE A 115 -4.98 -21.95 -2.87
N ASP A 116 -5.20 -22.62 -4.00
CA ASP A 116 -6.51 -22.75 -4.61
C ASP A 116 -6.89 -24.22 -4.62
N VAL A 117 -8.04 -24.54 -4.03
CA VAL A 117 -8.43 -25.92 -3.81
C VAL A 117 -9.86 -26.14 -4.28
N PHE A 118 -10.18 -27.41 -4.53
CA PHE A 118 -11.56 -27.86 -4.75
C PHE A 118 -11.96 -28.63 -3.49
N PHE A 119 -12.53 -27.92 -2.53
CA PHE A 119 -12.86 -28.51 -1.24
C PHE A 119 -14.13 -29.34 -1.36
N ARG A 120 -14.04 -30.61 -0.97
CA ARG A 120 -15.14 -31.55 -1.07
CA ARG A 120 -15.14 -31.55 -1.07
C ARG A 120 -15.51 -32.10 0.29
N GLN A 121 -16.81 -32.22 0.54
CA GLN A 121 -17.32 -32.77 1.79
C GLN A 121 -18.49 -33.69 1.48
N SER A 122 -18.71 -34.66 2.37
CA SER A 122 -19.77 -35.64 2.16
C SER A 122 -20.25 -36.16 3.49
N TRP A 123 -21.56 -36.24 3.66
CA TRP A 123 -22.14 -36.72 4.91
C TRP A 123 -23.53 -37.27 4.64
N LYS A 124 -24.03 -38.03 5.60
CA LYS A 124 -25.33 -38.69 5.50
C LYS A 124 -26.39 -37.89 6.25
N ASP A 125 -27.54 -37.70 5.60
CA ASP A 125 -28.69 -37.04 6.21
C ASP A 125 -29.92 -37.89 5.93
N GLU A 126 -30.46 -38.52 6.98
CA GLU A 126 -31.60 -39.43 6.81
C GLU A 126 -32.87 -38.70 6.39
N ARG A 127 -32.93 -37.38 6.56
CA ARG A 127 -34.15 -36.63 6.30
C ARG A 127 -34.33 -36.28 4.82
N LEU A 128 -33.37 -36.61 3.96
CA LEU A 128 -33.43 -36.27 2.55
C LEU A 128 -33.57 -37.49 1.66
N LYS A 129 -34.12 -38.57 2.18
CA LYS A 129 -34.41 -39.73 1.36
C LYS A 129 -35.52 -39.42 0.36
N PHE A 130 -35.42 -40.04 -0.81
CA PHE A 130 -36.44 -39.88 -1.84
C PHE A 130 -36.41 -41.09 -2.75
N LYS A 131 -37.50 -41.26 -3.50
CA LYS A 131 -37.62 -42.33 -4.49
C LYS A 131 -38.14 -41.73 -5.78
N GLY A 132 -37.45 -42.01 -6.89
CA GLY A 132 -37.83 -41.46 -8.17
C GLY A 132 -37.11 -42.12 -9.32
N PRO A 133 -37.36 -41.61 -10.54
CA PRO A 133 -36.70 -42.20 -11.72
C PRO A 133 -35.18 -42.09 -11.69
N MET A 134 -34.64 -41.02 -11.13
CA MET A 134 -33.20 -40.81 -11.04
C MET A 134 -32.72 -41.01 -9.61
N THR A 135 -31.49 -41.46 -9.47
CA THR A 135 -30.91 -41.73 -8.16
C THR A 135 -30.14 -40.53 -7.59
N VAL A 136 -29.62 -39.66 -8.45
CA VAL A 136 -28.83 -38.52 -8.03
C VAL A 136 -29.51 -37.25 -8.51
N LEU A 137 -29.74 -36.31 -7.60
CA LEU A 137 -30.34 -35.02 -7.90
C LEU A 137 -29.31 -33.92 -7.73
N ARG A 138 -29.16 -33.08 -8.76
CA ARG A 138 -28.25 -31.94 -8.71
C ARG A 138 -29.07 -30.70 -8.37
N LEU A 139 -29.00 -30.27 -7.12
CA LEU A 139 -29.77 -29.13 -6.67
C LEU A 139 -29.18 -27.82 -7.21
N ASN A 140 -29.79 -26.72 -6.82
CA ASN A 140 -29.32 -25.38 -7.14
C ASN A 140 -28.82 -24.71 -5.87
N ASN A 141 -28.07 -23.61 -6.04
CA ASN A 141 -27.52 -22.91 -4.90
C ASN A 141 -28.61 -22.35 -4.00
N LEU A 142 -29.75 -21.94 -4.57
CA LEU A 142 -30.88 -21.56 -3.73
C LEU A 142 -31.38 -22.74 -2.91
N MET A 143 -31.43 -23.92 -3.52
CA MET A 143 -31.81 -25.12 -2.77
C MET A 143 -30.74 -25.51 -1.76
N ALA A 144 -29.47 -25.26 -2.08
CA ALA A 144 -28.38 -25.64 -1.19
C ALA A 144 -28.44 -24.89 0.13
N SER A 145 -28.79 -23.61 0.10
CA SER A 145 -28.85 -22.81 1.30
C SER A 145 -30.01 -23.17 2.20
N LYS A 146 -30.93 -24.02 1.74
CA LYS A 146 -32.10 -24.39 2.52
C LYS A 146 -31.86 -25.58 3.46
N ILE A 147 -30.70 -26.24 3.36
CA ILE A 147 -30.44 -27.43 4.16
C ILE A 147 -29.17 -27.21 4.98
N TRP A 148 -28.96 -28.11 5.95
CA TRP A 148 -27.83 -28.01 6.86
C TRP A 148 -26.55 -28.41 6.16
N THR A 149 -25.51 -27.60 6.32
CA THR A 149 -24.18 -27.89 5.82
C THR A 149 -23.16 -27.64 6.92
N PRO A 150 -22.05 -28.37 6.92
CA PRO A 150 -21.04 -28.18 7.98
C PRO A 150 -20.43 -26.79 7.93
N ASP A 151 -20.07 -26.29 9.10
CA ASP A 151 -19.46 -24.96 9.24
C ASP A 151 -17.94 -25.08 9.27
N THR A 152 -17.39 -25.69 8.23
CA THR A 152 -15.95 -25.88 8.16
C THR A 152 -15.24 -24.55 7.94
N PHE A 153 -14.14 -24.35 8.66
CA PHE A 153 -13.33 -23.16 8.53
C PHE A 153 -11.86 -23.53 8.71
N PHE A 154 -10.98 -22.70 8.18
CA PHE A 154 -9.55 -22.94 8.24
C PHE A 154 -8.97 -22.22 9.45
N HIS A 155 -8.29 -22.98 10.32
CA HIS A 155 -7.81 -22.42 11.58
C HIS A 155 -6.78 -21.33 11.35
N ASN A 156 -5.85 -21.53 10.41
CA ASN A 156 -4.75 -20.61 10.19
C ASN A 156 -4.97 -19.71 8.98
N GLY A 157 -6.19 -19.64 8.46
CA GLY A 157 -6.46 -18.75 7.35
C GLY A 157 -6.44 -17.29 7.76
N LYS A 158 -6.20 -16.43 6.77
CA LYS A 158 -6.15 -15.00 7.00
C LYS A 158 -7.31 -14.27 6.32
N LYS A 159 -7.48 -14.45 5.02
CA LYS A 159 -8.63 -13.89 4.31
C LYS A 159 -8.86 -14.73 3.06
N SER A 160 -9.82 -15.64 3.12
CA SER A 160 -10.10 -16.53 2.02
C SER A 160 -11.18 -15.95 1.12
N VAL A 161 -11.29 -16.51 -0.08
CA VAL A 161 -12.24 -16.05 -1.09
C VAL A 161 -13.02 -17.26 -1.59
N ALA A 162 -14.35 -17.13 -1.60
CA ALA A 162 -15.22 -18.11 -2.23
C ALA A 162 -15.66 -17.53 -3.56
N HIS A 163 -15.17 -18.11 -4.66
CA HIS A 163 -15.36 -17.54 -5.97
C HIS A 163 -16.84 -17.51 -6.35
N ASN A 164 -17.22 -16.46 -7.09
CA ASN A 164 -18.63 -16.24 -7.41
C ASN A 164 -18.83 -15.84 -8.87
N MET A 165 -17.88 -16.16 -9.75
CA MET A 165 -17.95 -15.80 -11.16
C MET A 165 -18.03 -17.07 -12.00
N THR A 166 -19.04 -17.14 -12.88
CA THR A 166 -20.06 -16.11 -13.01
C THR A 166 -21.23 -16.41 -12.08
N MET A 167 -21.17 -17.57 -11.46
CA MET A 167 -22.15 -18.07 -10.50
C MET A 167 -21.41 -18.59 -9.29
N PRO A 168 -22.09 -18.72 -8.15
CA PRO A 168 -21.44 -19.33 -6.98
C PRO A 168 -20.88 -20.71 -7.33
N ASN A 169 -19.56 -20.83 -7.26
CA ASN A 169 -18.88 -22.07 -7.66
C ASN A 169 -19.12 -23.11 -6.57
N LYS A 170 -20.32 -23.69 -6.60
CA LYS A 170 -20.72 -24.70 -5.65
C LYS A 170 -21.59 -25.72 -6.36
N LEU A 171 -21.64 -26.92 -5.80
CA LEU A 171 -22.57 -27.95 -6.26
C LEU A 171 -23.04 -28.74 -5.04
N LEU A 172 -24.23 -29.32 -5.17
CA LEU A 172 -24.80 -30.11 -4.08
C LEU A 172 -25.63 -31.23 -4.71
N ARG A 173 -25.15 -32.45 -4.57
CA ARG A 173 -25.81 -33.63 -5.15
C ARG A 173 -26.36 -34.50 -4.03
N ILE A 174 -27.60 -34.97 -4.21
CA ILE A 174 -28.28 -35.79 -3.22
C ILE A 174 -28.53 -37.17 -3.82
N THR A 175 -28.14 -38.20 -3.08
CA THR A 175 -28.43 -39.58 -3.47
C THR A 175 -29.73 -40.02 -2.80
N GLU A 176 -30.31 -41.10 -3.33
CA GLU A 176 -31.60 -41.56 -2.84
C GLU A 176 -31.55 -42.02 -1.39
N ASP A 177 -30.38 -42.45 -0.92
CA ASP A 177 -30.25 -42.92 0.45
C ASP A 177 -30.01 -41.79 1.44
N GLY A 178 -29.93 -40.54 0.98
CA GLY A 178 -29.68 -39.40 1.84
C GLY A 178 -28.25 -38.91 1.86
N THR A 179 -27.34 -39.57 1.15
CA THR A 179 -25.96 -39.14 1.10
C THR A 179 -25.84 -37.81 0.35
N LEU A 180 -25.02 -36.92 0.87
CA LEU A 180 -24.80 -35.61 0.30
C LEU A 180 -23.36 -35.46 -0.15
N LEU A 181 -23.15 -34.66 -1.19
CA LEU A 181 -21.82 -34.38 -1.72
C LEU A 181 -21.72 -32.87 -1.96
N TYR A 182 -20.92 -32.20 -1.15
CA TYR A 182 -20.76 -30.75 -1.22
C TYR A 182 -19.38 -30.43 -1.78
N THR A 183 -19.33 -29.55 -2.76
CA THR A 183 -18.07 -29.17 -3.40
C THR A 183 -18.08 -27.67 -3.66
N MET A 184 -16.98 -27.00 -3.35
CA MET A 184 -16.85 -25.58 -3.59
C MET A 184 -15.41 -25.26 -3.97
N ARG A 185 -15.24 -24.15 -4.68
CA ARG A 185 -13.94 -23.70 -5.13
C ARG A 185 -13.51 -22.50 -4.29
N LEU A 186 -12.30 -22.55 -3.74
CA LEU A 186 -11.84 -21.60 -2.75
C LEU A 186 -10.47 -21.07 -3.12
N THR A 187 -10.04 -20.04 -2.38
CA THR A 187 -8.69 -19.49 -2.50
C THR A 187 -8.29 -19.02 -1.11
N VAL A 188 -7.44 -19.78 -0.45
CA VAL A 188 -7.16 -19.61 0.98
C VAL A 188 -5.76 -19.02 1.13
N ARG A 189 -5.68 -17.89 1.84
CA ARG A 189 -4.42 -17.33 2.29
C ARG A 189 -4.22 -17.73 3.75
N ALA A 190 -3.16 -18.47 4.03
CA ALA A 190 -2.95 -19.07 5.33
C ALA A 190 -1.60 -18.63 5.90
N GLU A 191 -1.51 -18.68 7.23
CA GLU A 191 -0.29 -18.31 7.93
C GLU A 191 0.71 -19.46 7.88
N CYS A 192 1.96 -19.15 7.57
CA CYS A 192 3.05 -20.11 7.58
C CYS A 192 4.21 -19.51 8.37
N PRO A 193 4.27 -19.74 9.68
CA PRO A 193 5.39 -19.22 10.46
C PRO A 193 6.71 -19.79 9.96
N MET A 194 7.72 -18.94 9.94
CA MET A 194 9.03 -19.30 9.38
C MET A 194 10.13 -18.96 10.36
N HIS A 195 11.13 -19.83 10.43
CA HIS A 195 12.35 -19.59 11.19
C HIS A 195 13.47 -19.41 10.18
N LEU A 196 13.84 -18.15 9.92
CA LEU A 196 14.76 -17.80 8.85
C LEU A 196 16.21 -17.68 9.34
N GLU A 197 16.57 -18.44 10.36
CA GLU A 197 17.94 -18.39 10.87
C GLU A 197 18.95 -19.04 9.91
N ASP A 198 18.48 -19.80 8.92
CA ASP A 198 19.36 -20.41 7.94
C ASP A 198 19.20 -19.80 6.55
N PHE A 199 18.61 -18.60 6.47
CA PHE A 199 18.39 -17.97 5.18
C PHE A 199 19.73 -17.72 4.49
N PRO A 200 19.83 -18.00 3.18
CA PRO A 200 18.80 -18.55 2.28
C PRO A 200 18.90 -20.06 2.08
N MET A 201 19.41 -20.79 3.06
CA MET A 201 19.55 -22.25 2.98
C MET A 201 18.59 -22.96 3.92
N ASP A 202 17.36 -22.45 4.01
CA ASP A 202 16.39 -22.92 4.98
C ASP A 202 15.28 -23.70 4.28
N ALA A 203 14.54 -24.46 5.09
CA ALA A 203 13.38 -25.22 4.64
C ALA A 203 12.23 -24.99 5.60
N HIS A 204 11.00 -25.13 5.08
CA HIS A 204 9.80 -24.84 5.86
C HIS A 204 8.77 -25.92 5.62
N ALA A 205 7.77 -25.95 6.52
CA ALA A 205 6.65 -26.87 6.43
C ALA A 205 5.38 -26.08 6.70
N CYS A 206 4.78 -25.53 5.65
CA CYS A 206 3.58 -24.71 5.78
C CYS A 206 2.37 -25.60 6.04
N PRO A 207 1.62 -25.38 7.12
CA PRO A 207 0.47 -26.24 7.41
C PRO A 207 -0.80 -25.70 6.79
N LEU A 208 -1.86 -26.49 6.90
CA LEU A 208 -3.20 -26.11 6.47
C LEU A 208 -4.19 -26.89 7.32
N LYS A 209 -4.76 -26.24 8.33
CA LYS A 209 -5.66 -26.88 9.28
C LYS A 209 -7.09 -26.41 9.05
N PHE A 210 -8.05 -27.30 9.24
CA PHE A 210 -9.45 -26.93 9.15
C PHE A 210 -10.28 -27.84 10.04
N GLY A 211 -11.50 -27.39 10.31
CA GLY A 211 -12.40 -28.14 11.17
C GLY A 211 -13.70 -27.39 11.36
N SER A 212 -14.52 -27.90 12.27
CA SER A 212 -15.81 -27.28 12.58
C SER A 212 -15.63 -26.16 13.58
N TYR A 213 -16.43 -25.11 13.43
CA TYR A 213 -16.31 -23.94 14.29
C TYR A 213 -17.23 -23.99 15.50
N ALA A 214 -18.40 -24.61 15.38
CA ALA A 214 -19.37 -24.61 16.46
C ALA A 214 -19.65 -25.98 17.05
N TYR A 215 -19.42 -27.06 16.31
CA TYR A 215 -19.73 -28.41 16.77
C TYR A 215 -18.48 -29.08 17.30
N THR A 216 -18.55 -29.55 18.54
CA THR A 216 -17.42 -30.22 19.17
C THR A 216 -17.30 -31.66 18.66
N ARG A 217 -16.30 -32.38 19.19
CA ARG A 217 -16.05 -33.74 18.74
C ARG A 217 -17.16 -34.70 19.13
N ALA A 218 -18.02 -34.31 20.07
CA ALA A 218 -19.15 -35.15 20.45
C ALA A 218 -20.33 -35.02 19.50
N GLU A 219 -20.27 -34.10 18.54
CA GLU A 219 -21.35 -33.88 17.59
C GLU A 219 -20.94 -34.11 16.15
N VAL A 220 -19.81 -33.55 15.73
CA VAL A 220 -19.34 -33.66 14.34
C VAL A 220 -17.88 -34.09 14.36
N VAL A 221 -17.57 -35.10 13.55
CA VAL A 221 -16.19 -35.57 13.38
C VAL A 221 -15.86 -35.57 11.90
N TYR A 222 -14.58 -35.41 11.60
CA TYR A 222 -14.09 -35.33 10.23
C TYR A 222 -13.19 -36.52 9.92
N GLU A 223 -13.28 -37.01 8.68
CA GLU A 223 -12.45 -38.10 8.22
C GLU A 223 -12.04 -37.83 6.78
N TRP A 224 -10.95 -38.48 6.37
CA TRP A 224 -10.53 -38.43 4.97
C TRP A 224 -11.26 -39.50 4.19
N THR A 225 -11.61 -39.18 2.94
CA THR A 225 -12.40 -40.09 2.12
C THR A 225 -11.66 -41.40 1.89
N ARG A 226 -10.36 -41.33 1.62
CA ARG A 226 -9.53 -42.51 1.41
C ARG A 226 -8.35 -42.39 2.37
N GLU A 227 -7.31 -43.18 2.13
CA GLU A 227 -6.11 -43.12 2.95
C GLU A 227 -5.59 -41.69 2.99
N PRO A 228 -5.07 -41.21 4.13
CA PRO A 228 -4.70 -39.80 4.24
C PRO A 228 -3.68 -39.35 3.21
N ALA A 229 -2.77 -40.24 2.80
CA ALA A 229 -1.78 -39.87 1.80
C ALA A 229 -2.44 -39.51 0.47
N ARG A 230 -3.47 -40.26 0.08
CA ARG A 230 -4.12 -40.09 -1.20
C ARG A 230 -5.38 -39.24 -1.14
N SER A 231 -5.68 -38.64 0.02
CA SER A 231 -6.85 -37.79 0.16
C SER A 231 -6.57 -36.33 -0.18
N VAL A 232 -5.32 -35.96 -0.36
CA VAL A 232 -4.94 -34.62 -0.81
C VAL A 232 -4.11 -34.78 -2.07
N VAL A 233 -4.58 -34.18 -3.17
CA VAL A 233 -3.96 -34.35 -4.48
C VAL A 233 -3.57 -32.99 -5.01
N VAL A 234 -2.34 -32.88 -5.50
CA VAL A 234 -1.81 -31.65 -6.09
C VAL A 234 -1.69 -31.87 -7.59
N ALA A 235 -2.20 -30.92 -8.37
CA ALA A 235 -2.15 -31.03 -9.82
C ALA A 235 -0.71 -30.97 -10.30
N GLU A 236 -0.45 -31.61 -11.45
CA GLU A 236 0.89 -31.63 -12.01
C GLU A 236 1.36 -30.23 -12.38
N ASP A 237 0.47 -29.42 -12.95
CA ASP A 237 0.79 -28.04 -13.28
C ASP A 237 0.64 -27.09 -12.10
N GLY A 238 0.19 -27.59 -10.95
CA GLY A 238 -0.07 -26.74 -9.81
C GLY A 238 1.16 -26.40 -8.99
N SER A 239 1.99 -25.49 -9.50
CA SER A 239 3.15 -25.02 -8.75
C SER A 239 3.46 -23.60 -9.23
N ARG A 240 2.94 -22.61 -8.50
CA ARG A 240 3.15 -21.21 -8.80
C ARG A 240 4.28 -20.62 -7.97
N LEU A 241 5.30 -21.41 -7.66
CA LEU A 241 6.40 -20.99 -6.81
C LEU A 241 7.57 -20.50 -7.65
N ASN A 242 8.18 -19.39 -7.22
CA ASN A 242 9.35 -18.83 -7.89
C ASN A 242 10.66 -19.21 -7.22
N GLN A 243 10.71 -19.23 -5.89
CA GLN A 243 11.96 -19.47 -5.17
C GLN A 243 11.87 -20.68 -4.24
N TYR A 244 10.90 -21.57 -4.45
CA TYR A 244 10.73 -22.73 -3.60
C TYR A 244 10.52 -23.98 -4.44
N ASP A 245 10.80 -25.12 -3.83
CA ASP A 245 10.53 -26.43 -4.42
C ASP A 245 9.58 -27.20 -3.51
N LEU A 246 8.49 -27.69 -4.08
CA LEU A 246 7.49 -28.43 -3.31
C LEU A 246 7.90 -29.90 -3.27
N LEU A 247 8.47 -30.33 -2.14
CA LEU A 247 8.95 -31.69 -2.02
C LEU A 247 7.82 -32.69 -1.87
N GLY A 248 6.81 -32.36 -1.07
CA GLY A 248 5.72 -33.28 -0.84
C GLY A 248 4.86 -32.78 0.31
N GLN A 249 3.88 -33.61 0.68
CA GLN A 249 2.97 -33.26 1.76
C GLN A 249 2.73 -34.47 2.65
N THR A 250 2.43 -34.19 3.91
CA THR A 250 2.04 -35.21 4.88
C THR A 250 0.67 -34.84 5.44
N VAL A 251 -0.18 -35.85 5.63
CA VAL A 251 -1.57 -35.65 6.01
C VAL A 251 -1.86 -36.44 7.28
N ASP A 252 -2.49 -35.78 8.25
CA ASP A 252 -2.87 -36.42 9.50
C ASP A 252 -4.03 -35.64 10.12
N SER A 253 -4.61 -36.23 11.16
CA SER A 253 -5.71 -35.62 11.89
C SER A 253 -5.46 -35.74 13.38
N GLY A 254 -6.04 -34.82 14.14
CA GLY A 254 -5.87 -34.81 15.57
C GLY A 254 -7.02 -34.15 16.28
N ILE A 255 -6.77 -33.77 17.53
CA ILE A 255 -7.77 -33.14 18.39
C ILE A 255 -7.18 -31.84 18.91
N VAL A 256 -7.96 -30.75 18.82
CA VAL A 256 -7.59 -29.45 19.36
C VAL A 256 -8.58 -29.08 20.44
N GLN A 257 -8.06 -28.66 21.59
CA GLN A 257 -8.89 -28.31 22.74
C GLN A 257 -8.81 -26.81 22.99
N SER A 258 -9.97 -26.17 23.10
CA SER A 258 -10.03 -24.74 23.35
C SER A 258 -10.95 -24.45 24.54
N SER A 259 -11.27 -23.17 24.76
CA SER A 259 -12.11 -22.81 25.89
C SER A 259 -13.56 -23.24 25.72
N THR A 260 -14.01 -23.49 24.48
CA THR A 260 -15.39 -23.85 24.21
C THR A 260 -15.60 -25.35 24.03
N GLY A 261 -14.55 -26.16 24.16
CA GLY A 261 -14.68 -27.59 24.06
C GLY A 261 -13.54 -28.17 23.25
N GLU A 262 -13.70 -29.44 22.87
CA GLU A 262 -12.71 -30.16 22.09
C GLU A 262 -13.22 -30.33 20.66
N TYR A 263 -12.36 -30.06 19.69
CA TYR A 263 -12.73 -30.09 18.28
C TYR A 263 -11.76 -30.99 17.52
N VAL A 264 -12.23 -31.49 16.39
CA VAL A 264 -11.42 -32.32 15.51
C VAL A 264 -10.80 -31.43 14.44
N VAL A 265 -9.48 -31.54 14.27
CA VAL A 265 -8.74 -30.71 13.33
C VAL A 265 -8.02 -31.61 12.34
N MET A 266 -8.16 -31.30 11.06
CA MET A 266 -7.48 -32.02 9.98
C MET A 266 -6.30 -31.19 9.50
N THR A 267 -5.14 -31.81 9.41
CA THR A 267 -3.90 -31.10 9.16
C THR A 267 -3.21 -31.67 7.93
N THR A 268 -2.54 -30.80 7.17
CA THR A 268 -1.72 -31.19 6.03
C THR A 268 -0.59 -30.19 5.88
N HIS A 269 0.65 -30.70 5.91
CA HIS A 269 1.83 -29.86 5.84
C HIS A 269 2.46 -29.96 4.46
N PHE A 270 2.72 -28.81 3.85
CA PHE A 270 3.43 -28.74 2.58
C PHE A 270 4.88 -28.36 2.84
N HIS A 271 5.80 -29.19 2.39
CA HIS A 271 7.23 -29.01 2.67
C HIS A 271 7.88 -28.24 1.52
N LEU A 272 8.64 -27.22 1.86
CA LEU A 272 9.28 -26.35 0.88
C LEU A 272 10.78 -26.26 1.16
N LYS A 273 11.54 -25.97 0.12
CA LYS A 273 12.99 -25.78 0.24
C LYS A 273 13.41 -24.67 -0.70
N ARG A 274 14.03 -23.63 -0.16
CA ARG A 274 14.41 -22.48 -0.96
C ARG A 274 15.51 -22.84 -1.94
N LYS A 275 15.48 -22.20 -3.10
CA LYS A 275 16.50 -22.39 -4.13
C LYS A 275 17.58 -21.33 -3.95
N ILE A 276 18.83 -21.79 -3.84
CA ILE A 276 19.95 -20.92 -3.48
C ILE A 276 20.66 -20.34 -4.69
N GLY A 277 20.25 -20.70 -5.91
CA GLY A 277 20.99 -20.27 -7.09
C GLY A 277 21.01 -18.76 -7.26
N TYR A 278 19.89 -18.09 -6.94
CA TYR A 278 19.82 -16.64 -7.12
C TYR A 278 20.78 -15.92 -6.19
N PHE A 279 20.88 -16.35 -4.93
CA PHE A 279 21.68 -15.63 -3.95
C PHE A 279 23.17 -15.86 -4.12
N VAL A 280 23.57 -16.92 -4.82
CA VAL A 280 25.00 -17.13 -5.08
C VAL A 280 25.51 -16.11 -6.09
N ILE A 281 24.76 -15.90 -7.17
CA ILE A 281 25.19 -14.95 -8.20
C ILE A 281 25.06 -13.51 -7.70
N GLN A 282 23.94 -13.19 -7.05
CA GLN A 282 23.68 -11.80 -6.70
C GLN A 282 24.49 -11.33 -5.51
N THR A 283 24.68 -12.19 -4.51
CA THR A 283 25.29 -11.77 -3.25
C THR A 283 26.62 -12.42 -2.95
N TYR A 284 26.69 -13.76 -2.99
CA TYR A 284 27.89 -14.44 -2.52
C TYR A 284 29.08 -14.19 -3.43
N LEU A 285 28.90 -14.35 -4.74
CA LEU A 285 30.01 -14.16 -5.66
C LEU A 285 30.55 -12.73 -5.66
N PRO A 286 29.72 -11.68 -5.74
CA PRO A 286 30.30 -10.33 -5.65
C PRO A 286 31.02 -10.05 -4.35
N CYS A 287 30.56 -10.61 -3.23
CA CYS A 287 31.24 -10.41 -1.97
C CYS A 287 32.58 -11.14 -1.93
N ILE A 288 32.62 -12.37 -2.45
CA ILE A 288 33.86 -13.13 -2.46
C ILE A 288 34.88 -12.47 -3.38
N MET A 289 34.45 -12.04 -4.56
CA MET A 289 35.38 -11.38 -5.49
C MET A 289 35.87 -10.04 -4.95
N THR A 290 35.06 -9.36 -4.15
CA THR A 290 35.51 -8.11 -3.54
C THR A 290 36.54 -8.36 -2.44
N VAL A 291 36.34 -9.41 -1.65
CA VAL A 291 37.31 -9.75 -0.61
C VAL A 291 38.63 -10.15 -1.24
N ILE A 292 38.59 -10.93 -2.32
CA ILE A 292 39.82 -11.27 -3.05
C ILE A 292 40.48 -10.01 -3.58
N LEU A 293 39.68 -9.05 -4.04
CA LEU A 293 40.23 -7.83 -4.63
C LEU A 293 41.02 -7.04 -3.60
N SER A 294 40.53 -6.95 -2.37
CA SER A 294 41.24 -6.20 -1.34
C SER A 294 42.58 -6.85 -0.99
N GLN A 295 42.65 -8.18 -1.02
CA GLN A 295 43.90 -8.86 -0.73
C GLN A 295 44.89 -8.76 -1.88
N VAL A 296 44.43 -8.37 -3.08
CA VAL A 296 45.34 -8.12 -4.18
C VAL A 296 46.24 -6.92 -3.87
N SER A 297 45.75 -6.00 -3.04
CA SER A 297 46.53 -4.81 -2.71
C SER A 297 47.84 -5.13 -2.02
N PHE A 298 47.98 -6.32 -1.44
CA PHE A 298 49.22 -6.70 -0.78
C PHE A 298 50.37 -6.93 -1.75
N TRP A 299 50.08 -7.05 -3.04
CA TRP A 299 51.11 -7.33 -4.04
C TRP A 299 51.60 -6.07 -4.75
N LEU A 300 51.09 -4.90 -4.40
CA LEU A 300 51.57 -3.64 -4.95
C LEU A 300 52.76 -3.15 -4.14
N ASN A 301 53.69 -2.49 -4.82
CA ASN A 301 54.89 -2.01 -4.15
C ASN A 301 54.55 -0.95 -3.12
N ARG A 302 55.27 -0.98 -1.99
CA ARG A 302 54.94 -0.11 -0.87
C ARG A 302 55.21 1.36 -1.16
N GLU A 303 55.98 1.67 -2.21
CA GLU A 303 56.24 3.06 -2.54
C GLU A 303 55.01 3.78 -3.08
N SER A 304 54.04 3.03 -3.62
CA SER A 304 52.85 3.63 -4.22
C SER A 304 51.79 3.85 -3.14
N VAL A 305 52.06 4.86 -2.30
CA VAL A 305 51.11 5.20 -1.24
C VAL A 305 49.77 5.67 -1.79
N PRO A 306 49.71 6.58 -2.76
CA PRO A 306 48.38 6.96 -3.30
C PRO A 306 47.63 5.81 -3.93
N ALA A 307 48.33 4.86 -4.56
CA ALA A 307 47.67 3.76 -5.22
C ALA A 307 47.01 2.82 -4.22
N ARG A 308 47.74 2.44 -3.17
CA ARG A 308 47.20 1.48 -2.21
C ARG A 308 46.14 2.11 -1.31
N THR A 309 46.27 3.41 -1.03
CA THR A 309 45.26 4.08 -0.20
C THR A 309 43.93 4.17 -0.94
N VAL A 310 43.96 4.56 -2.22
CA VAL A 310 42.74 4.59 -3.01
C VAL A 310 42.18 3.18 -3.19
N PHE A 311 43.06 2.19 -3.32
CA PHE A 311 42.62 0.81 -3.46
C PHE A 311 41.84 0.36 -2.24
N GLY A 312 42.32 0.69 -1.04
CA GLY A 312 41.67 0.21 0.17
C GLY A 312 40.30 0.80 0.41
N VAL A 313 40.19 2.13 0.30
CA VAL A 313 38.94 2.80 0.65
C VAL A 313 37.84 2.46 -0.33
N THR A 314 38.17 2.33 -1.61
CA THR A 314 37.15 2.04 -2.62
C THR A 314 36.58 0.64 -2.46
N THR A 315 37.39 -0.33 -2.03
CA THR A 315 36.87 -1.66 -1.76
C THR A 315 35.94 -1.65 -0.56
N VAL A 316 36.22 -0.81 0.43
CA VAL A 316 35.31 -0.66 1.56
C VAL A 316 33.99 -0.03 1.10
N LEU A 317 34.08 0.91 0.17
CA LEU A 317 32.87 1.49 -0.40
C LEU A 317 32.11 0.47 -1.24
N THR A 318 32.84 -0.40 -1.95
CA THR A 318 32.21 -1.46 -2.73
C THR A 318 31.47 -2.44 -1.82
N MET A 319 32.09 -2.82 -0.71
CA MET A 319 31.44 -3.74 0.22
C MET A 319 30.21 -3.11 0.85
N THR A 320 30.26 -1.81 1.14
CA THR A 320 29.10 -1.13 1.69
C THR A 320 27.92 -1.17 0.73
N THR A 321 28.19 -0.95 -0.57
CA THR A 321 27.13 -1.04 -1.57
C THR A 321 26.54 -2.44 -1.63
N LEU A 322 27.40 -3.47 -1.62
CA LEU A 322 26.90 -4.84 -1.65
C LEU A 322 26.16 -5.20 -0.37
N SER A 323 26.68 -4.76 0.78
CA SER A 323 26.06 -5.08 2.06
C SER A 323 24.67 -4.46 2.17
N ILE A 324 24.53 -3.21 1.71
CA ILE A 324 23.24 -2.53 1.80
C ILE A 324 22.21 -3.21 0.90
N SER A 325 22.60 -3.50 -0.35
CA SER A 325 21.65 -4.09 -1.29
C SER A 325 21.21 -5.48 -0.85
N ALA A 326 22.14 -6.27 -0.30
CA ALA A 326 21.81 -7.63 0.07
C ALA A 326 20.74 -7.67 1.17
N ARG A 327 20.83 -6.77 2.14
CA ARG A 327 19.89 -6.79 3.26
C ARG A 327 18.47 -6.44 2.81
N ASN A 328 18.32 -5.72 1.70
CA ASN A 328 16.99 -5.39 1.21
C ASN A 328 16.24 -6.63 0.73
N SER A 329 16.97 -7.65 0.25
CA SER A 329 16.33 -8.86 -0.21
C SER A 329 15.64 -9.59 0.94
N LEU A 330 16.28 -9.65 2.10
CA LEU A 330 15.72 -10.37 3.23
C LEU A 330 14.46 -9.68 3.76
N PRO A 331 13.50 -10.44 4.26
CA PRO A 331 12.36 -9.84 4.95
C PRO A 331 12.80 -9.19 6.24
N LYS A 332 12.02 -8.20 6.68
CA LYS A 332 12.40 -7.40 7.84
C LYS A 332 12.25 -8.21 9.13
N VAL A 333 13.35 -8.81 9.58
CA VAL A 333 13.37 -9.57 10.82
C VAL A 333 14.34 -8.90 11.78
N ALA A 334 14.49 -9.45 12.98
CA ALA A 334 15.34 -8.87 14.01
C ALA A 334 16.22 -9.95 14.64
N TYR A 335 16.89 -10.73 13.80
CA TYR A 335 17.87 -11.69 14.27
C TYR A 335 18.84 -11.97 13.13
N ALA A 336 19.98 -12.56 13.49
CA ALA A 336 21.08 -12.76 12.55
C ALA A 336 20.80 -14.01 11.70
N THR A 337 20.57 -13.80 10.41
CA THR A 337 20.44 -14.89 9.46
C THR A 337 21.83 -15.36 9.01
N ALA A 338 21.84 -16.46 8.26
CA ALA A 338 23.11 -16.96 7.74
C ALA A 338 23.72 -16.01 6.72
N MET A 339 22.89 -15.19 6.06
CA MET A 339 23.41 -14.21 5.11
C MET A 339 24.15 -13.09 5.84
N ASP A 340 23.65 -12.68 7.01
CA ASP A 340 24.26 -11.57 7.72
C ASP A 340 25.64 -11.93 8.25
N TRP A 341 25.83 -13.18 8.70
CA TRP A 341 27.13 -13.58 9.21
C TRP A 341 28.18 -13.56 8.12
N PHE A 342 27.83 -14.01 6.90
CA PHE A 342 28.79 -13.99 5.81
C PHE A 342 29.19 -12.57 5.44
N ILE A 343 28.21 -11.66 5.39
CA ILE A 343 28.52 -10.27 5.04
C ILE A 343 29.38 -9.62 6.11
N ALA A 344 29.06 -9.87 7.39
CA ALA A 344 29.82 -9.24 8.47
C ALA A 344 31.27 -9.72 8.47
N VAL A 345 31.50 -11.01 8.23
CA VAL A 345 32.86 -11.52 8.16
C VAL A 345 33.59 -10.94 6.95
N CYS A 346 32.92 -10.90 5.80
CA CYS A 346 33.53 -10.28 4.62
C CYS A 346 33.80 -8.80 4.86
N TYR A 347 32.96 -8.15 5.68
CA TYR A 347 33.20 -6.75 6.01
C TYR A 347 34.47 -6.58 6.83
N ALA A 348 34.80 -7.58 7.65
CA ALA A 348 35.99 -7.47 8.50
C ALA A 348 37.27 -7.66 7.68
N PHE A 349 37.26 -8.59 6.72
CA PHE A 349 38.46 -8.85 5.92
C PHE A 349 38.83 -7.63 5.08
N VAL A 350 37.83 -6.96 4.51
CA VAL A 350 38.11 -5.76 3.74
C VAL A 350 38.57 -4.64 4.66
N PHE A 351 37.94 -4.50 5.82
CA PHE A 351 38.36 -3.50 6.80
C PHE A 351 39.76 -3.79 7.31
N SER A 352 40.07 -5.06 7.57
CA SER A 352 41.38 -5.41 8.11
C SER A 352 42.49 -5.23 7.08
N ALA A 353 42.16 -5.34 5.79
CA ALA A 353 43.18 -5.16 4.76
C ALA A 353 43.71 -3.73 4.75
N LEU A 354 42.81 -2.74 4.90
CA LEU A 354 43.26 -1.36 4.92
C LEU A 354 44.04 -1.04 6.18
N ILE A 355 43.66 -1.65 7.32
CA ILE A 355 44.41 -1.44 8.55
C ILE A 355 45.82 -2.02 8.42
N GLU A 356 45.95 -3.14 7.70
CA GLU A 356 47.27 -3.74 7.50
C GLU A 356 48.19 -2.80 6.74
N PHE A 357 47.67 -2.12 5.71
CA PHE A 357 48.49 -1.18 4.96
C PHE A 357 48.94 0.00 5.82
N ALA A 358 48.12 0.41 6.78
CA ALA A 358 48.52 1.48 7.67
C ALA A 358 49.74 1.10 8.48
N THR A 359 49.79 -0.14 8.97
CA THR A 359 50.96 -0.61 9.69
C THR A 359 52.18 -0.69 8.76
N VAL A 360 51.99 -1.18 7.54
CA VAL A 360 53.09 -1.27 6.59
C VAL A 360 53.62 0.11 6.25
N ASN A 361 52.71 1.06 6.01
CA ASN A 361 53.14 2.42 5.65
C ASN A 361 53.84 3.11 6.82
N TYR A 362 53.54 2.70 8.05
CA TYR A 362 54.16 3.32 9.21
C TYR A 362 55.63 2.94 9.33
N PHE A 363 55.99 1.71 8.96
CA PHE A 363 57.36 1.22 9.06
C PHE A 363 58.10 1.24 7.73
N THR A 364 57.55 1.90 6.71
CA THR A 364 58.18 1.86 5.39
C THR A 364 59.56 2.51 5.41
N LYS A 365 59.70 3.63 6.11
CA LYS A 365 60.95 4.38 6.13
C LYS A 365 61.83 4.06 7.33
N SER A 366 61.25 4.04 8.53
CA SER A 366 62.04 3.84 9.73
C SER A 366 62.61 2.43 9.80
N GLN A 367 61.77 1.41 9.58
CA GLN A 367 62.17 0.02 9.69
C GLN A 367 61.74 -0.71 8.42
N PRO A 368 62.46 -0.51 7.31
CA PRO A 368 62.02 -1.13 6.05
C PRO A 368 61.96 -2.64 6.09
N ALA A 369 62.84 -3.29 6.86
CA ALA A 369 62.80 -4.75 6.94
C ALA A 369 61.51 -5.23 7.58
N ARG A 370 61.05 -4.56 8.63
CA ARG A 370 59.80 -4.96 9.27
C ARG A 370 58.60 -4.77 8.35
N ALA A 371 58.59 -3.67 7.58
CA ALA A 371 57.48 -3.42 6.68
C ALA A 371 57.37 -4.49 5.61
N ALA A 372 58.50 -4.94 5.06
CA ALA A 372 58.48 -6.01 4.08
C ALA A 372 58.01 -7.32 4.69
N LYS A 373 58.42 -7.61 5.93
CA LYS A 373 58.02 -8.84 6.58
C LYS A 373 56.52 -8.87 6.84
N ILE A 374 55.95 -7.75 7.29
CA ILE A 374 54.50 -7.70 7.54
C ILE A 374 53.74 -7.90 6.23
N ASP A 375 54.17 -7.22 5.17
CA ASP A 375 53.50 -7.35 3.89
C ASP A 375 53.66 -8.75 3.31
N ARG A 376 54.80 -9.39 3.54
CA ARG A 376 55.03 -10.73 3.02
C ARG A 376 54.10 -11.75 3.69
N LEU A 377 53.93 -11.64 5.00
CA LEU A 377 53.09 -12.61 5.71
C LEU A 377 51.61 -12.43 5.39
N SER A 378 51.17 -11.19 5.15
CA SER A 378 49.77 -10.94 4.85
C SER A 378 49.33 -11.57 3.55
N ARG A 379 50.26 -11.80 2.62
CA ARG A 379 49.92 -12.46 1.36
C ARG A 379 49.57 -13.93 1.55
N ILE A 380 49.84 -14.50 2.73
CA ILE A 380 49.53 -15.89 3.03
C ILE A 380 48.41 -15.99 4.08
N ALA A 381 48.52 -15.21 5.15
CA ALA A 381 47.56 -15.32 6.24
C ALA A 381 46.15 -14.94 5.80
N PHE A 382 46.01 -13.82 5.08
CA PHE A 382 44.69 -13.38 4.67
C PHE A 382 44.01 -14.35 3.71
N PRO A 383 44.63 -14.82 2.62
CA PRO A 383 43.95 -15.82 1.79
C PRO A 383 43.66 -17.12 2.52
N LEU A 384 44.52 -17.53 3.46
CA LEU A 384 44.30 -18.76 4.19
C LEU A 384 43.12 -18.65 5.13
N LEU A 385 43.04 -17.54 5.87
CA LEU A 385 41.94 -17.38 6.83
C LEU A 385 40.60 -17.28 6.13
N PHE A 386 40.53 -16.54 5.01
CA PHE A 386 39.28 -16.44 4.27
C PHE A 386 38.88 -17.79 3.67
N GLY A 387 39.86 -18.55 3.17
CA GLY A 387 39.56 -19.88 2.66
C GLY A 387 39.08 -20.81 3.76
N ILE A 388 39.64 -20.68 4.97
CA ILE A 388 39.19 -21.49 6.09
C ILE A 388 37.76 -21.12 6.49
N PHE A 389 37.45 -19.82 6.49
CA PHE A 389 36.11 -19.39 6.88
C PHE A 389 35.06 -19.92 5.92
N ASN A 390 35.34 -19.89 4.62
CA ASN A 390 34.38 -20.41 3.64
C ASN A 390 34.18 -21.90 3.82
N LEU A 391 35.25 -22.63 4.12
CA LEU A 391 35.13 -24.07 4.32
C LEU A 391 34.21 -24.39 5.50
N VAL A 392 34.35 -23.64 6.60
CA VAL A 392 33.49 -23.87 7.75
C VAL A 392 32.07 -23.40 7.47
N TYR A 393 31.93 -22.22 6.85
CA TYR A 393 30.60 -21.64 6.66
C TYR A 393 29.73 -22.51 5.76
N TRP A 394 30.28 -23.00 4.65
CA TRP A 394 29.48 -23.79 3.72
C TRP A 394 29.26 -25.21 4.21
N ALA A 395 30.15 -25.74 5.04
CA ALA A 395 29.93 -27.07 5.61
C ALA A 395 28.88 -27.04 6.72
N THR A 396 28.79 -25.93 7.46
CA THR A 396 27.83 -25.85 8.56
C THR A 396 26.40 -25.86 8.05
N TYR A 397 26.12 -25.15 6.96
CA TYR A 397 24.75 -24.96 6.50
C TYR A 397 24.32 -25.94 5.41
N LEU A 398 25.20 -26.26 4.46
CA LEU A 398 24.80 -27.16 3.38
C LEU A 398 24.56 -28.58 3.90
N ASN A 399 25.38 -29.05 4.84
CA ASN A 399 25.22 -30.38 5.41
C ASN A 399 24.23 -30.41 6.57
N ARG A 400 23.65 -29.28 6.94
CA ARG A 400 22.67 -29.22 8.01
C ARG A 400 21.30 -29.69 7.52
N ASN B 62 -48.31 -2.02 -28.42
CA ASN B 62 -49.05 -1.93 -27.16
C ASN B 62 -48.26 -2.57 -26.02
N MET B 63 -47.98 -1.80 -24.97
CA MET B 63 -47.25 -2.34 -23.84
C MET B 63 -48.10 -3.28 -23.00
N SER B 64 -49.43 -3.15 -23.05
CA SER B 64 -50.29 -4.07 -22.32
C SER B 64 -50.16 -5.49 -22.87
N PHE B 65 -50.11 -5.64 -24.19
CA PHE B 65 -49.95 -6.95 -24.79
C PHE B 65 -48.58 -7.54 -24.48
N VAL B 66 -47.53 -6.71 -24.55
CA VAL B 66 -46.18 -7.19 -24.27
C VAL B 66 -46.05 -7.60 -22.80
N LYS B 67 -46.69 -6.86 -21.90
CA LYS B 67 -46.63 -7.22 -20.49
C LYS B 67 -47.28 -8.59 -20.24
N GLU B 68 -48.39 -8.86 -20.90
CA GLU B 68 -49.06 -10.16 -20.74
C GLU B 68 -48.15 -11.29 -21.23
N THR B 69 -47.49 -11.10 -22.37
CA THR B 69 -46.65 -12.15 -22.93
C THR B 69 -45.50 -12.49 -21.98
N VAL B 70 -44.83 -11.47 -21.44
CA VAL B 70 -43.69 -11.72 -20.56
C VAL B 70 -44.16 -12.35 -19.25
N ASP B 71 -45.31 -11.91 -18.73
CA ASP B 71 -45.84 -12.51 -17.52
C ASP B 71 -46.24 -13.95 -17.74
N LYS B 72 -46.62 -14.30 -18.97
CA LYS B 72 -46.99 -15.69 -19.26
C LYS B 72 -45.76 -16.59 -19.33
N LEU B 73 -44.66 -16.09 -19.89
CA LEU B 73 -43.45 -16.90 -20.03
C LEU B 73 -42.89 -17.27 -18.66
N LEU B 74 -42.88 -16.33 -17.72
CA LEU B 74 -42.35 -16.57 -16.39
C LEU B 74 -43.36 -17.23 -15.45
N LYS B 75 -44.59 -17.44 -15.89
CA LYS B 75 -45.60 -18.10 -15.07
C LYS B 75 -45.39 -19.61 -15.13
N GLY B 76 -45.08 -20.21 -13.98
CA GLY B 76 -44.80 -21.63 -13.92
C GLY B 76 -43.39 -22.00 -14.32
N TYR B 77 -42.54 -21.02 -14.64
CA TYR B 77 -41.16 -21.32 -15.01
C TYR B 77 -40.40 -21.87 -13.82
N ASP B 78 -39.59 -22.90 -14.08
CA ASP B 78 -38.77 -23.54 -13.05
C ASP B 78 -37.31 -23.21 -13.32
N ILE B 79 -36.65 -22.58 -12.35
CA ILE B 79 -35.26 -22.15 -12.52
C ILE B 79 -34.27 -23.28 -12.30
N ARG B 80 -34.71 -24.44 -11.82
CA ARG B 80 -33.83 -25.55 -11.50
C ARG B 80 -33.70 -26.57 -12.62
N LEU B 81 -34.35 -26.34 -13.77
CA LEU B 81 -34.34 -27.28 -14.88
C LEU B 81 -33.71 -26.63 -16.09
N ARG B 82 -32.74 -27.32 -16.69
CA ARG B 82 -32.11 -26.83 -17.91
C ARG B 82 -33.06 -27.00 -19.09
N PRO B 83 -32.87 -26.20 -20.15
CA PRO B 83 -33.66 -26.40 -21.36
C PRO B 83 -33.45 -27.80 -21.93
N ASP B 84 -34.53 -28.36 -22.48
CA ASP B 84 -34.53 -29.74 -22.99
C ASP B 84 -34.04 -30.71 -21.92
N PHE B 85 -34.59 -30.56 -20.72
CA PHE B 85 -34.20 -31.42 -19.60
C PHE B 85 -34.58 -32.87 -19.89
N GLY B 86 -33.64 -33.77 -19.62
CA GLY B 86 -33.85 -35.18 -19.89
C GLY B 86 -33.70 -35.58 -21.34
N GLY B 87 -33.19 -34.70 -22.19
CA GLY B 87 -33.03 -35.00 -23.59
C GLY B 87 -31.63 -34.69 -24.10
N PRO B 88 -31.54 -34.19 -25.33
CA PRO B 88 -30.23 -33.86 -25.88
C PRO B 88 -29.57 -32.74 -25.09
N PRO B 89 -28.24 -32.71 -25.04
CA PRO B 89 -27.56 -31.67 -24.28
C PRO B 89 -27.79 -30.29 -24.88
N VAL B 90 -27.82 -29.28 -24.00
CA VAL B 90 -28.03 -27.91 -24.43
C VAL B 90 -26.71 -27.34 -24.93
N CYS B 91 -26.73 -26.81 -26.16
CA CYS B 91 -25.53 -26.26 -26.77
C CYS B 91 -25.41 -24.78 -26.41
N VAL B 92 -24.34 -24.43 -25.70
CA VAL B 92 -24.10 -23.06 -25.26
C VAL B 92 -22.98 -22.47 -26.12
N GLY B 93 -23.31 -21.43 -26.88
CA GLY B 93 -22.34 -20.77 -27.73
C GLY B 93 -21.80 -19.53 -27.03
N MET B 94 -20.48 -19.36 -27.09
CA MET B 94 -19.80 -18.27 -26.41
C MET B 94 -18.94 -17.49 -27.38
N ASN B 95 -18.97 -16.16 -27.24
CA ASN B 95 -18.05 -15.28 -27.96
C ASN B 95 -17.63 -14.17 -27.02
N ILE B 96 -16.38 -13.73 -27.16
CA ILE B 96 -15.78 -12.78 -26.23
C ILE B 96 -15.27 -11.58 -27.02
N ASP B 97 -15.51 -10.39 -26.48
CA ASP B 97 -14.96 -9.14 -27.03
C ASP B 97 -13.97 -8.59 -26.03
N ILE B 98 -12.68 -8.66 -26.35
CA ILE B 98 -11.64 -8.20 -25.46
C ILE B 98 -11.63 -6.68 -25.44
N ALA B 99 -11.69 -6.09 -24.26
CA ALA B 99 -11.69 -4.63 -24.14
C ALA B 99 -10.29 -4.09 -23.85
N SER B 100 -9.52 -4.79 -23.03
CA SER B 100 -8.17 -4.36 -22.68
C SER B 100 -7.48 -5.46 -21.88
N ILE B 101 -6.16 -5.47 -21.95
CA ILE B 101 -5.32 -6.27 -21.07
C ILE B 101 -4.50 -5.27 -20.26
N ASP B 102 -4.77 -5.19 -18.96
CA ASP B 102 -4.29 -4.07 -18.17
C ASP B 102 -2.82 -4.23 -17.80
N MET B 103 -2.49 -5.24 -17.01
CA MET B 103 -1.15 -5.36 -16.46
C MET B 103 -0.73 -6.83 -16.40
N VAL B 104 0.44 -7.12 -16.96
CA VAL B 104 1.04 -8.45 -16.89
C VAL B 104 2.13 -8.39 -15.84
N SER B 105 1.95 -9.14 -14.75
CA SER B 105 2.85 -9.09 -13.60
C SER B 105 3.71 -10.35 -13.57
N GLU B 106 5.02 -10.17 -13.63
CA GLU B 106 5.92 -11.30 -13.47
C GLU B 106 6.03 -11.73 -12.02
N VAL B 107 5.90 -10.78 -11.08
CA VAL B 107 6.04 -11.10 -9.67
C VAL B 107 4.93 -12.02 -9.20
N ASN B 108 3.68 -11.68 -9.54
CA ASN B 108 2.53 -12.47 -9.12
C ASN B 108 2.14 -13.54 -10.12
N MET B 109 2.72 -13.52 -11.33
CA MET B 109 2.44 -14.50 -12.37
C MET B 109 0.96 -14.53 -12.72
N ASP B 110 0.44 -13.36 -13.10
CA ASP B 110 -0.95 -13.25 -13.54
C ASP B 110 -1.10 -11.99 -14.39
N TYR B 111 -2.24 -11.91 -15.07
CA TYR B 111 -2.58 -10.76 -15.90
C TYR B 111 -4.03 -10.40 -15.64
N THR B 112 -4.37 -9.15 -15.94
CA THR B 112 -5.72 -8.63 -15.74
C THR B 112 -6.38 -8.40 -17.09
N LEU B 113 -7.61 -8.90 -17.23
CA LEU B 113 -8.33 -8.87 -18.49
C LEU B 113 -9.73 -8.31 -18.27
N THR B 114 -10.17 -7.47 -19.20
CA THR B 114 -11.52 -6.93 -19.23
C THR B 114 -12.17 -7.31 -20.55
N MET B 115 -13.40 -7.78 -20.49
CA MET B 115 -14.03 -8.34 -21.68
C MET B 115 -15.54 -8.27 -21.55
N TYR B 116 -16.21 -8.39 -22.70
CA TYR B 116 -17.65 -8.59 -22.77
C TYR B 116 -17.90 -10.07 -23.04
N PHE B 117 -18.53 -10.75 -22.09
CA PHE B 117 -18.71 -12.19 -22.14
C PHE B 117 -20.18 -12.49 -22.46
N GLN B 118 -20.44 -12.95 -23.68
CA GLN B 118 -21.79 -13.27 -24.13
C GLN B 118 -21.96 -14.79 -24.24
N GLN B 119 -23.12 -15.26 -23.81
CA GLN B 119 -23.48 -16.68 -23.89
C GLN B 119 -24.76 -16.82 -24.71
N TYR B 120 -24.83 -17.89 -25.49
CA TYR B 120 -25.94 -18.12 -26.42
CA TYR B 120 -25.93 -18.12 -26.43
C TYR B 120 -26.47 -19.53 -26.22
N TRP B 121 -27.78 -19.65 -26.04
CA TRP B 121 -28.43 -20.94 -25.95
C TRP B 121 -29.91 -20.77 -26.25
N ARG B 122 -30.56 -21.89 -26.56
CA ARG B 122 -31.96 -21.88 -26.96
C ARG B 122 -32.81 -22.58 -25.91
N ASP B 123 -33.86 -21.90 -25.46
CA ASP B 123 -34.81 -22.45 -24.51
C ASP B 123 -36.21 -22.34 -25.12
N LYS B 124 -36.88 -23.48 -25.27
CA LYS B 124 -38.20 -23.48 -25.89
C LYS B 124 -39.29 -22.93 -24.99
N ARG B 125 -39.06 -22.92 -23.67
CA ARG B 125 -40.05 -22.38 -22.75
C ARG B 125 -40.23 -20.88 -22.89
N LEU B 126 -39.25 -20.18 -23.45
CA LEU B 126 -39.29 -18.73 -23.57
C LEU B 126 -39.68 -18.28 -24.98
N ALA B 127 -40.12 -19.19 -25.84
CA ALA B 127 -40.52 -18.81 -27.19
C ALA B 127 -41.86 -18.10 -27.17
N TYR B 128 -41.94 -16.97 -27.86
CA TYR B 128 -43.16 -16.18 -27.92
C TYR B 128 -43.46 -15.83 -29.38
N SER B 129 -44.74 -15.66 -29.67
CA SER B 129 -45.20 -15.39 -31.03
C SER B 129 -46.14 -14.19 -31.03
N GLY B 130 -46.24 -13.55 -32.19
CA GLY B 130 -47.07 -12.37 -32.35
C GLY B 130 -46.36 -11.06 -32.09
N ILE B 131 -45.13 -11.09 -31.61
CA ILE B 131 -44.35 -9.89 -31.35
C ILE B 131 -43.11 -9.92 -32.21
N PRO B 132 -43.11 -9.23 -33.35
CA PRO B 132 -41.96 -9.22 -34.26
C PRO B 132 -40.79 -8.35 -33.79
N LEU B 133 -40.40 -8.54 -32.54
CA LEU B 133 -39.30 -7.79 -31.95
C LEU B 133 -38.49 -8.70 -31.03
N ASN B 134 -37.22 -8.35 -30.84
CA ASN B 134 -36.36 -9.02 -29.89
C ASN B 134 -36.47 -8.30 -28.55
N LEU B 135 -37.16 -8.94 -27.60
CA LEU B 135 -37.45 -8.29 -26.32
C LEU B 135 -36.18 -8.18 -25.49
N THR B 136 -35.70 -6.96 -25.30
CA THR B 136 -34.56 -6.68 -24.42
C THR B 136 -35.12 -6.31 -23.06
N LEU B 137 -35.12 -7.26 -22.14
CA LEU B 137 -35.67 -7.04 -20.82
C LEU B 137 -34.65 -6.34 -19.91
N ASP B 138 -35.11 -5.97 -18.73
CA ASP B 138 -34.23 -5.37 -17.73
C ASP B 138 -33.22 -6.39 -17.25
N ASN B 139 -32.04 -5.90 -16.82
CA ASN B 139 -30.97 -6.79 -16.40
C ASN B 139 -31.31 -7.58 -15.15
N ARG B 140 -32.34 -7.19 -14.41
CA ARG B 140 -32.71 -7.89 -13.19
C ARG B 140 -33.63 -9.08 -13.45
N VAL B 141 -34.07 -9.29 -14.70
CA VAL B 141 -34.85 -10.48 -15.02
C VAL B 141 -33.99 -11.72 -15.15
N ALA B 142 -32.66 -11.56 -15.15
CA ALA B 142 -31.77 -12.71 -15.23
C ALA B 142 -31.83 -13.58 -13.99
N ASP B 143 -32.23 -13.01 -12.85
CA ASP B 143 -32.36 -13.80 -11.63
C ASP B 143 -33.54 -14.77 -11.67
N GLN B 144 -34.43 -14.63 -12.65
CA GLN B 144 -35.61 -15.48 -12.76
C GLN B 144 -35.51 -16.46 -13.92
N LEU B 145 -34.36 -16.52 -14.61
CA LEU B 145 -34.14 -17.43 -15.71
C LEU B 145 -33.01 -18.40 -15.37
N TRP B 146 -32.94 -19.49 -16.13
CA TRP B 146 -31.84 -20.42 -16.00
C TRP B 146 -30.65 -19.94 -16.83
N VAL B 147 -29.48 -19.87 -16.20
CA VAL B 147 -28.27 -19.48 -16.89
C VAL B 147 -27.21 -20.54 -16.65
N PRO B 148 -26.29 -20.78 -17.59
CA PRO B 148 -25.23 -21.77 -17.36
C PRO B 148 -24.32 -21.37 -16.22
N ASP B 149 -23.81 -22.38 -15.52
CA ASP B 149 -22.90 -22.17 -14.40
C ASP B 149 -21.45 -22.09 -14.85
N THR B 150 -21.19 -21.21 -15.81
CA THR B 150 -19.85 -21.08 -16.37
C THR B 150 -18.93 -20.37 -15.38
N TYR B 151 -17.71 -20.90 -15.24
CA TYR B 151 -16.70 -20.29 -14.40
C TYR B 151 -15.35 -20.37 -15.11
N PHE B 152 -14.40 -19.58 -14.64
CA PHE B 152 -13.06 -19.53 -15.21
C PHE B 152 -12.12 -20.31 -14.29
N LEU B 153 -11.44 -21.31 -14.84
CA LEU B 153 -10.70 -22.24 -14.02
C LEU B 153 -9.46 -21.60 -13.41
N ASN B 154 -8.81 -20.68 -14.12
CA ASN B 154 -7.52 -20.15 -13.70
C ASN B 154 -7.60 -18.66 -13.33
N ASP B 155 -8.73 -18.22 -12.80
CA ASP B 155 -8.87 -16.83 -12.38
C ASP B 155 -8.65 -16.70 -10.88
N LYS B 156 -8.02 -15.61 -10.48
CA LYS B 156 -7.70 -15.36 -9.08
C LYS B 156 -8.65 -14.38 -8.41
N LYS B 157 -9.15 -13.39 -9.14
CA LYS B 157 -10.07 -12.41 -8.59
C LYS B 157 -10.83 -11.76 -9.74
N SER B 158 -12.15 -11.95 -9.76
CA SER B 158 -12.98 -11.43 -10.83
C SER B 158 -14.22 -10.78 -10.25
N PHE B 159 -14.78 -9.84 -11.00
CA PHE B 159 -15.98 -9.14 -10.57
C PHE B 159 -16.70 -8.60 -11.80
N VAL B 160 -17.99 -8.31 -11.63
CA VAL B 160 -18.82 -7.74 -12.67
C VAL B 160 -19.04 -6.27 -12.35
N HIS B 161 -18.79 -5.40 -13.33
CA HIS B 161 -18.93 -3.97 -13.12
C HIS B 161 -20.38 -3.62 -12.79
N GLY B 162 -20.56 -2.63 -11.92
CA GLY B 162 -21.88 -2.31 -11.43
C GLY B 162 -22.20 -0.83 -11.36
N VAL B 163 -21.62 -0.04 -12.26
CA VAL B 163 -21.90 1.39 -12.36
C VAL B 163 -22.30 1.69 -13.80
N THR B 164 -23.45 2.35 -13.98
CA THR B 164 -24.31 2.80 -12.89
C THR B 164 -25.20 1.70 -12.33
N VAL B 165 -25.52 0.74 -13.18
CA VAL B 165 -26.24 -0.46 -12.75
C VAL B 165 -25.35 -1.66 -13.03
N LYS B 166 -25.81 -2.84 -12.68
CA LYS B 166 -25.03 -4.05 -12.95
C LYS B 166 -24.90 -4.26 -14.45
N ASN B 167 -23.67 -4.40 -14.92
CA ASN B 167 -23.40 -4.55 -16.35
C ASN B 167 -23.80 -5.96 -16.78
N ARG B 168 -25.09 -6.11 -17.06
CA ARG B 168 -25.67 -7.40 -17.44
C ARG B 168 -26.71 -7.17 -18.52
N MET B 169 -26.87 -8.16 -19.39
CA MET B 169 -27.79 -8.07 -20.51
C MET B 169 -28.59 -9.35 -20.65
N ILE B 170 -29.90 -9.20 -20.86
CA ILE B 170 -30.78 -10.31 -21.20
C ILE B 170 -31.61 -9.89 -22.40
N ARG B 171 -31.63 -10.74 -23.43
CA ARG B 171 -32.37 -10.43 -24.66
C ARG B 171 -32.98 -11.73 -25.17
N LEU B 172 -34.31 -11.79 -25.15
CA LEU B 172 -35.02 -12.97 -25.65
C LEU B 172 -35.31 -12.82 -27.14
N HIS B 173 -35.59 -13.94 -27.77
CA HIS B 173 -35.87 -14.02 -29.19
C HIS B 173 -37.17 -14.78 -29.42
N PRO B 174 -37.85 -14.53 -30.54
CA PRO B 174 -39.14 -15.20 -30.78
C PRO B 174 -39.04 -16.72 -30.80
N ASP B 175 -37.93 -17.28 -31.26
CA ASP B 175 -37.77 -18.73 -31.36
C ASP B 175 -37.24 -19.35 -30.07
N GLY B 176 -37.05 -18.56 -29.02
CA GLY B 176 -36.57 -19.07 -27.76
C GLY B 176 -35.10 -18.83 -27.48
N THR B 177 -34.37 -18.27 -28.46
CA THR B 177 -32.96 -17.97 -28.25
C THR B 177 -32.78 -16.95 -27.14
N VAL B 178 -31.84 -17.22 -26.25
CA VAL B 178 -31.55 -16.36 -25.10
C VAL B 178 -30.12 -15.85 -25.23
N LEU B 179 -29.95 -14.55 -25.09
CA LEU B 179 -28.63 -13.92 -25.10
C LEU B 179 -28.34 -13.36 -23.71
N TYR B 180 -27.17 -13.72 -23.18
CA TYR B 180 -26.79 -13.36 -21.81
C TYR B 180 -25.38 -12.79 -21.85
N GLY B 181 -25.25 -11.49 -21.61
CA GLY B 181 -23.97 -10.82 -21.69
C GLY B 181 -23.56 -10.24 -20.35
N LEU B 182 -22.26 -10.25 -20.09
CA LEU B 182 -21.68 -9.68 -18.88
C LEU B 182 -20.41 -8.94 -19.23
N ARG B 183 -20.07 -7.96 -18.39
CA ARG B 183 -18.82 -7.23 -18.51
C ARG B 183 -17.96 -7.58 -17.29
N ILE B 184 -16.90 -8.34 -17.51
CA ILE B 184 -16.14 -8.97 -16.44
C ILE B 184 -14.70 -8.47 -16.50
N THR B 185 -14.18 -8.06 -15.35
CA THR B 185 -12.75 -7.79 -15.17
C THR B 185 -12.18 -8.88 -14.27
N THR B 186 -11.23 -9.64 -14.80
CA THR B 186 -10.72 -10.81 -14.10
C THR B 186 -9.19 -10.81 -14.12
N THR B 187 -8.61 -11.34 -13.06
CA THR B 187 -7.17 -11.57 -12.96
C THR B 187 -6.92 -13.06 -13.07
N ALA B 188 -6.25 -13.48 -14.13
CA ALA B 188 -6.05 -14.89 -14.43
C ALA B 188 -4.60 -15.29 -14.20
N ALA B 189 -4.40 -16.43 -13.56
CA ALA B 189 -3.05 -16.92 -13.30
C ALA B 189 -2.40 -17.37 -14.61
N CYS B 190 -1.13 -17.00 -14.77
CA CYS B 190 -0.36 -17.35 -15.97
C CYS B 190 1.04 -17.75 -15.54
N MET B 191 1.35 -19.05 -15.66
CA MET B 191 2.68 -19.52 -15.32
C MET B 191 3.70 -18.99 -16.32
N MET B 192 4.81 -18.46 -15.82
CA MET B 192 5.81 -17.82 -16.65
C MET B 192 7.17 -18.49 -16.48
N ASP B 193 7.85 -18.69 -17.60
CA ASP B 193 9.22 -19.20 -17.62
C ASP B 193 10.13 -18.04 -17.98
N LEU B 194 10.83 -17.50 -16.98
CA LEU B 194 11.59 -16.27 -17.13
C LEU B 194 13.10 -16.53 -17.17
N ARG B 195 13.52 -17.71 -17.65
CA ARG B 195 14.94 -17.98 -17.80
C ARG B 195 15.58 -17.13 -18.87
N ARG B 196 14.80 -16.63 -19.83
CA ARG B 196 15.32 -15.84 -20.93
C ARG B 196 15.04 -14.36 -20.78
N TYR B 197 14.67 -13.92 -19.57
CA TYR B 197 14.37 -12.51 -19.36
C TYR B 197 15.59 -11.66 -19.65
N PRO B 198 15.46 -10.55 -20.37
CA PRO B 198 14.22 -9.98 -20.94
C PRO B 198 14.03 -10.29 -22.42
N LEU B 199 14.32 -11.52 -22.87
CA LEU B 199 14.08 -11.92 -24.24
C LEU B 199 13.11 -13.10 -24.30
N ASP B 200 12.22 -13.20 -23.32
CA ASP B 200 11.33 -14.34 -23.20
C ASP B 200 10.11 -14.18 -24.11
N GLU B 201 9.26 -15.21 -24.09
CA GLU B 201 8.04 -15.23 -24.91
C GLU B 201 7.03 -16.07 -24.15
N GLN B 202 6.06 -15.41 -23.52
CA GLN B 202 5.11 -16.07 -22.64
C GLN B 202 3.90 -16.58 -23.43
N ASN B 203 3.06 -17.36 -22.75
CA ASN B 203 1.84 -17.90 -23.33
C ASN B 203 0.81 -17.96 -22.21
N CYS B 204 -0.04 -16.94 -22.13
CA CYS B 204 -1.07 -16.85 -21.11
C CYS B 204 -2.42 -17.27 -21.70
N THR B 205 -3.20 -18.01 -20.90
CA THR B 205 -4.43 -18.62 -21.37
C THR B 205 -5.59 -18.17 -20.50
N LEU B 206 -6.80 -18.61 -20.89
CA LEU B 206 -8.00 -18.40 -20.09
C LEU B 206 -8.89 -19.62 -20.29
N GLU B 207 -9.17 -20.33 -19.21
CA GLU B 207 -9.88 -21.60 -19.26
C GLU B 207 -11.34 -21.39 -18.89
N ILE B 208 -12.24 -21.84 -19.77
CA ILE B 208 -13.67 -21.70 -19.58
C ILE B 208 -14.26 -23.10 -19.44
N GLU B 209 -15.01 -23.32 -18.36
CA GLU B 209 -15.52 -24.65 -18.06
C GLU B 209 -16.81 -24.53 -17.26
N SER B 210 -17.63 -25.56 -17.36
CA SER B 210 -18.85 -25.67 -16.55
C SER B 210 -18.52 -26.33 -15.22
N TYR B 211 -19.30 -26.00 -14.20
CA TYR B 211 -18.99 -26.48 -12.85
C TYR B 211 -19.66 -27.80 -12.51
N GLY B 212 -20.94 -27.95 -12.82
CA GLY B 212 -21.66 -29.13 -12.40
C GLY B 212 -22.43 -29.83 -13.50
N TYR B 213 -21.88 -29.85 -14.71
CA TYR B 213 -22.53 -30.53 -15.83
C TYR B 213 -21.47 -31.25 -16.65
N THR B 214 -21.90 -32.32 -17.32
CA THR B 214 -21.03 -33.12 -18.18
C THR B 214 -21.44 -32.91 -19.63
N THR B 215 -20.74 -33.60 -20.53
CA THR B 215 -21.04 -33.49 -21.95
C THR B 215 -22.40 -34.07 -22.32
N ASP B 216 -23.00 -34.87 -21.45
CA ASP B 216 -24.35 -35.37 -21.71
C ASP B 216 -25.40 -34.29 -21.48
N ASP B 217 -25.14 -33.33 -20.61
CA ASP B 217 -26.09 -32.30 -20.26
C ASP B 217 -25.81 -30.97 -20.95
N ILE B 218 -24.55 -30.54 -21.01
CA ILE B 218 -24.20 -29.24 -21.57
C ILE B 218 -23.03 -29.43 -22.54
N GLU B 219 -22.94 -28.52 -23.50
CA GLU B 219 -21.87 -28.52 -24.48
C GLU B 219 -21.47 -27.09 -24.81
N PHE B 220 -20.17 -26.85 -24.94
CA PHE B 220 -19.65 -25.53 -25.23
C PHE B 220 -19.05 -25.50 -26.63
N TYR B 221 -19.19 -24.37 -27.31
CA TYR B 221 -18.55 -24.15 -28.58
C TYR B 221 -18.36 -22.66 -28.79
N TRP B 222 -17.43 -22.32 -29.67
CA TRP B 222 -17.16 -20.93 -30.01
C TRP B 222 -18.11 -20.50 -31.13
N ARG B 223 -19.10 -19.68 -30.78
CA ARG B 223 -20.08 -19.22 -31.74
C ARG B 223 -19.42 -18.29 -32.74
N GLY B 224 -19.22 -18.78 -33.97
CA GLY B 224 -18.54 -18.03 -35.00
C GLY B 224 -17.18 -18.57 -35.41
N GLY B 225 -16.79 -19.74 -34.90
CA GLY B 225 -15.50 -20.30 -35.29
C GLY B 225 -14.35 -19.47 -34.75
N ASP B 226 -13.43 -19.12 -35.64
CA ASP B 226 -12.27 -18.32 -35.26
C ASP B 226 -12.58 -16.84 -35.11
N LYS B 227 -13.78 -16.42 -35.45
CA LYS B 227 -14.20 -15.03 -35.30
C LYS B 227 -14.92 -14.79 -33.97
N ALA B 228 -14.96 -15.79 -33.09
CA ALA B 228 -15.67 -15.63 -31.82
C ALA B 228 -15.04 -14.55 -30.96
N VAL B 229 -13.71 -14.50 -30.91
CA VAL B 229 -13.00 -13.51 -30.10
C VAL B 229 -12.55 -12.37 -30.98
N THR B 230 -12.94 -11.15 -30.62
CA THR B 230 -12.63 -9.95 -31.38
C THR B 230 -11.97 -8.93 -30.46
N GLY B 231 -11.35 -7.92 -31.08
CA GLY B 231 -10.72 -6.84 -30.34
C GLY B 231 -9.32 -7.10 -29.87
N VAL B 232 -8.72 -8.24 -30.25
CA VAL B 232 -7.36 -8.55 -29.82
C VAL B 232 -6.37 -7.59 -30.47
N GLU B 233 -6.61 -7.22 -31.73
CA GLU B 233 -5.68 -6.37 -32.45
C GLU B 233 -5.64 -4.94 -31.95
N ARG B 234 -6.57 -4.54 -31.09
CA ARG B 234 -6.58 -3.20 -30.52
C ARG B 234 -5.86 -3.12 -29.19
N ILE B 235 -5.27 -4.20 -28.72
CA ILE B 235 -4.56 -4.21 -27.45
C ILE B 235 -3.18 -3.59 -27.64
N GLU B 236 -2.79 -2.70 -26.72
CA GLU B 236 -1.48 -2.05 -26.75
C GLU B 236 -0.85 -2.23 -25.37
N LEU B 237 -0.14 -3.33 -25.19
CA LEU B 237 0.57 -3.58 -23.94
C LEU B 237 1.83 -2.72 -23.89
N PRO B 238 2.07 -2.00 -22.79
CA PRO B 238 3.26 -1.14 -22.72
C PRO B 238 4.57 -1.90 -22.86
N GLN B 239 4.63 -3.14 -22.37
CA GLN B 239 5.87 -3.90 -22.32
C GLN B 239 5.92 -5.07 -23.29
N PHE B 240 4.78 -5.67 -23.61
CA PHE B 240 4.72 -6.85 -24.47
C PHE B 240 4.17 -6.48 -25.85
N SER B 241 4.02 -7.50 -26.69
CA SER B 241 3.47 -7.32 -28.03
C SER B 241 2.79 -8.62 -28.43
N ILE B 242 1.47 -8.59 -28.54
CA ILE B 242 0.70 -9.80 -28.84
C ILE B 242 1.02 -10.27 -30.25
N VAL B 243 1.38 -11.54 -30.39
CA VAL B 243 1.75 -12.11 -31.67
C VAL B 243 0.62 -12.95 -32.26
N GLU B 244 -0.03 -13.79 -31.45
CA GLU B 244 -1.00 -14.73 -31.96
C GLU B 244 -1.98 -15.10 -30.84
N HIS B 245 -3.18 -15.50 -31.23
CA HIS B 245 -4.17 -16.03 -30.30
C HIS B 245 -4.83 -17.24 -30.93
N ARG B 246 -5.31 -18.15 -30.09
CA ARG B 246 -5.91 -19.39 -30.56
C ARG B 246 -7.15 -19.71 -29.74
N LEU B 247 -8.05 -20.47 -30.35
CA LEU B 247 -9.29 -20.93 -29.71
C LEU B 247 -9.32 -22.44 -29.77
N VAL B 248 -9.43 -23.09 -28.61
CA VAL B 248 -9.40 -24.53 -28.50
C VAL B 248 -10.64 -25.00 -27.76
N SER B 249 -11.28 -26.05 -28.28
CA SER B 249 -12.43 -26.70 -27.65
C SER B 249 -12.09 -28.16 -27.42
N ARG B 250 -12.33 -28.65 -26.21
CA ARG B 250 -11.97 -30.02 -25.85
C ARG B 250 -12.80 -30.44 -24.64
N ASN B 251 -12.50 -31.64 -24.14
CA ASN B 251 -13.18 -32.19 -22.97
C ASN B 251 -12.14 -32.56 -21.92
N VAL B 252 -12.52 -32.38 -20.66
CA VAL B 252 -11.63 -32.61 -19.52
C VAL B 252 -12.32 -33.55 -18.56
N VAL B 253 -11.57 -34.54 -18.06
CA VAL B 253 -12.08 -35.53 -17.12
C VAL B 253 -11.50 -35.22 -15.74
N PHE B 254 -12.37 -34.90 -14.79
CA PHE B 254 -11.99 -34.66 -13.41
C PHE B 254 -12.34 -35.87 -12.56
N ALA B 255 -12.18 -35.73 -11.25
CA ALA B 255 -12.52 -36.83 -10.34
C ALA B 255 -14.03 -37.06 -10.29
N THR B 256 -14.83 -36.00 -10.39
CA THR B 256 -16.28 -36.11 -10.32
C THR B 256 -16.92 -36.37 -11.67
N GLY B 257 -16.15 -36.39 -12.74
CA GLY B 257 -16.71 -36.66 -14.07
C GLY B 257 -16.13 -35.79 -15.16
N ALA B 258 -16.64 -35.96 -16.38
CA ALA B 258 -16.17 -35.18 -17.51
C ALA B 258 -16.75 -33.76 -17.46
N TYR B 259 -16.13 -32.87 -18.23
CA TYR B 259 -16.54 -31.48 -18.32
C TYR B 259 -16.14 -30.90 -19.67
N PRO B 260 -17.01 -30.16 -20.33
CA PRO B 260 -16.59 -29.43 -21.53
C PRO B 260 -15.63 -28.31 -21.19
N ARG B 261 -14.78 -27.95 -22.15
CA ARG B 261 -13.72 -26.98 -21.91
C ARG B 261 -13.56 -26.07 -23.11
N LEU B 262 -13.37 -24.78 -22.85
CA LEU B 262 -13.00 -23.80 -23.86
C LEU B 262 -11.75 -23.06 -23.39
N SER B 263 -10.81 -22.85 -24.30
CA SER B 263 -9.53 -22.25 -23.96
C SER B 263 -9.21 -21.12 -24.91
N LEU B 264 -8.92 -19.94 -24.36
CA LEU B 264 -8.44 -18.79 -25.11
C LEU B 264 -7.02 -18.49 -24.66
N SER B 265 -6.08 -18.50 -25.60
CA SER B 265 -4.66 -18.38 -25.28
C SER B 265 -4.01 -17.35 -26.17
N PHE B 266 -3.17 -16.51 -25.58
CA PHE B 266 -2.39 -15.51 -26.29
C PHE B 266 -0.93 -15.94 -26.35
N ARG B 267 -0.12 -15.11 -27.00
CA ARG B 267 1.32 -15.28 -27.03
C ARG B 267 1.97 -13.90 -27.06
N LEU B 268 2.80 -13.62 -26.06
CA LEU B 268 3.37 -12.29 -25.87
C LEU B 268 4.87 -12.32 -26.11
N LYS B 269 5.37 -11.32 -26.81
CA LYS B 269 6.80 -11.15 -27.06
C LYS B 269 7.24 -9.85 -26.42
N ARG B 270 8.21 -9.94 -25.50
CA ARG B 270 8.65 -8.77 -24.77
C ARG B 270 9.48 -7.85 -25.66
N ASN B 271 9.30 -6.55 -25.48
CA ASN B 271 10.05 -5.56 -26.24
C ASN B 271 11.40 -5.33 -25.58
N ILE B 272 12.47 -5.37 -26.38
CA ILE B 272 13.83 -5.25 -25.86
C ILE B 272 14.35 -3.83 -25.90
N GLY B 273 13.60 -2.89 -26.48
CA GLY B 273 14.09 -1.53 -26.65
C GLY B 273 14.44 -0.84 -25.36
N TYR B 274 13.64 -1.05 -24.31
CA TYR B 274 13.93 -0.41 -23.03
C TYR B 274 15.20 -0.95 -22.41
N PHE B 275 15.43 -2.26 -22.50
CA PHE B 275 16.58 -2.87 -21.84
C PHE B 275 17.90 -2.56 -22.54
N ILE B 276 17.86 -2.29 -23.84
CA ILE B 276 19.09 -1.99 -24.57
C ILE B 276 19.73 -0.70 -24.05
N LEU B 277 18.93 0.35 -23.91
CA LEU B 277 19.46 1.65 -23.49
C LEU B 277 19.75 1.69 -22.00
N GLN B 278 18.95 0.98 -21.21
CA GLN B 278 19.03 1.14 -19.76
C GLN B 278 19.99 0.14 -19.12
N THR B 279 20.08 -1.07 -19.67
CA THR B 279 20.82 -2.15 -19.03
C THR B 279 22.05 -2.57 -19.82
N TYR B 280 21.89 -2.95 -21.09
CA TYR B 280 23.01 -3.51 -21.84
C TYR B 280 24.02 -2.44 -22.23
N MET B 281 23.55 -1.27 -22.69
CA MET B 281 24.49 -0.24 -23.11
C MET B 281 25.36 0.30 -21.99
N PRO B 282 24.84 0.64 -20.80
CA PRO B 282 25.75 1.11 -19.74
C PRO B 282 26.79 0.08 -19.33
N SER B 283 26.45 -1.20 -19.36
CA SER B 283 27.40 -2.23 -18.96
C SER B 283 28.49 -2.40 -20.01
N ILE B 284 28.16 -2.23 -21.29
CA ILE B 284 29.17 -2.37 -22.33
C ILE B 284 30.17 -1.22 -22.29
N LEU B 285 29.68 0.01 -22.12
CA LEU B 285 30.57 1.17 -22.13
C LEU B 285 31.55 1.13 -20.97
N ILE B 286 31.08 0.74 -19.78
CA ILE B 286 31.96 0.69 -18.62
C ILE B 286 33.00 -0.39 -18.78
N THR B 287 32.63 -1.53 -19.38
CA THR B 287 33.61 -2.58 -19.64
C THR B 287 34.67 -2.11 -20.63
N ILE B 288 34.28 -1.28 -21.60
CA ILE B 288 35.26 -0.73 -22.54
C ILE B 288 36.20 0.24 -21.81
N LEU B 289 35.67 1.01 -20.87
CA LEU B 289 36.51 1.94 -20.12
C LEU B 289 37.58 1.21 -19.32
N SER B 290 37.32 -0.03 -18.91
CA SER B 290 38.34 -0.80 -18.20
C SER B 290 39.54 -1.11 -19.08
N TRP B 291 39.36 -1.12 -20.40
CA TRP B 291 40.46 -1.38 -21.32
C TRP B 291 41.35 -0.15 -21.54
N VAL B 292 40.91 1.03 -21.10
CA VAL B 292 41.74 2.23 -21.21
C VAL B 292 43.01 2.07 -20.38
N SER B 293 42.94 1.29 -19.31
CA SER B 293 44.11 1.10 -18.44
C SER B 293 45.27 0.44 -19.17
N PHE B 294 45.01 -0.28 -20.26
CA PHE B 294 46.08 -0.97 -20.98
C PHE B 294 46.91 -0.02 -21.83
N TRP B 295 46.41 1.18 -22.11
CA TRP B 295 47.11 2.15 -22.94
C TRP B 295 47.82 3.22 -22.13
N ILE B 296 47.91 3.05 -20.81
CA ILE B 296 48.61 3.96 -19.93
C ILE B 296 49.89 3.29 -19.46
N ASN B 297 50.98 4.05 -19.45
CA ASN B 297 52.27 3.50 -19.05
C ASN B 297 52.21 2.92 -17.65
N TYR B 298 52.84 1.75 -17.48
CA TYR B 298 52.68 0.95 -16.28
C TYR B 298 53.30 1.58 -15.04
N ASP B 299 54.10 2.63 -15.19
CA ASP B 299 54.70 3.28 -14.03
C ASP B 299 53.75 4.27 -13.36
N ALA B 300 52.60 4.55 -13.97
CA ALA B 300 51.61 5.45 -13.38
C ALA B 300 50.63 4.63 -12.55
N SER B 301 51.07 4.28 -11.34
CA SER B 301 50.28 3.42 -10.47
C SER B 301 49.01 4.12 -10.01
N ALA B 302 49.09 5.42 -9.71
CA ALA B 302 47.92 6.13 -9.19
C ALA B 302 46.81 6.19 -10.23
N ALA B 303 47.16 6.41 -11.50
CA ALA B 303 46.15 6.55 -12.53
C ALA B 303 45.46 5.23 -12.84
N ARG B 304 46.25 4.16 -13.00
CA ARG B 304 45.67 2.88 -13.42
C ARG B 304 44.84 2.25 -12.32
N VAL B 305 45.29 2.35 -11.06
CA VAL B 305 44.52 1.81 -9.95
C VAL B 305 43.20 2.53 -9.80
N ALA B 306 43.23 3.87 -9.88
CA ALA B 306 42.00 4.65 -9.76
C ALA B 306 41.04 4.32 -10.89
N LEU B 307 41.54 4.22 -12.12
CA LEU B 307 40.69 3.88 -13.25
C LEU B 307 40.14 2.46 -13.11
N GLY B 308 41.00 1.50 -12.75
CA GLY B 308 40.56 0.12 -12.64
C GLY B 308 39.56 -0.09 -11.52
N ILE B 309 39.80 0.50 -10.36
CA ILE B 309 38.96 0.22 -9.20
C ILE B 309 37.64 0.98 -9.28
N THR B 310 37.61 2.12 -9.96
CA THR B 310 36.35 2.87 -10.08
C THR B 310 35.38 2.17 -11.00
N THR B 311 35.89 1.48 -12.04
CA THR B 311 35.01 0.73 -12.92
C THR B 311 34.38 -0.45 -12.19
N VAL B 312 35.11 -1.06 -11.26
CA VAL B 312 34.53 -2.11 -10.44
C VAL B 312 33.44 -1.55 -9.54
N LEU B 313 33.69 -0.38 -8.94
CA LEU B 313 32.67 0.27 -8.12
C LEU B 313 31.48 0.68 -8.96
N THR B 314 31.72 1.22 -10.15
CA THR B 314 30.62 1.65 -11.01
C THR B 314 29.78 0.47 -11.46
N MET B 315 30.43 -0.66 -11.79
CA MET B 315 29.69 -1.85 -12.18
C MET B 315 28.86 -2.39 -11.03
N THR B 316 29.40 -2.35 -9.82
CA THR B 316 28.63 -2.77 -8.65
C THR B 316 27.43 -1.87 -8.43
N THR B 317 27.60 -0.56 -8.64
CA THR B 317 26.49 0.37 -8.46
C THR B 317 25.35 0.06 -9.42
N ILE B 318 25.66 -0.31 -10.66
CA ILE B 318 24.63 -0.63 -11.63
C ILE B 318 23.81 -1.83 -11.18
N ASN B 319 24.49 -2.92 -10.79
CA ASN B 319 23.79 -4.16 -10.47
C ASN B 319 22.87 -3.98 -9.26
N THR B 320 23.36 -3.33 -8.21
CA THR B 320 22.57 -3.18 -7.00
C THR B 320 21.34 -2.33 -7.25
N HIS B 321 21.48 -1.24 -8.01
CA HIS B 321 20.34 -0.41 -8.35
C HIS B 321 19.45 -1.05 -9.41
N LEU B 322 20.01 -1.95 -10.24
CA LEU B 322 19.22 -2.57 -11.29
C LEU B 322 18.25 -3.61 -10.75
N ARG B 323 18.63 -4.33 -9.70
CA ARG B 323 17.77 -5.37 -9.16
C ARG B 323 16.71 -4.83 -8.21
N GLU B 324 16.73 -3.52 -7.93
CA GLU B 324 15.64 -2.89 -7.20
C GLU B 324 14.50 -2.47 -8.12
N THR B 325 14.81 -1.94 -9.30
CA THR B 325 13.77 -1.53 -10.22
C THR B 325 13.13 -2.73 -10.91
N LEU B 326 13.93 -3.72 -11.29
CA LEU B 326 13.40 -4.90 -11.97
C LEU B 326 12.56 -5.73 -11.00
N PRO B 327 11.60 -6.49 -11.53
CA PRO B 327 10.76 -7.32 -10.66
C PRO B 327 11.58 -8.37 -9.91
N LYS B 328 11.14 -8.67 -8.70
CA LYS B 328 11.82 -9.62 -7.83
C LYS B 328 11.56 -11.04 -8.33
N ILE B 329 12.53 -11.61 -9.03
CA ILE B 329 12.41 -12.96 -9.58
C ILE B 329 13.59 -13.78 -9.08
N PRO B 330 13.46 -14.44 -7.93
CA PRO B 330 14.64 -15.06 -7.30
C PRO B 330 15.12 -16.34 -7.97
N TYR B 331 15.59 -16.24 -9.21
CA TYR B 331 16.39 -17.30 -9.82
C TYR B 331 17.17 -16.69 -10.98
N VAL B 332 18.16 -17.44 -11.46
CA VAL B 332 19.07 -16.93 -12.48
C VAL B 332 18.31 -16.71 -13.79
N LYS B 333 18.47 -15.51 -14.36
CA LYS B 333 17.84 -15.13 -15.61
C LYS B 333 18.91 -14.80 -16.64
N ALA B 334 18.48 -14.60 -17.88
CA ALA B 334 19.41 -14.27 -18.95
C ALA B 334 20.01 -12.88 -18.79
N ILE B 335 19.43 -12.04 -17.93
CA ILE B 335 20.01 -10.72 -17.72
C ILE B 335 21.04 -10.75 -16.60
N ASP B 336 20.94 -11.73 -15.69
CA ASP B 336 21.91 -11.84 -14.61
C ASP B 336 23.25 -12.38 -15.11
N MET B 337 23.23 -13.22 -16.15
CA MET B 337 24.48 -13.74 -16.68
C MET B 337 25.32 -12.65 -17.33
N TYR B 338 24.68 -11.75 -18.08
CA TYR B 338 25.42 -10.69 -18.75
C TYR B 338 26.03 -9.71 -17.75
N LEU B 339 25.24 -9.31 -16.74
CA LEU B 339 25.77 -8.41 -15.72
C LEU B 339 26.90 -9.05 -14.92
N MET B 340 26.75 -10.33 -14.58
CA MET B 340 27.83 -11.04 -13.91
C MET B 340 28.99 -11.32 -14.85
N GLY B 341 28.70 -11.52 -16.14
CA GLY B 341 29.77 -11.71 -17.10
C GLY B 341 30.63 -10.47 -17.28
N CYS B 342 29.99 -9.30 -17.32
CA CYS B 342 30.74 -8.05 -17.43
C CYS B 342 31.50 -7.74 -16.14
N PHE B 343 30.94 -8.12 -14.99
CA PHE B 343 31.62 -7.87 -13.72
C PHE B 343 32.93 -8.62 -13.62
N VAL B 344 33.03 -9.78 -14.26
CA VAL B 344 34.28 -10.53 -14.26
C VAL B 344 35.33 -9.83 -15.12
N PHE B 345 34.92 -9.27 -16.26
CA PHE B 345 35.88 -8.64 -17.16
C PHE B 345 36.55 -7.44 -16.51
N VAL B 346 35.78 -6.59 -15.83
CA VAL B 346 36.39 -5.46 -15.14
C VAL B 346 37.22 -5.94 -13.95
N PHE B 347 36.82 -7.05 -13.35
CA PHE B 347 37.61 -7.64 -12.27
C PHE B 347 38.96 -8.13 -12.80
N LEU B 348 38.96 -8.73 -13.99
CA LEU B 348 40.21 -9.25 -14.54
C LEU B 348 41.12 -8.13 -15.03
N ALA B 349 40.55 -7.03 -15.54
CA ALA B 349 41.36 -5.91 -15.98
C ALA B 349 42.14 -5.30 -14.83
N LEU B 350 41.51 -5.14 -13.68
CA LEU B 350 42.21 -4.66 -12.50
C LEU B 350 43.22 -5.69 -12.00
N LEU B 351 42.85 -6.97 -12.03
CA LEU B 351 43.77 -8.01 -11.60
C LEU B 351 44.95 -8.15 -12.54
N GLU B 352 44.77 -7.83 -13.83
CA GLU B 352 45.87 -7.91 -14.78
C GLU B 352 46.98 -6.91 -14.44
N TYR B 353 46.60 -5.69 -14.07
CA TYR B 353 47.62 -4.68 -13.77
C TYR B 353 48.43 -5.04 -12.54
N ALA B 354 47.82 -5.72 -11.56
CA ALA B 354 48.55 -6.08 -10.35
C ALA B 354 49.74 -6.98 -10.67
N PHE B 355 49.56 -7.92 -11.60
CA PHE B 355 50.68 -8.75 -12.03
C PHE B 355 51.74 -7.92 -12.74
N VAL B 356 51.32 -6.97 -13.56
CA VAL B 356 52.26 -6.09 -14.25
C VAL B 356 52.99 -5.21 -13.24
N ASN B 357 52.25 -4.64 -12.28
CA ASN B 357 52.87 -3.78 -11.28
C ASN B 357 53.85 -4.53 -10.40
N TYR B 358 53.65 -5.84 -10.24
CA TYR B 358 54.50 -6.62 -9.35
C TYR B 358 55.85 -6.93 -9.97
N ILE B 359 55.94 -6.99 -11.30
CA ILE B 359 57.16 -7.45 -11.97
C ILE B 359 57.78 -6.39 -12.86
N PHE B 360 57.20 -5.19 -12.95
CA PHE B 360 57.72 -4.20 -13.88
C PHE B 360 59.08 -3.67 -13.48
N PHE B 361 59.43 -3.73 -12.19
CA PHE B 361 60.73 -3.24 -11.75
C PHE B 361 61.84 -4.21 -12.13
N SER B 362 61.62 -5.50 -11.95
CA SER B 362 62.66 -6.50 -12.20
C SER B 362 62.68 -7.00 -13.64
N GLN B 363 61.53 -7.01 -14.32
CA GLN B 363 61.43 -7.50 -15.69
C GLN B 363 60.70 -6.45 -16.51
N PRO B 364 61.36 -5.36 -16.88
CA PRO B 364 60.68 -4.32 -17.67
C PRO B 364 60.19 -4.79 -19.01
N ALA B 365 60.90 -5.72 -19.65
CA ALA B 365 60.49 -6.18 -20.98
C ALA B 365 59.23 -7.03 -20.91
N ARG B 366 59.15 -7.93 -19.93
CA ARG B 366 58.00 -8.81 -19.83
C ARG B 366 56.74 -8.06 -19.40
N ALA B 367 56.90 -7.03 -18.56
CA ALA B 367 55.74 -6.25 -18.13
C ALA B 367 55.10 -5.50 -19.30
N ALA B 368 55.91 -4.95 -20.19
CA ALA B 368 55.37 -4.24 -21.34
C ALA B 368 54.69 -5.18 -22.33
N ALA B 369 55.20 -6.41 -22.45
CA ALA B 369 54.59 -7.37 -23.36
C ALA B 369 53.18 -7.74 -22.90
N ILE B 370 52.98 -7.89 -21.59
CA ILE B 370 51.65 -8.23 -21.08
C ILE B 370 50.66 -7.11 -21.38
N ASP B 371 51.10 -5.85 -21.28
CA ASP B 371 50.22 -4.74 -21.62
C ASP B 371 49.85 -4.76 -23.10
N ARG B 372 50.82 -5.07 -23.97
CA ARG B 372 50.53 -5.08 -25.40
C ARG B 372 49.54 -6.17 -25.76
N TRP B 373 49.70 -7.36 -25.18
CA TRP B 373 48.75 -8.44 -25.46
C TRP B 373 47.39 -8.17 -24.84
N SER B 374 47.36 -7.52 -23.67
CA SER B 374 46.09 -7.18 -23.04
C SER B 374 45.27 -6.19 -23.88
N ARG B 375 45.92 -5.47 -24.80
CA ARG B 375 45.18 -4.58 -25.69
C ARG B 375 44.41 -5.34 -26.75
N ILE B 376 44.70 -6.63 -26.94
CA ILE B 376 44.06 -7.44 -27.95
C ILE B 376 43.21 -8.54 -27.32
N VAL B 377 43.72 -9.21 -26.29
CA VAL B 377 43.01 -10.36 -25.71
C VAL B 377 41.70 -9.92 -25.10
N PHE B 378 41.72 -8.84 -24.31
CA PHE B 378 40.49 -8.38 -23.66
C PHE B 378 39.42 -7.94 -24.64
N PRO B 379 39.69 -7.09 -25.64
CA PRO B 379 38.64 -6.77 -26.62
C PRO B 379 38.19 -7.98 -27.42
N PHE B 380 39.09 -8.93 -27.72
CA PHE B 380 38.72 -10.08 -28.53
C PHE B 380 37.88 -11.07 -27.73
N THR B 381 38.25 -11.32 -26.47
CA THR B 381 37.51 -12.29 -25.67
C THR B 381 36.12 -11.77 -25.33
N PHE B 382 35.99 -10.47 -25.10
CA PHE B 382 34.67 -9.89 -24.83
C PHE B 382 33.73 -10.02 -26.01
N SER B 383 34.27 -10.13 -27.24
CA SER B 383 33.42 -10.37 -28.40
C SER B 383 32.90 -11.82 -28.42
N LEU B 384 33.76 -12.77 -28.03
CA LEU B 384 33.33 -14.16 -27.96
C LEU B 384 32.24 -14.35 -26.92
N PHE B 385 32.35 -13.65 -25.79
CA PHE B 385 31.32 -13.73 -24.75
C PHE B 385 29.99 -13.23 -25.28
N ASN B 386 29.98 -12.11 -26.01
CA ASN B 386 28.75 -11.61 -26.58
C ASN B 386 28.21 -12.54 -27.65
N LEU B 387 29.09 -13.07 -28.51
CA LEU B 387 28.64 -13.95 -29.59
C LEU B 387 27.99 -15.21 -29.04
N VAL B 388 28.60 -15.80 -28.01
CA VAL B 388 28.00 -16.97 -27.37
C VAL B 388 26.70 -16.59 -26.68
N TYR B 389 26.69 -15.45 -25.98
CA TYR B 389 25.50 -15.05 -25.22
C TYR B 389 24.31 -14.79 -26.13
N TRP B 390 24.51 -13.99 -27.18
CA TRP B 390 23.38 -13.59 -28.03
C TRP B 390 22.82 -14.78 -28.81
N LEU B 391 23.70 -15.63 -29.33
CA LEU B 391 23.21 -16.79 -30.08
C LEU B 391 22.46 -17.76 -29.17
N TYR B 392 22.95 -17.97 -27.95
CA TYR B 392 22.31 -18.91 -27.04
C TYR B 392 20.94 -18.44 -26.58
N TYR B 393 20.65 -17.14 -26.67
CA TYR B 393 19.36 -16.60 -26.21
C TYR B 393 18.52 -16.02 -27.34
N VAL B 394 19.03 -15.98 -28.57
CA VAL B 394 18.24 -15.49 -29.69
C VAL B 394 18.22 -16.54 -30.80
N ASN C 62 -42.99 -3.73 32.05
CA ASN C 62 -43.40 -4.89 31.26
C ASN C 62 -42.89 -4.76 29.83
N MET C 63 -42.12 -5.75 29.37
CA MET C 63 -41.58 -5.72 28.03
C MET C 63 -42.68 -5.82 26.97
N SER C 64 -43.78 -6.52 27.28
CA SER C 64 -44.86 -6.64 26.31
C SER C 64 -45.48 -5.28 26.00
N PHE C 65 -45.68 -4.45 27.02
CA PHE C 65 -46.25 -3.12 26.79
C PHE C 65 -45.35 -2.26 25.92
N VAL C 66 -44.03 -2.32 26.15
CA VAL C 66 -43.10 -1.52 25.37
C VAL C 66 -43.12 -1.96 23.90
N LYS C 67 -43.25 -3.27 23.67
CA LYS C 67 -43.32 -3.77 22.29
C LYS C 67 -44.56 -3.23 21.58
N GLU C 68 -45.68 -3.14 22.29
CA GLU C 68 -46.90 -2.61 21.69
C GLU C 68 -46.72 -1.15 21.28
N THR C 69 -46.06 -0.36 22.12
CA THR C 69 -45.86 1.06 21.81
C THR C 69 -44.99 1.24 20.57
N VAL C 70 -43.88 0.51 20.50
CA VAL C 70 -42.98 0.63 19.37
C VAL C 70 -43.66 0.18 18.08
N ASP C 71 -44.39 -0.93 18.15
CA ASP C 71 -45.13 -1.40 16.97
C ASP C 71 -46.19 -0.39 16.55
N LYS C 72 -46.81 0.28 17.52
CA LYS C 72 -47.82 1.29 17.20
C LYS C 72 -47.20 2.46 16.46
N LEU C 73 -46.00 2.89 16.86
CA LEU C 73 -45.36 4.03 16.22
C LEU C 73 -45.05 3.74 14.76
N LEU C 74 -44.52 2.55 14.47
CA LEU C 74 -44.15 2.20 13.10
C LEU C 74 -45.34 1.73 12.26
N LYS C 75 -46.50 1.52 12.88
CA LYS C 75 -47.69 1.10 12.15
C LYS C 75 -48.26 2.29 11.41
N GLY C 76 -48.18 2.27 10.08
CA GLY C 76 -48.61 3.38 9.27
C GLY C 76 -47.54 4.42 9.01
N TYR C 77 -46.36 4.28 9.61
CA TYR C 77 -45.27 5.21 9.36
C TYR C 77 -44.79 5.09 7.92
N ASP C 78 -44.57 6.24 7.28
CA ASP C 78 -44.12 6.29 5.89
C ASP C 78 -42.74 6.93 5.88
N ILE C 79 -41.71 6.13 5.51
CA ILE C 79 -40.35 6.63 5.49
C ILE C 79 -40.06 7.51 4.29
N ARG C 80 -40.96 7.56 3.31
CA ARG C 80 -40.73 8.34 2.10
C ARG C 80 -41.09 9.81 2.26
N LEU C 81 -41.67 10.20 3.38
CA LEU C 81 -42.08 11.58 3.63
C LEU C 81 -41.25 12.15 4.78
N ARG C 82 -40.65 13.30 4.54
CA ARG C 82 -39.86 13.95 5.57
C ARG C 82 -40.76 14.46 6.70
N PRO C 83 -40.22 14.59 7.91
CA PRO C 83 -41.03 15.15 9.01
C PRO C 83 -41.49 16.57 8.70
N ASP C 84 -42.70 16.88 9.16
CA ASP C 84 -43.33 18.17 8.92
C ASP C 84 -43.40 18.47 7.43
N PHE C 85 -43.85 17.49 6.66
CA PHE C 85 -43.93 17.64 5.22
C PHE C 85 -44.93 18.73 4.86
N GLY C 86 -44.54 19.59 3.92
CA GLY C 86 -45.37 20.69 3.47
C GLY C 86 -45.38 21.89 4.38
N GLY C 87 -44.62 21.89 5.47
CA GLY C 87 -44.60 23.00 6.39
C GLY C 87 -43.22 23.61 6.54
N PRO C 88 -42.88 24.03 7.76
CA PRO C 88 -41.57 24.63 7.98
C PRO C 88 -40.47 23.59 7.80
N PRO C 89 -39.27 24.02 7.43
CA PRO C 89 -38.17 23.07 7.24
C PRO C 89 -37.76 22.42 8.55
N VAL C 90 -37.25 21.19 8.44
CA VAL C 90 -36.80 20.43 9.59
C VAL C 90 -35.36 20.83 9.90
N CYS C 91 -35.11 21.21 11.15
CA CYS C 91 -33.78 21.58 11.60
C CYS C 91 -33.03 20.35 12.08
N VAL C 92 -31.85 20.11 11.54
CA VAL C 92 -31.05 18.94 11.84
C VAL C 92 -29.73 19.41 12.44
N GLY C 93 -29.67 19.42 13.78
CA GLY C 93 -28.43 19.80 14.45
C GLY C 93 -27.40 18.68 14.37
N MET C 94 -26.16 19.07 14.12
CA MET C 94 -25.08 18.12 13.94
C MET C 94 -23.92 18.46 14.85
N ASN C 95 -23.31 17.43 15.43
CA ASN C 95 -22.07 17.58 16.19
C ASN C 95 -21.17 16.39 15.88
N ILE C 96 -19.87 16.62 15.91
CA ILE C 96 -18.87 15.63 15.52
C ILE C 96 -17.89 15.43 16.66
N ASP C 97 -17.58 14.17 16.95
CA ASP C 97 -16.56 13.81 17.94
C ASP C 97 -15.44 13.10 17.20
N ILE C 98 -14.32 13.79 17.02
CA ILE C 98 -13.22 13.26 16.21
C ILE C 98 -12.46 12.22 17.02
N ALA C 99 -12.24 11.06 16.40
CA ALA C 99 -11.46 10.00 17.03
C ALA C 99 -9.97 10.16 16.73
N SER C 100 -9.61 10.25 15.46
CA SER C 100 -8.22 10.41 15.06
C SER C 100 -8.17 10.79 13.58
N ILE C 101 -7.02 11.34 13.18
CA ILE C 101 -6.68 11.52 11.78
C ILE C 101 -5.58 10.54 11.47
N ASP C 102 -5.90 9.49 10.71
CA ASP C 102 -5.00 8.37 10.55
C ASP C 102 -3.72 8.77 9.81
N MET C 103 -3.85 9.42 8.66
CA MET C 103 -2.68 9.80 7.89
C MET C 103 -3.02 10.97 6.99
N VAL C 104 -1.98 11.71 6.60
CA VAL C 104 -2.08 12.79 5.64
C VAL C 104 -1.11 12.48 4.51
N SER C 105 -1.63 12.42 3.29
CA SER C 105 -0.85 12.02 2.13
C SER C 105 -0.73 13.19 1.16
N GLU C 106 0.50 13.52 0.78
CA GLU C 106 0.73 14.56 -0.21
C GLU C 106 0.69 14.03 -1.64
N VAL C 107 0.98 12.74 -1.84
CA VAL C 107 0.96 12.17 -3.18
C VAL C 107 -0.46 12.14 -3.72
N ASN C 108 -1.40 11.65 -2.92
CA ASN C 108 -2.79 11.55 -3.33
C ASN C 108 -3.62 12.76 -2.93
N MET C 109 -3.07 13.67 -2.11
CA MET C 109 -3.75 14.88 -1.68
C MET C 109 -5.07 14.57 -0.98
N ASP C 110 -4.97 13.83 0.12
CA ASP C 110 -6.13 13.53 0.94
C ASP C 110 -5.67 13.15 2.34
N TYR C 111 -6.62 13.15 3.27
CA TYR C 111 -6.38 12.75 4.64
C TYR C 111 -7.49 11.82 5.10
N THR C 112 -7.15 10.87 5.96
CA THR C 112 -8.10 9.89 6.47
C THR C 112 -8.57 10.31 7.86
N LEU C 113 -9.89 10.32 8.05
CA LEU C 113 -10.50 10.82 9.28
C LEU C 113 -11.49 9.79 9.81
N THR C 114 -11.44 9.53 11.12
CA THR C 114 -12.39 8.69 11.80
C THR C 114 -13.10 9.51 12.86
N MET C 115 -14.43 9.44 12.89
CA MET C 115 -15.20 10.34 13.74
C MET C 115 -16.51 9.69 14.14
N TYR C 116 -17.13 10.28 15.16
CA TYR C 116 -18.50 9.96 15.55
C TYR C 116 -19.41 11.07 15.05
N PHE C 117 -20.37 10.72 14.22
CA PHE C 117 -21.22 11.70 13.53
C PHE C 117 -22.63 11.57 14.09
N GLN C 118 -23.01 12.52 14.95
CA GLN C 118 -24.33 12.56 15.55
C GLN C 118 -25.23 13.54 14.81
N GLN C 119 -26.46 13.13 14.52
CA GLN C 119 -27.48 13.99 13.94
C GLN C 119 -28.67 14.03 14.87
N TYR C 120 -29.32 15.20 14.94
CA TYR C 120 -30.31 15.49 15.97
C TYR C 120 -31.44 16.29 15.34
N TRP C 121 -32.56 15.63 15.05
CA TRP C 121 -33.74 16.32 14.55
C TRP C 121 -34.97 15.94 15.36
N ARG C 122 -36.15 16.39 14.93
CA ARG C 122 -37.39 16.11 15.64
C ARG C 122 -38.45 15.65 14.65
N ASP C 123 -39.15 14.57 15.00
CA ASP C 123 -40.24 14.04 14.20
C ASP C 123 -41.43 13.77 15.12
N LYS C 124 -42.53 14.48 14.90
CA LYS C 124 -43.70 14.34 15.74
C LYS C 124 -44.39 12.99 15.59
N ARG C 125 -44.17 12.30 14.47
CA ARG C 125 -44.80 11.01 14.24
C ARG C 125 -44.32 9.94 15.21
N LEU C 126 -43.15 10.11 15.81
CA LEU C 126 -42.58 9.13 16.73
C LEU C 126 -42.83 9.46 18.18
N ALA C 127 -43.69 10.44 18.46
CA ALA C 127 -43.98 10.80 19.85
C ALA C 127 -44.77 9.69 20.53
N TYR C 128 -44.39 9.36 21.76
CA TYR C 128 -45.06 8.34 22.55
C TYR C 128 -45.30 8.86 23.96
N SER C 129 -46.35 8.34 24.60
CA SER C 129 -46.73 8.76 25.94
C SER C 129 -46.90 7.55 26.84
N GLY C 130 -46.73 7.78 28.14
CA GLY C 130 -46.86 6.72 29.13
C GLY C 130 -45.57 5.99 29.47
N ILE C 131 -44.49 6.23 28.73
CA ILE C 131 -43.20 5.62 28.99
C ILE C 131 -42.22 6.71 29.37
N PRO C 132 -41.92 6.85 30.67
CA PRO C 132 -41.00 7.90 31.13
C PRO C 132 -39.53 7.57 30.97
N LEU C 133 -39.16 7.10 29.77
CA LEU C 133 -37.78 6.73 29.50
C LEU C 133 -37.46 7.06 28.04
N ASN C 134 -36.17 7.18 27.76
CA ASN C 134 -35.67 7.35 26.42
C ASN C 134 -35.37 5.97 25.82
N LEU C 135 -36.08 5.63 24.74
CA LEU C 135 -35.99 4.29 24.18
C LEU C 135 -34.72 4.17 23.36
N THR C 136 -33.73 3.47 23.90
CA THR C 136 -32.50 3.15 23.17
C THR C 136 -32.74 1.83 22.45
N LEU C 137 -33.22 1.92 21.21
CA LEU C 137 -33.58 0.74 20.45
C LEU C 137 -32.35 0.10 19.80
N ASP C 138 -32.56 -1.07 19.21
CA ASP C 138 -31.50 -1.75 18.49
C ASP C 138 -31.12 -0.94 17.25
N ASN C 139 -29.88 -1.12 16.80
CA ASN C 139 -29.38 -0.37 15.64
C ASN C 139 -30.04 -0.82 14.34
N ARG C 140 -30.78 -1.91 14.34
CA ARG C 140 -31.48 -2.38 13.15
C ARG C 140 -32.83 -1.72 12.95
N VAL C 141 -33.26 -0.85 13.89
CA VAL C 141 -34.52 -0.13 13.71
C VAL C 141 -34.36 1.12 12.86
N ALA C 142 -33.12 1.55 12.60
CA ALA C 142 -32.90 2.74 11.78
C ALA C 142 -33.36 2.54 10.35
N ASP C 143 -33.43 1.30 9.87
CA ASP C 143 -33.90 1.04 8.51
C ASP C 143 -35.39 1.28 8.35
N GLN C 144 -36.13 1.45 9.44
CA GLN C 144 -37.57 1.67 9.39
C GLN C 144 -37.95 3.11 9.73
N LEU C 145 -36.98 4.02 9.78
CA LEU C 145 -37.24 5.41 10.10
C LEU C 145 -36.67 6.31 9.02
N TRP C 146 -37.14 7.56 9.02
CA TRP C 146 -36.63 8.56 8.10
C TRP C 146 -35.35 9.16 8.66
N VAL C 147 -34.32 9.23 7.83
CA VAL C 147 -33.05 9.84 8.22
C VAL C 147 -32.63 10.82 7.14
N PRO C 148 -31.91 11.89 7.49
CA PRO C 148 -31.47 12.83 6.45
C PRO C 148 -30.46 12.19 5.50
N ASP C 149 -30.46 12.67 4.27
CA ASP C 149 -29.55 12.18 3.24
C ASP C 149 -28.23 12.95 3.24
N THR C 150 -27.63 13.05 4.41
CA THR C 150 -26.38 13.79 4.56
C THR C 150 -25.24 13.05 3.86
N TYR C 151 -24.45 13.78 3.09
CA TYR C 151 -23.27 13.22 2.43
C TYR C 151 -22.13 14.22 2.53
N PHE C 152 -20.92 13.70 2.41
CA PHE C 152 -19.71 14.53 2.46
C PHE C 152 -19.26 14.82 1.04
N LEU C 153 -19.20 16.12 0.70
CA LEU C 153 -19.00 16.51 -0.68
C LEU C 153 -17.62 16.09 -1.20
N ASN C 154 -16.59 16.22 -0.38
CA ASN C 154 -15.22 16.00 -0.82
C ASN C 154 -14.65 14.67 -0.34
N ASP C 155 -15.50 13.71 0.00
CA ASP C 155 -15.02 12.40 0.41
C ASP C 155 -14.75 11.51 -0.80
N LYS C 156 -13.74 10.66 -0.67
CA LYS C 156 -13.35 9.76 -1.75
C LYS C 156 -13.69 8.30 -1.48
N LYS C 157 -13.63 7.88 -0.22
CA LYS C 157 -13.92 6.49 0.13
C LYS C 157 -14.24 6.45 1.62
N SER C 158 -15.47 6.09 1.96
CA SER C 158 -15.91 6.08 3.34
C SER C 158 -16.77 4.86 3.60
N PHE C 159 -16.85 4.47 4.87
CA PHE C 159 -17.63 3.31 5.27
C PHE C 159 -18.01 3.46 6.74
N VAL C 160 -19.01 2.68 7.15
CA VAL C 160 -19.44 2.60 8.54
C VAL C 160 -18.92 1.30 9.12
N HIS C 161 -18.23 1.38 10.25
CA HIS C 161 -17.66 0.20 10.87
C HIS C 161 -18.75 -0.78 11.26
N GLY C 162 -18.48 -2.08 11.07
CA GLY C 162 -19.50 -3.08 11.26
C GLY C 162 -19.06 -4.30 12.04
N VAL C 163 -18.16 -4.12 13.01
CA VAL C 163 -17.72 -5.19 13.90
C VAL C 163 -17.91 -4.72 15.34
N THR C 164 -18.61 -5.52 16.14
CA THR C 164 -19.19 -6.79 15.72
C THR C 164 -20.52 -6.59 15.01
N VAL C 165 -21.22 -5.51 15.36
CA VAL C 165 -22.43 -5.11 14.67
C VAL C 165 -22.15 -3.79 13.97
N LYS C 166 -23.11 -3.30 13.19
CA LYS C 166 -22.94 -2.01 12.53
C LYS C 166 -22.96 -0.90 13.58
N ASN C 167 -21.93 -0.06 13.58
CA ASN C 167 -21.79 0.99 14.58
C ASN C 167 -22.79 2.09 14.26
N ARG C 168 -24.01 1.91 14.76
CA ARG C 168 -25.12 2.83 14.50
C ARG C 168 -25.97 2.91 15.75
N MET C 169 -26.64 4.05 15.94
CA MET C 169 -27.42 4.28 17.14
C MET C 169 -28.71 5.00 16.80
N ILE C 170 -29.79 4.59 17.46
CA ILE C 170 -31.07 5.29 17.42
C ILE C 170 -31.57 5.41 18.84
N ARG C 171 -31.87 6.64 19.27
CA ARG C 171 -32.33 6.91 20.62
C ARG C 171 -33.49 7.89 20.54
N LEU C 172 -34.71 7.40 20.75
CA LEU C 172 -35.91 8.21 20.66
C LEU C 172 -36.20 8.89 22.00
N HIS C 173 -37.00 9.94 21.93
CA HIS C 173 -37.43 10.72 23.08
C HIS C 173 -38.93 10.90 23.04
N PRO C 174 -39.57 11.08 24.20
CA PRO C 174 -41.04 11.14 24.23
C PRO C 174 -41.64 12.21 23.34
N ASP C 175 -40.99 13.36 23.21
CA ASP C 175 -41.53 14.44 22.39
C ASP C 175 -41.37 14.17 20.89
N GLY C 176 -40.67 13.10 20.52
CA GLY C 176 -40.43 12.78 19.13
C GLY C 176 -39.04 13.11 18.63
N THR C 177 -38.15 13.56 19.51
CA THR C 177 -36.79 13.89 19.11
C THR C 177 -36.00 12.63 18.82
N VAL C 178 -35.28 12.61 17.70
CA VAL C 178 -34.50 11.45 17.27
C VAL C 178 -33.03 11.80 17.34
N LEU C 179 -32.25 10.95 18.01
CA LEU C 179 -30.80 11.06 18.05
C LEU C 179 -30.22 9.89 17.27
N TYR C 180 -29.41 10.18 16.26
CA TYR C 180 -28.94 9.19 15.30
C TYR C 180 -27.44 9.37 15.11
N GLY C 181 -26.66 8.45 15.64
CA GLY C 181 -25.21 8.54 15.63
C GLY C 181 -24.59 7.46 14.76
N LEU C 182 -23.48 7.81 14.10
CA LEU C 182 -22.76 6.89 13.24
C LEU C 182 -21.27 6.99 13.53
N ARG C 183 -20.55 5.90 13.25
CA ARG C 183 -19.09 5.87 13.36
C ARG C 183 -18.54 5.66 11.96
N ILE C 184 -17.92 6.69 11.41
CA ILE C 184 -17.58 6.76 9.99
C ILE C 184 -16.09 7.01 9.85
N THR C 185 -15.44 6.26 8.97
CA THR C 185 -14.07 6.52 8.55
C THR C 185 -14.10 7.01 7.11
N THR C 186 -13.61 8.21 6.87
CA THR C 186 -13.69 8.83 5.56
C THR C 186 -12.31 9.32 5.12
N THR C 187 -12.11 9.35 3.81
CA THR C 187 -10.87 9.83 3.19
C THR C 187 -11.24 11.03 2.33
N ALA C 188 -11.18 12.22 2.91
CA ALA C 188 -11.58 13.44 2.22
C ALA C 188 -10.42 14.04 1.45
N ALA C 189 -10.72 14.58 0.27
CA ALA C 189 -9.70 15.21 -0.54
C ALA C 189 -9.29 16.55 0.06
N CYS C 190 -8.01 16.90 -0.09
CA CYS C 190 -7.47 18.14 0.45
C CYS C 190 -6.45 18.69 -0.53
N MET C 191 -6.77 19.81 -1.17
CA MET C 191 -5.82 20.49 -2.05
C MET C 191 -4.64 20.99 -1.22
N MET C 192 -3.43 20.76 -1.73
CA MET C 192 -2.21 21.13 -1.04
C MET C 192 -1.34 22.00 -1.92
N ASP C 193 -0.73 23.01 -1.31
CA ASP C 193 0.20 23.93 -1.98
C ASP C 193 1.59 23.63 -1.44
N LEU C 194 2.34 22.79 -2.16
CA LEU C 194 3.63 22.30 -1.71
C LEU C 194 4.81 23.09 -2.29
N ARG C 195 4.58 24.35 -2.67
CA ARG C 195 5.69 25.17 -3.14
C ARG C 195 6.70 25.42 -2.03
N ARG C 196 6.22 25.66 -0.82
CA ARG C 196 7.07 25.97 0.32
C ARG C 196 7.49 24.73 1.10
N TYR C 197 7.27 23.54 0.55
CA TYR C 197 7.64 22.32 1.23
C TYR C 197 9.15 22.30 1.47
N PRO C 198 9.61 21.87 2.65
CA PRO C 198 8.86 21.34 3.80
C PRO C 198 8.44 22.39 4.81
N LEU C 199 8.49 23.68 4.46
CA LEU C 199 8.08 24.76 5.35
C LEU C 199 6.65 25.20 5.10
N ASP C 200 5.80 24.28 4.66
CA ASP C 200 4.44 24.60 4.22
C ASP C 200 3.46 24.55 5.39
N GLU C 201 2.26 25.06 5.13
CA GLU C 201 1.18 25.08 6.10
C GLU C 201 -0.12 24.80 5.38
N GLN C 202 -0.77 23.69 5.69
CA GLN C 202 -1.93 23.22 4.95
C GLN C 202 -3.22 23.58 5.67
N ASN C 203 -4.34 23.43 4.93
CA ASN C 203 -5.67 23.72 5.45
C ASN C 203 -6.63 22.74 4.80
N CYS C 204 -6.92 21.64 5.49
CA CYS C 204 -7.84 20.63 5.00
C CYS C 204 -9.22 20.81 5.61
N THR C 205 -10.24 20.47 4.83
CA THR C 205 -11.62 20.74 5.19
C THR C 205 -12.45 19.47 5.13
N LEU C 206 -13.71 19.60 5.55
CA LEU C 206 -14.71 18.53 5.43
C LEU C 206 -16.06 19.18 5.20
N GLU C 207 -16.69 18.87 4.07
CA GLU C 207 -17.92 19.51 3.66
C GLU C 207 -19.11 18.60 3.95
N ILE C 208 -20.12 19.15 4.62
CA ILE C 208 -21.34 18.41 4.97
C ILE C 208 -22.50 19.09 4.25
N GLU C 209 -23.26 18.31 3.48
CA GLU C 209 -24.29 18.87 2.64
C GLU C 209 -25.43 17.87 2.48
N SER C 210 -26.61 18.39 2.16
CA SER C 210 -27.78 17.56 1.91
C SER C 210 -27.92 17.32 0.40
N TYR C 211 -27.94 16.05 0.02
CA TYR C 211 -27.92 15.70 -1.40
C TYR C 211 -29.22 16.06 -2.10
N GLY C 212 -30.36 15.69 -1.52
CA GLY C 212 -31.63 15.87 -2.20
C GLY C 212 -32.40 17.13 -1.86
N TYR C 213 -32.61 17.37 -0.57
CA TYR C 213 -33.48 18.46 -0.15
C TYR C 213 -32.79 19.81 -0.31
N THR C 214 -33.60 20.85 -0.44
CA THR C 214 -33.13 22.22 -0.58
C THR C 214 -33.26 22.94 0.75
N THR C 215 -33.01 24.26 0.74
CA THR C 215 -33.07 25.04 1.96
C THR C 215 -34.49 25.14 2.50
N ASP C 216 -35.50 25.05 1.63
CA ASP C 216 -36.88 25.14 2.08
C ASP C 216 -37.30 23.87 2.82
N ASP C 217 -36.68 22.74 2.50
CA ASP C 217 -37.07 21.46 3.10
C ASP C 217 -36.29 21.16 4.37
N ILE C 218 -34.98 21.35 4.34
CA ILE C 218 -34.11 20.97 5.46
C ILE C 218 -33.16 22.11 5.76
N GLU C 219 -32.72 22.17 7.02
CA GLU C 219 -31.75 23.17 7.46
C GLU C 219 -30.69 22.51 8.32
N PHE C 220 -29.45 22.95 8.17
CA PHE C 220 -28.33 22.43 8.93
C PHE C 220 -27.78 23.50 9.86
N TYR C 221 -27.41 23.08 11.07
CA TYR C 221 -26.77 23.99 12.01
C TYR C 221 -25.93 23.18 12.98
N TRP C 222 -24.85 23.78 13.44
CA TRP C 222 -24.02 23.13 14.45
C TRP C 222 -24.72 23.17 15.80
N ARG C 223 -24.78 22.02 16.46
CA ARG C 223 -25.50 21.87 17.73
C ARG C 223 -24.54 22.21 18.86
N GLY C 224 -24.67 23.43 19.40
CA GLY C 224 -23.79 23.89 20.45
C GLY C 224 -22.83 25.01 20.05
N GLY C 225 -22.98 25.56 18.85
CA GLY C 225 -22.08 26.62 18.43
C GLY C 225 -20.67 26.09 18.23
N ASP C 226 -19.70 26.76 18.85
CA ASP C 226 -18.30 26.37 18.74
C ASP C 226 -17.99 25.08 19.48
N LYS C 227 -18.91 24.59 20.31
CA LYS C 227 -18.71 23.36 21.06
C LYS C 227 -19.19 22.13 20.30
N ALA C 228 -19.62 22.29 19.04
CA ALA C 228 -20.17 21.18 18.28
C ALA C 228 -19.13 20.09 18.04
N VAL C 229 -17.89 20.49 17.71
CA VAL C 229 -16.83 19.55 17.40
C VAL C 229 -15.94 19.40 18.63
N THR C 230 -15.79 18.16 19.08
CA THR C 230 -14.94 17.84 20.23
C THR C 230 -13.93 16.78 19.83
N GLY C 231 -12.87 16.66 20.63
CA GLY C 231 -11.84 15.68 20.38
C GLY C 231 -10.73 16.14 19.47
N VAL C 232 -10.57 17.44 19.26
CA VAL C 232 -9.50 17.94 18.40
C VAL C 232 -8.14 17.63 19.02
N GLU C 233 -8.03 17.67 20.34
CA GLU C 233 -6.77 17.39 21.00
C GLU C 233 -6.32 15.94 20.84
N ARG C 234 -7.23 15.04 20.46
CA ARG C 234 -6.85 13.64 20.25
C ARG C 234 -6.05 13.45 18.97
N ILE C 235 -5.99 14.45 18.09
CA ILE C 235 -5.27 14.31 16.83
C ILE C 235 -3.77 14.34 17.11
N GLU C 236 -3.09 13.25 16.75
CA GLU C 236 -1.65 13.12 16.96
C GLU C 236 -1.02 12.71 15.62
N LEU C 237 -0.68 13.71 14.82
CA LEU C 237 0.01 13.48 13.56
C LEU C 237 1.51 13.53 13.81
N PRO C 238 2.27 12.48 13.50
CA PRO C 238 3.72 12.51 13.76
C PRO C 238 4.46 13.57 12.96
N GLN C 239 3.89 14.04 11.85
CA GLN C 239 4.55 15.01 10.98
C GLN C 239 3.95 16.40 11.05
N PHE C 240 2.67 16.52 11.37
CA PHE C 240 1.97 17.81 11.39
C PHE C 240 1.58 18.19 12.82
N SER C 241 1.11 19.42 12.95
CA SER C 241 0.70 19.97 14.24
C SER C 241 -0.58 20.76 14.05
N ILE C 242 -1.65 20.36 14.73
CA ILE C 242 -2.91 21.07 14.65
C ILE C 242 -2.75 22.45 15.25
N VAL C 243 -3.09 23.48 14.48
CA VAL C 243 -2.95 24.86 14.89
C VAL C 243 -4.29 25.50 15.22
N GLU C 244 -5.31 25.26 14.38
CA GLU C 244 -6.60 25.90 14.56
C GLU C 244 -7.66 25.07 13.85
N HIS C 245 -8.91 25.26 14.25
CA HIS C 245 -10.04 24.67 13.56
C HIS C 245 -11.22 25.62 13.66
N ARG C 246 -12.00 25.70 12.58
CA ARG C 246 -13.13 26.61 12.50
C ARG C 246 -14.37 25.85 12.05
N LEU C 247 -15.53 26.42 12.38
CA LEU C 247 -16.83 25.89 11.97
C LEU C 247 -17.55 26.95 11.15
N VAL C 248 -18.03 26.57 9.97
CA VAL C 248 -18.65 27.49 9.03
C VAL C 248 -20.00 26.92 8.61
N SER C 249 -21.01 27.80 8.55
CA SER C 249 -22.33 27.46 8.02
C SER C 249 -22.68 28.45 6.93
N ARG C 250 -23.19 27.94 5.81
CA ARG C 250 -23.47 28.78 4.65
C ARG C 250 -24.44 28.05 3.74
N ASN C 251 -24.64 28.59 2.54
CA ASN C 251 -25.54 28.01 1.55
C ASN C 251 -24.82 27.92 0.21
N VAL C 252 -25.16 26.89 -0.56
CA VAL C 252 -24.52 26.61 -1.83
C VAL C 252 -25.58 26.41 -2.89
N VAL C 253 -25.37 26.97 -4.08
CA VAL C 253 -26.30 26.90 -5.19
C VAL C 253 -25.67 26.10 -6.32
N PHE C 254 -26.36 25.06 -6.76
CA PHE C 254 -25.95 24.24 -7.90
C PHE C 254 -26.91 24.47 -9.06
N ALA C 255 -26.68 23.72 -10.14
CA ALA C 255 -27.56 23.81 -11.30
C ALA C 255 -28.94 23.21 -11.03
N THR C 256 -29.04 22.28 -10.09
CA THR C 256 -30.31 21.64 -9.77
C THR C 256 -31.00 22.28 -8.56
N GLY C 257 -30.44 23.33 -7.99
CA GLY C 257 -31.05 24.02 -6.88
C GLY C 257 -30.01 24.48 -5.88
N ALA C 258 -30.48 24.80 -4.68
CA ALA C 258 -29.62 25.26 -3.60
C ALA C 258 -29.67 24.25 -2.45
N TYR C 259 -28.60 24.21 -1.66
CA TYR C 259 -28.49 23.26 -0.58
C TYR C 259 -27.78 23.90 0.61
N PRO C 260 -28.13 23.52 1.84
CA PRO C 260 -27.38 24.00 3.00
C PRO C 260 -26.01 23.37 3.07
N ARG C 261 -25.10 24.05 3.78
CA ARG C 261 -23.71 23.64 3.84
C ARG C 261 -23.16 23.80 5.25
N LEU C 262 -22.36 22.84 5.68
CA LEU C 262 -21.59 22.92 6.92
C LEU C 262 -20.15 22.54 6.61
N SER C 263 -19.20 23.25 7.21
CA SER C 263 -17.80 23.05 6.91
C SER C 263 -16.98 22.96 8.18
N LEU C 264 -16.13 21.94 8.27
CA LEU C 264 -15.16 21.77 9.36
C LEU C 264 -13.77 21.77 8.75
N SER C 265 -12.93 22.70 9.17
CA SER C 265 -11.62 22.88 8.57
C SER C 265 -10.55 22.99 9.64
N PHE C 266 -9.42 22.32 9.41
CA PHE C 266 -8.26 22.37 10.28
C PHE C 266 -7.12 23.10 9.58
N ARG C 267 -6.14 23.54 10.36
CA ARG C 267 -4.92 24.13 9.83
C ARG C 267 -3.72 23.35 10.38
N LEU C 268 -2.86 22.89 9.47
CA LEU C 268 -1.75 22.03 9.81
C LEU C 268 -0.43 22.74 9.53
N LYS C 269 0.54 22.53 10.40
CA LYS C 269 1.89 23.07 10.22
C LYS C 269 2.88 21.92 10.30
N ARG C 270 3.71 21.79 9.27
CA ARG C 270 4.65 20.68 9.20
C ARG C 270 5.79 20.88 10.19
N ASN C 271 6.32 19.75 10.68
CA ASN C 271 7.46 19.76 11.60
C ASN C 271 8.75 19.78 10.79
N ILE C 272 9.62 20.75 11.09
CA ILE C 272 10.84 20.95 10.31
C ILE C 272 12.05 20.26 10.93
N GLY C 273 11.91 19.64 12.11
CA GLY C 273 13.06 19.06 12.77
C GLY C 273 13.69 17.92 11.99
N TYR C 274 12.87 17.09 11.34
CA TYR C 274 13.41 15.96 10.61
C TYR C 274 14.22 16.41 9.40
N PHE C 275 13.75 17.44 8.69
CA PHE C 275 14.40 17.84 7.44
C PHE C 275 15.74 18.52 7.71
N ILE C 276 15.94 19.02 8.93
CA ILE C 276 17.22 19.64 9.27
C ILE C 276 18.32 18.59 9.32
N LEU C 277 18.03 17.45 9.97
CA LEU C 277 19.05 16.43 10.15
C LEU C 277 19.32 15.67 8.85
N GLN C 278 18.26 15.36 8.09
CA GLN C 278 18.42 14.43 6.98
C GLN C 278 18.74 15.16 5.68
N THR C 279 18.28 16.39 5.52
CA THR C 279 18.43 17.08 4.25
C THR C 279 19.34 18.30 4.32
N TYR C 280 19.04 19.26 5.20
CA TYR C 280 19.78 20.53 5.18
C TYR C 280 21.20 20.36 5.70
N MET C 281 21.37 19.68 6.83
CA MET C 281 22.70 19.57 7.41
C MET C 281 23.69 18.81 6.54
N PRO C 282 23.37 17.65 5.96
CA PRO C 282 24.36 16.99 5.08
C PRO C 282 24.78 17.85 3.90
N SER C 283 23.86 18.65 3.35
CA SER C 283 24.21 19.49 2.21
C SER C 283 25.12 20.64 2.61
N ILE C 284 24.90 21.21 3.80
CA ILE C 284 25.74 22.32 4.25
C ILE C 284 27.16 21.87 4.52
N LEU C 285 27.31 20.72 5.20
CA LEU C 285 28.65 20.24 5.56
C LEU C 285 29.47 19.93 4.31
N ILE C 286 28.84 19.32 3.30
CA ILE C 286 29.58 18.98 2.08
C ILE C 286 29.96 20.25 1.32
N THR C 287 29.09 21.25 1.33
CA THR C 287 29.44 22.53 0.72
C THR C 287 30.61 23.17 1.44
N ILE C 288 30.61 23.11 2.78
CA ILE C 288 31.77 23.59 3.55
C ILE C 288 33.00 22.74 3.23
N LEU C 289 32.80 21.42 3.12
CA LEU C 289 33.93 20.52 2.87
C LEU C 289 34.58 20.77 1.52
N SER C 290 33.87 21.39 0.57
CA SER C 290 34.46 21.72 -0.72
C SER C 290 35.32 22.97 -0.68
N TRP C 291 35.26 23.73 0.41
CA TRP C 291 36.12 24.90 0.57
C TRP C 291 37.51 24.54 1.07
N VAL C 292 37.73 23.28 1.47
CA VAL C 292 39.05 22.84 1.89
C VAL C 292 40.03 22.93 0.73
N SER C 293 39.53 22.82 -0.51
CA SER C 293 40.40 22.88 -1.68
C SER C 293 41.18 24.19 -1.75
N PHE C 294 40.58 25.28 -1.28
CA PHE C 294 41.24 26.58 -1.35
C PHE C 294 42.40 26.70 -0.35
N TRP C 295 42.50 25.80 0.61
CA TRP C 295 43.54 25.85 1.63
C TRP C 295 44.64 24.82 1.37
N ILE C 296 44.67 24.22 0.20
CA ILE C 296 45.71 23.26 -0.19
C ILE C 296 46.53 23.88 -1.30
N ASN C 297 47.85 23.71 -1.23
CA ASN C 297 48.74 24.28 -2.22
C ASN C 297 48.37 23.81 -3.62
N TYR C 298 48.38 24.75 -4.57
CA TYR C 298 47.82 24.50 -5.90
C TYR C 298 48.65 23.52 -6.72
N ASP C 299 49.86 23.18 -6.30
CA ASP C 299 50.64 22.20 -7.04
C ASP C 299 50.23 20.76 -6.72
N ALA C 300 49.41 20.55 -5.69
CA ALA C 300 48.90 19.22 -5.37
C ALA C 300 47.64 18.95 -6.21
N SER C 301 47.87 18.66 -7.49
CA SER C 301 46.76 18.49 -8.42
C SER C 301 45.92 17.28 -8.07
N ALA C 302 46.54 16.18 -7.66
CA ALA C 302 45.79 14.97 -7.36
C ALA C 302 44.89 15.14 -6.15
N ALA C 303 45.33 15.93 -5.16
CA ALA C 303 44.54 16.10 -3.95
C ALA C 303 43.35 17.02 -4.18
N ARG C 304 43.55 18.12 -4.91
CA ARG C 304 42.48 19.08 -5.09
C ARG C 304 41.44 18.58 -6.10
N VAL C 305 41.88 17.87 -7.14
CA VAL C 305 40.94 17.33 -8.11
C VAL C 305 40.09 16.24 -7.48
N ALA C 306 40.72 15.33 -6.72
CA ALA C 306 39.97 14.26 -6.07
C ALA C 306 38.97 14.81 -5.06
N LEU C 307 39.38 15.82 -4.28
CA LEU C 307 38.46 16.43 -3.33
C LEU C 307 37.34 17.17 -4.05
N GLY C 308 37.66 17.88 -5.13
CA GLY C 308 36.64 18.63 -5.83
C GLY C 308 35.60 17.75 -6.51
N ILE C 309 36.05 16.68 -7.16
CA ILE C 309 35.12 15.85 -7.93
C ILE C 309 34.35 14.87 -7.07
N THR C 310 34.88 14.50 -5.90
CA THR C 310 34.15 13.59 -5.02
C THR C 310 33.02 14.30 -4.30
N THR C 311 33.19 15.59 -3.97
CA THR C 311 32.10 16.35 -3.38
C THR C 311 30.95 16.50 -4.37
N VAL C 312 31.26 16.69 -5.66
CA VAL C 312 30.23 16.72 -6.68
C VAL C 312 29.50 15.39 -6.75
N LEU C 313 30.24 14.28 -6.70
CA LEU C 313 29.62 12.97 -6.69
C LEU C 313 28.77 12.78 -5.43
N THR C 314 29.29 13.23 -4.28
CA THR C 314 28.53 13.07 -3.04
C THR C 314 27.27 13.92 -3.05
N MET C 315 27.34 15.11 -3.65
CA MET C 315 26.16 15.97 -3.71
C MET C 315 25.06 15.35 -4.56
N THR C 316 25.43 14.73 -5.68
CA THR C 316 24.43 14.06 -6.51
C THR C 316 23.82 12.86 -5.80
N THR C 317 24.60 12.17 -4.96
CA THR C 317 24.06 11.04 -4.21
C THR C 317 22.96 11.49 -3.27
N ILE C 318 23.13 12.64 -2.62
CA ILE C 318 22.11 13.15 -1.72
C ILE C 318 20.84 13.49 -2.50
N ASN C 319 20.99 14.20 -3.62
CA ASN C 319 19.83 14.64 -4.39
C ASN C 319 19.07 13.47 -4.99
N THR C 320 19.80 12.53 -5.60
CA THR C 320 19.13 11.42 -6.30
C THR C 320 18.48 10.46 -5.32
N HIS C 321 19.08 10.25 -4.16
CA HIS C 321 18.53 9.33 -3.16
C HIS C 321 17.58 10.02 -2.20
N LEU C 322 17.30 11.30 -2.39
CA LEU C 322 16.30 12.00 -1.58
C LEU C 322 14.94 11.99 -2.25
N ARG C 323 14.91 12.08 -3.58
CA ARG C 323 13.64 12.02 -4.30
C ARG C 323 13.01 10.63 -4.23
N GLU C 324 13.81 9.60 -3.96
CA GLU C 324 13.29 8.24 -3.83
C GLU C 324 12.67 7.97 -2.47
N THR C 325 12.92 8.83 -1.48
CA THR C 325 12.37 8.66 -0.14
C THR C 325 11.26 9.64 0.17
N LEU C 326 11.41 10.90 -0.21
CA LEU C 326 10.36 11.89 -0.02
C LEU C 326 9.18 11.57 -0.94
N PRO C 327 7.98 12.03 -0.59
CA PRO C 327 6.82 11.82 -1.47
C PRO C 327 7.06 12.43 -2.84
N LYS C 328 6.64 11.70 -3.88
CA LYS C 328 6.91 12.09 -5.26
C LYS C 328 5.96 13.21 -5.65
N ILE C 329 6.42 14.45 -5.48
CA ILE C 329 5.65 15.64 -5.85
C ILE C 329 6.25 16.17 -7.14
N PRO C 330 5.53 16.11 -8.27
CA PRO C 330 6.17 16.30 -9.57
C PRO C 330 6.38 17.74 -10.00
N TYR C 331 6.36 18.70 -9.09
CA TYR C 331 6.71 20.07 -9.44
C TYR C 331 7.73 20.64 -8.46
N VAL C 332 8.21 21.84 -8.78
CA VAL C 332 9.32 22.43 -8.04
C VAL C 332 8.85 22.87 -6.65
N LYS C 333 9.60 22.50 -5.64
CA LYS C 333 9.32 22.84 -4.24
C LYS C 333 10.44 23.72 -3.70
N ALA C 334 10.34 24.05 -2.42
CA ALA C 334 11.36 24.86 -1.77
C ALA C 334 12.57 24.04 -1.34
N ILE C 335 12.47 22.72 -1.31
CA ILE C 335 13.62 21.89 -0.98
C ILE C 335 14.48 21.60 -2.19
N ASP C 336 13.93 21.71 -3.40
CA ASP C 336 14.72 21.51 -4.61
C ASP C 336 15.61 22.72 -4.89
N MET C 337 15.13 23.93 -4.59
CA MET C 337 15.94 25.12 -4.82
C MET C 337 17.19 25.12 -3.95
N TYR C 338 17.07 24.70 -2.70
CA TYR C 338 18.22 24.70 -1.81
C TYR C 338 19.26 23.68 -2.24
N LEU C 339 18.83 22.48 -2.60
CA LEU C 339 19.78 21.46 -3.04
C LEU C 339 20.46 21.85 -4.34
N MET C 340 19.70 22.44 -5.28
CA MET C 340 20.31 22.90 -6.52
C MET C 340 21.25 24.07 -6.27
N GLY C 341 20.95 24.91 -5.28
CA GLY C 341 21.87 25.98 -4.94
C GLY C 341 23.19 25.47 -4.41
N CYS C 342 23.16 24.47 -3.54
CA CYS C 342 24.40 23.88 -3.03
C CYS C 342 25.15 23.15 -4.13
N PHE C 343 24.45 22.53 -5.07
CA PHE C 343 25.11 21.84 -6.17
C PHE C 343 25.87 22.81 -7.07
N VAL C 344 25.39 24.04 -7.17
CA VAL C 344 26.12 25.05 -7.94
C VAL C 344 27.41 25.45 -7.23
N PHE C 345 27.35 25.61 -5.90
CA PHE C 345 28.53 26.05 -5.16
C PHE C 345 29.66 25.04 -5.24
N VAL C 346 29.34 23.75 -5.10
CA VAL C 346 30.37 22.73 -5.23
C VAL C 346 30.85 22.64 -6.68
N PHE C 347 29.95 22.90 -7.63
CA PHE C 347 30.35 22.92 -9.04
C PHE C 347 31.27 24.09 -9.33
N LEU C 348 30.99 25.26 -8.74
CA LEU C 348 31.84 26.42 -8.97
C LEU C 348 33.19 26.29 -8.27
N ALA C 349 33.23 25.58 -7.13
CA ALA C 349 34.50 25.40 -6.43
C ALA C 349 35.46 24.54 -7.24
N LEU C 350 34.92 23.60 -8.04
CA LEU C 350 35.77 22.80 -8.92
C LEU C 350 36.23 23.60 -10.13
N LEU C 351 35.41 24.50 -10.64
CA LEU C 351 35.82 25.37 -11.73
C LEU C 351 36.92 26.34 -11.30
N GLU C 352 36.89 26.75 -10.04
CA GLU C 352 37.89 27.70 -9.55
C GLU C 352 39.30 27.13 -9.64
N TYR C 353 39.46 25.86 -9.26
CA TYR C 353 40.80 25.26 -9.31
C TYR C 353 41.27 25.06 -10.75
N ALA C 354 40.35 24.73 -11.66
CA ALA C 354 40.75 24.52 -13.05
C ALA C 354 41.36 25.77 -13.65
N PHE C 355 40.80 26.94 -13.34
CA PHE C 355 41.41 28.19 -13.76
C PHE C 355 42.77 28.38 -13.09
N VAL C 356 42.88 28.05 -11.80
CA VAL C 356 44.15 28.16 -11.10
C VAL C 356 45.17 27.19 -11.69
N ASN C 357 44.74 25.95 -11.97
CA ASN C 357 45.65 24.95 -12.53
C ASN C 357 46.13 25.33 -13.92
N TYR C 358 45.41 26.21 -14.61
CA TYR C 358 45.77 26.58 -15.98
C TYR C 358 46.74 27.75 -16.06
N ILE C 359 46.81 28.59 -15.03
CA ILE C 359 47.60 29.82 -15.08
C ILE C 359 48.73 29.84 -14.07
N PHE C 360 48.84 28.84 -13.19
CA PHE C 360 49.83 28.92 -12.13
C PHE C 360 51.24 28.71 -12.64
N PHE C 361 51.41 28.08 -13.80
CA PHE C 361 52.76 27.86 -14.32
C PHE C 361 53.35 29.15 -14.88
N SER C 362 52.55 29.94 -15.60
CA SER C 362 53.03 31.17 -16.21
C SER C 362 52.81 32.40 -15.36
N GLN C 363 51.77 32.42 -14.53
CA GLN C 363 51.47 33.54 -13.65
C GLN C 363 51.27 33.04 -12.23
N PRO C 364 52.36 32.70 -11.54
CA PRO C 364 52.22 32.19 -10.16
C PRO C 364 51.56 33.17 -9.21
N ALA C 365 51.79 34.47 -9.39
CA ALA C 365 51.20 35.46 -8.49
C ALA C 365 49.69 35.54 -8.68
N ARG C 366 49.22 35.56 -9.93
CA ARG C 366 47.79 35.68 -10.18
C ARG C 366 47.02 34.46 -9.68
N ALA C 367 47.59 33.27 -9.86
CA ALA C 367 46.94 32.06 -9.35
C ALA C 367 46.86 32.06 -7.83
N ALA C 368 47.92 32.52 -7.17
CA ALA C 368 47.89 32.59 -5.71
C ALA C 368 46.88 33.63 -5.22
N ALA C 369 46.73 34.73 -5.96
CA ALA C 369 45.75 35.75 -5.57
C ALA C 369 44.33 35.21 -5.64
N ILE C 370 44.04 34.40 -6.67
CA ILE C 370 42.69 33.84 -6.81
C ILE C 370 42.37 32.92 -5.64
N ASP C 371 43.36 32.15 -5.18
CA ASP C 371 43.12 31.25 -4.05
C ASP C 371 42.77 32.01 -2.78
N ARG C 372 43.47 33.10 -2.50
CA ARG C 372 43.18 33.87 -1.29
C ARG C 372 41.79 34.47 -1.32
N TRP C 373 41.40 35.04 -2.47
CA TRP C 373 40.07 35.64 -2.57
C TRP C 373 38.98 34.58 -2.53
N SER C 374 39.27 33.37 -3.00
CA SER C 374 38.28 32.30 -2.93
C SER C 374 37.98 31.90 -1.49
N ARG C 375 38.97 32.02 -0.61
CA ARG C 375 38.76 31.67 0.80
C ARG C 375 37.79 32.61 1.49
N ILE C 376 37.54 33.78 0.91
CA ILE C 376 36.64 34.77 1.49
C ILE C 376 35.32 34.83 0.73
N VAL C 377 35.38 34.89 -0.60
CA VAL C 377 34.18 35.07 -1.41
C VAL C 377 33.24 33.88 -1.27
N PHE C 378 33.79 32.67 -1.35
CA PHE C 378 32.94 31.48 -1.30
C PHE C 378 32.20 31.34 0.03
N PRO C 379 32.83 31.44 1.20
CA PRO C 379 32.03 31.42 2.43
C PRO C 379 31.08 32.59 2.56
N PHE C 380 31.46 33.77 2.05
CA PHE C 380 30.61 34.95 2.20
C PHE C 380 29.35 34.84 1.35
N THR C 381 29.51 34.48 0.07
CA THR C 381 28.35 34.40 -0.81
C THR C 381 27.42 33.25 -0.46
N PHE C 382 27.92 32.23 0.23
CA PHE C 382 27.05 31.16 0.71
C PHE C 382 26.18 31.65 1.87
N SER C 383 26.70 32.58 2.68
CA SER C 383 25.88 33.17 3.74
C SER C 383 24.75 33.99 3.17
N LEU C 384 25.01 34.75 2.11
CA LEU C 384 23.95 35.52 1.47
C LEU C 384 22.89 34.61 0.85
N PHE C 385 23.31 33.47 0.30
CA PHE C 385 22.35 32.53 -0.25
C PHE C 385 21.43 31.98 0.83
N ASN C 386 21.99 31.63 2.00
CA ASN C 386 21.16 31.14 3.09
C ASN C 386 20.30 32.25 3.69
N LEU C 387 20.88 33.46 3.83
CA LEU C 387 20.11 34.57 4.40
C LEU C 387 18.92 34.92 3.54
N VAL C 388 19.11 34.98 2.22
CA VAL C 388 18.00 35.25 1.31
C VAL C 388 17.01 34.08 1.32
N TYR C 389 17.51 32.85 1.29
CA TYR C 389 16.64 31.68 1.22
C TYR C 389 15.76 31.58 2.46
N TRP C 390 16.38 31.62 3.65
CA TRP C 390 15.62 31.38 4.88
C TRP C 390 14.62 32.49 5.14
N LEU C 391 15.01 33.75 4.94
CA LEU C 391 14.09 34.85 5.18
C LEU C 391 12.91 34.81 4.23
N TYR C 392 13.16 34.45 2.97
CA TYR C 392 12.07 34.38 1.99
C TYR C 392 11.06 33.29 2.36
N TYR C 393 11.54 32.13 2.80
CA TYR C 393 10.67 31.01 3.09
C TYR C 393 10.26 30.92 4.56
N VAL C 394 10.71 31.85 5.41
CA VAL C 394 10.27 31.88 6.79
C VAL C 394 9.81 33.27 7.17
N THR D 65 -50.74 15.40 3.64
CA THR D 65 -49.95 14.32 4.22
C THR D 65 -50.28 12.99 3.56
N THR D 66 -51.47 12.47 3.88
CA THR D 66 -51.89 11.18 3.32
C THR D 66 -52.17 11.27 1.82
N VAL D 67 -52.42 12.47 1.29
CA VAL D 67 -52.70 12.62 -0.13
C VAL D 67 -51.51 12.17 -0.97
N PHE D 68 -50.30 12.59 -0.58
CA PHE D 68 -49.11 12.19 -1.31
C PHE D 68 -48.86 10.69 -1.16
N THR D 69 -49.23 10.10 -0.03
CA THR D 69 -49.07 8.66 0.15
C THR D 69 -49.93 7.90 -0.84
N ARG D 70 -51.18 8.34 -1.05
CA ARG D 70 -52.06 7.65 -1.98
C ARG D 70 -51.57 7.78 -3.41
N ILE D 71 -51.05 8.95 -3.78
CA ILE D 71 -50.57 9.14 -5.15
C ILE D 71 -49.40 8.22 -5.44
N LEU D 72 -48.45 8.11 -4.50
CA LEU D 72 -47.29 7.26 -4.71
C LEU D 72 -47.70 5.79 -4.80
N ASP D 73 -48.63 5.35 -3.95
CA ASP D 73 -49.10 3.98 -4.00
C ASP D 73 -49.84 3.69 -5.30
N ARG D 74 -50.50 4.70 -5.88
CA ARG D 74 -51.26 4.49 -7.11
C ARG D 74 -50.36 4.37 -8.33
N LEU D 75 -49.24 5.10 -8.36
CA LEU D 75 -48.37 5.08 -9.53
C LEU D 75 -47.79 3.69 -9.77
N LEU D 76 -47.36 3.02 -8.71
CA LEU D 76 -46.74 1.71 -8.85
C LEU D 76 -47.74 0.58 -9.07
N ASP D 77 -49.04 0.87 -9.00
CA ASP D 77 -50.04 -0.15 -9.23
C ASP D 77 -50.13 -0.45 -10.73
N GLY D 78 -49.93 -1.71 -11.09
CA GLY D 78 -49.95 -2.11 -12.49
C GLY D 78 -48.82 -1.51 -13.30
N TYR D 79 -47.64 -1.42 -12.71
CA TYR D 79 -46.46 -0.86 -13.38
C TYR D 79 -45.43 -1.96 -13.56
N ASP D 80 -44.91 -2.09 -14.77
CA ASP D 80 -43.92 -3.10 -15.11
C ASP D 80 -42.58 -2.41 -15.33
N ASN D 81 -41.59 -2.78 -14.53
CA ASN D 81 -40.26 -2.17 -14.62
C ASN D 81 -39.31 -2.96 -15.51
N ARG D 82 -39.77 -4.08 -16.09
CA ARG D 82 -38.95 -4.82 -17.03
C ARG D 82 -38.99 -4.23 -18.43
N LEU D 83 -39.91 -3.32 -18.70
CA LEU D 83 -40.13 -2.78 -20.04
C LEU D 83 -39.79 -1.30 -20.05
N ARG D 84 -39.00 -0.88 -21.03
CA ARG D 84 -38.66 0.53 -21.18
C ARG D 84 -39.89 1.32 -21.60
N PRO D 85 -39.92 2.62 -21.28
CA PRO D 85 -41.04 3.45 -21.74
C PRO D 85 -41.15 3.45 -23.25
N GLY D 86 -42.38 3.37 -23.74
CA GLY D 86 -42.61 3.34 -25.18
C GLY D 86 -42.01 2.13 -25.88
N LEU D 87 -42.14 0.96 -25.28
CA LEU D 87 -41.59 -0.26 -25.87
C LEU D 87 -42.47 -0.67 -27.06
N GLY D 88 -41.85 -0.76 -28.23
CA GLY D 88 -42.57 -1.12 -29.43
C GLY D 88 -43.34 0.00 -30.08
N GLU D 89 -43.28 1.21 -29.55
CA GLU D 89 -43.99 2.36 -30.08
C GLU D 89 -43.07 3.49 -30.51
N ARG D 90 -42.06 3.81 -29.71
CA ARG D 90 -41.16 4.91 -30.01
C ARG D 90 -39.78 4.57 -29.45
N VAL D 91 -38.89 5.55 -29.45
CA VAL D 91 -37.52 5.39 -28.95
C VAL D 91 -37.36 6.26 -27.71
N THR D 92 -36.88 5.65 -26.64
CA THR D 92 -36.65 6.39 -25.41
C THR D 92 -35.47 7.34 -25.58
N GLU D 93 -35.68 8.60 -25.24
CA GLU D 93 -34.65 9.63 -25.36
C GLU D 93 -34.19 10.06 -23.98
N VAL D 94 -32.88 10.01 -23.75
CA VAL D 94 -32.29 10.36 -22.47
C VAL D 94 -31.41 11.58 -22.66
N LYS D 95 -31.64 12.62 -21.88
CA LYS D 95 -30.83 13.83 -21.90
C LYS D 95 -29.86 13.80 -20.75
N THR D 96 -28.57 13.94 -21.06
CA THR D 96 -27.50 13.76 -20.09
C THR D 96 -26.64 15.01 -20.02
N ASP D 97 -26.23 15.36 -18.79
CA ASP D 97 -25.24 16.40 -18.58
C ASP D 97 -24.39 16.01 -17.37
N ILE D 98 -23.16 16.50 -17.36
CA ILE D 98 -22.18 16.11 -16.36
C ILE D 98 -21.60 17.36 -15.72
N PHE D 99 -21.51 17.35 -14.39
CA PHE D 99 -20.84 18.41 -13.63
C PHE D 99 -19.65 17.78 -12.91
N VAL D 100 -18.46 17.99 -13.45
CA VAL D 100 -17.24 17.41 -12.88
C VAL D 100 -16.86 18.21 -11.65
N THR D 101 -16.98 17.59 -10.47
CA THR D 101 -16.64 18.29 -9.24
C THR D 101 -15.14 18.42 -9.05
N SER D 102 -14.38 17.41 -9.47
CA SER D 102 -12.93 17.44 -9.29
C SER D 102 -12.29 16.44 -10.24
N PHE D 103 -11.48 16.93 -11.17
CA PHE D 103 -10.71 16.05 -12.06
C PHE D 103 -9.51 15.52 -11.27
N GLY D 104 -9.57 14.26 -10.88
CA GLY D 104 -8.63 13.70 -9.94
C GLY D 104 -7.27 13.42 -10.53
N PRO D 105 -6.44 12.71 -9.77
CA PRO D 105 -5.05 12.49 -10.21
C PRO D 105 -4.97 11.60 -11.44
N VAL D 106 -3.91 11.82 -12.22
CA VAL D 106 -3.64 11.05 -13.42
C VAL D 106 -2.42 10.17 -13.14
N SER D 107 -2.57 8.86 -13.32
CA SER D 107 -1.51 7.90 -13.05
C SER D 107 -0.86 7.48 -14.37
N ASP D 108 0.42 7.78 -14.53
CA ASP D 108 1.13 7.43 -15.76
C ASP D 108 1.47 5.94 -15.81
N HIS D 109 1.82 5.36 -14.66
CA HIS D 109 2.21 3.95 -14.64
C HIS D 109 1.05 3.03 -15.03
N ASP D 110 -0.15 3.32 -14.53
CA ASP D 110 -1.32 2.52 -14.85
C ASP D 110 -2.09 3.03 -16.06
N MET D 111 -1.72 4.20 -16.59
CA MET D 111 -2.39 4.81 -17.73
C MET D 111 -3.88 4.94 -17.48
N GLU D 112 -4.21 5.71 -16.44
CA GLU D 112 -5.59 5.90 -16.02
C GLU D 112 -5.72 7.26 -15.34
N TYR D 113 -6.96 7.60 -14.98
CA TYR D 113 -7.22 8.83 -14.25
C TYR D 113 -8.52 8.66 -13.47
N THR D 114 -8.65 9.44 -12.40
CA THR D 114 -9.83 9.43 -11.56
C THR D 114 -10.62 10.72 -11.77
N ILE D 115 -11.93 10.64 -11.72
CA ILE D 115 -12.79 11.79 -11.91
C ILE D 115 -14.05 11.62 -11.09
N ASP D 116 -14.46 12.68 -10.40
CA ASP D 116 -15.69 12.71 -9.63
C ASP D 116 -16.70 13.59 -10.35
N VAL D 117 -17.91 13.06 -10.58
CA VAL D 117 -18.92 13.73 -11.39
C VAL D 117 -20.26 13.67 -10.69
N PHE D 118 -21.18 14.52 -11.15
CA PHE D 118 -22.59 14.51 -10.77
C PHE D 118 -23.37 14.13 -12.03
N PHE D 119 -23.54 12.83 -12.24
CA PHE D 119 -24.15 12.31 -13.46
C PHE D 119 -25.66 12.55 -13.41
N ARG D 120 -26.17 13.31 -14.36
CA ARG D 120 -27.59 13.62 -14.43
C ARG D 120 -28.20 13.01 -15.68
N GLN D 121 -29.43 12.50 -15.56
CA GLN D 121 -30.15 11.91 -16.68
C GLN D 121 -31.60 12.31 -16.58
N SER D 122 -32.26 12.38 -17.75
CA SER D 122 -33.65 12.78 -17.81
C SER D 122 -34.32 12.09 -18.99
N TRP D 123 -35.53 11.60 -18.77
CA TRP D 123 -36.30 10.95 -19.82
C TRP D 123 -37.77 11.05 -19.50
N LYS D 124 -38.60 10.83 -20.52
CA LYS D 124 -40.05 10.93 -20.42
C LYS D 124 -40.64 9.55 -20.22
N ASP D 125 -41.55 9.42 -19.26
CA ASP D 125 -42.26 8.18 -18.99
C ASP D 125 -43.75 8.50 -18.86
N GLU D 126 -44.55 8.00 -19.82
CA GLU D 126 -45.98 8.30 -19.81
C GLU D 126 -46.70 7.60 -18.66
N ARG D 127 -46.17 6.46 -18.21
CA ARG D 127 -46.84 5.67 -17.18
C ARG D 127 -46.81 6.34 -15.81
N LEU D 128 -45.99 7.36 -15.61
CA LEU D 128 -45.85 8.02 -14.32
C LEU D 128 -46.53 9.39 -14.28
N LYS D 129 -47.54 9.60 -15.11
CA LYS D 129 -48.32 10.81 -15.03
C LYS D 129 -49.18 10.82 -13.78
N PHE D 130 -49.40 12.00 -13.22
CA PHE D 130 -50.24 12.15 -12.04
C PHE D 130 -50.76 13.57 -11.99
N LYS D 131 -51.79 13.78 -11.17
CA LYS D 131 -52.34 15.09 -10.90
C LYS D 131 -52.57 15.23 -9.40
N GLY D 132 -52.09 16.33 -8.82
CA GLY D 132 -52.20 16.53 -7.40
C GLY D 132 -51.91 17.96 -6.98
N PRO D 133 -51.83 18.18 -5.67
CA PRO D 133 -51.59 19.55 -5.17
C PRO D 133 -50.28 20.15 -5.65
N MET D 134 -49.23 19.34 -5.77
CA MET D 134 -47.92 19.81 -6.22
C MET D 134 -47.66 19.31 -7.64
N THR D 135 -46.52 19.77 -8.19
CA THR D 135 -46.13 19.41 -9.54
C THR D 135 -44.87 18.56 -9.61
N VAL D 136 -44.04 18.56 -8.57
CA VAL D 136 -42.80 17.81 -8.54
C VAL D 136 -42.80 16.95 -7.28
N LEU D 137 -42.45 15.66 -7.44
CA LEU D 137 -42.37 14.72 -6.34
C LEU D 137 -40.90 14.40 -6.10
N ARG D 138 -40.29 15.14 -5.16
CA ARG D 138 -38.88 14.92 -4.79
C ARG D 138 -38.80 13.69 -3.91
N LEU D 139 -38.84 12.53 -4.56
CA LEU D 139 -38.89 11.25 -3.86
C LEU D 139 -37.51 10.86 -3.35
N ASN D 140 -37.50 9.88 -2.45
CA ASN D 140 -36.28 9.35 -1.89
C ASN D 140 -35.62 8.38 -2.87
N ASN D 141 -34.35 8.05 -2.61
CA ASN D 141 -33.62 7.16 -3.50
C ASN D 141 -34.13 5.73 -3.47
N LEU D 142 -34.94 5.38 -2.47
CA LEU D 142 -35.52 4.04 -2.43
C LEU D 142 -36.51 3.83 -3.56
N MET D 143 -37.17 4.90 -4.01
CA MET D 143 -38.19 4.76 -5.05
C MET D 143 -37.60 4.39 -6.40
N ALA D 144 -36.34 4.77 -6.65
CA ALA D 144 -35.76 4.58 -7.97
C ALA D 144 -35.64 3.11 -8.34
N SER D 145 -35.57 2.22 -7.35
CA SER D 145 -35.46 0.80 -7.64
C SER D 145 -36.78 0.19 -8.11
N LYS D 146 -37.89 0.90 -7.96
CA LYS D 146 -39.21 0.38 -8.33
C LYS D 146 -39.60 0.69 -9.77
N ILE D 147 -38.84 1.52 -10.48
CA ILE D 147 -39.20 1.95 -11.82
C ILE D 147 -38.01 1.72 -12.75
N TRP D 148 -38.29 1.84 -14.05
CA TRP D 148 -37.27 1.62 -15.07
C TRP D 148 -36.30 2.80 -15.09
N THR D 149 -35.01 2.49 -15.14
CA THR D 149 -33.96 3.49 -15.28
C THR D 149 -32.99 3.05 -16.35
N PRO D 150 -32.37 4.00 -17.07
CA PRO D 150 -31.40 3.62 -18.10
C PRO D 150 -30.20 2.89 -17.51
N ASP D 151 -29.69 1.93 -18.26
CA ASP D 151 -28.54 1.13 -17.83
C ASP D 151 -27.24 1.71 -18.39
N THR D 152 -27.00 2.98 -18.07
CA THR D 152 -25.82 3.66 -18.56
C THR D 152 -24.57 3.13 -17.88
N PHE D 153 -23.52 2.91 -18.67
CA PHE D 153 -22.23 2.46 -18.15
C PHE D 153 -21.14 3.16 -18.93
N PHE D 154 -19.93 3.16 -18.38
CA PHE D 154 -18.78 3.80 -19.00
C PHE D 154 -17.95 2.76 -19.74
N HIS D 155 -17.72 2.99 -21.02
CA HIS D 155 -17.06 1.99 -21.86
C HIS D 155 -15.63 1.75 -21.42
N ASN D 156 -14.89 2.80 -21.09
CA ASN D 156 -13.48 2.69 -20.74
C ASN D 156 -13.25 2.72 -19.24
N GLY D 157 -14.29 2.59 -18.44
CA GLY D 157 -14.12 2.55 -17.01
C GLY D 157 -13.41 1.30 -16.54
N LYS D 158 -12.65 1.44 -15.46
CA LYS D 158 -11.94 0.32 -14.86
C LYS D 158 -12.59 -0.18 -13.58
N LYS D 159 -12.85 0.71 -12.63
CA LYS D 159 -13.60 0.34 -11.43
C LYS D 159 -14.18 1.62 -10.84
N SER D 160 -15.48 1.79 -10.98
CA SER D 160 -16.17 2.98 -10.50
C SER D 160 -16.84 2.69 -9.15
N VAL D 161 -17.23 3.76 -8.47
CA VAL D 161 -17.84 3.69 -7.15
C VAL D 161 -19.06 4.58 -7.13
N ALA D 162 -20.17 4.05 -6.63
CA ALA D 162 -21.38 4.83 -6.36
C ALA D 162 -21.47 5.00 -4.85
N HIS D 163 -21.28 6.22 -4.38
CA HIS D 163 -21.14 6.46 -2.95
C HIS D 163 -22.44 6.18 -2.21
N ASN D 164 -22.32 5.65 -1.00
CA ASN D 164 -23.44 5.29 -0.14
C ASN D 164 -23.21 5.80 1.28
N MET D 165 -22.80 7.05 1.40
CA MET D 165 -22.52 7.65 2.70
C MET D 165 -23.11 9.05 2.74
N THR D 166 -24.00 9.31 3.69
CA THR D 166 -24.43 8.32 4.67
C THR D 166 -25.63 7.54 4.13
N MET D 167 -26.13 8.00 2.99
CA MET D 167 -27.24 7.38 2.28
C MET D 167 -26.86 7.33 0.81
N PRO D 168 -27.51 6.48 0.02
CA PRO D 168 -27.22 6.44 -1.41
C PRO D 168 -27.36 7.82 -2.04
N ASN D 169 -26.30 8.24 -2.74
CA ASN D 169 -26.25 9.58 -3.32
C ASN D 169 -27.01 9.59 -4.65
N LYS D 170 -28.33 9.46 -4.54
CA LYS D 170 -29.22 9.50 -5.68
C LYS D 170 -30.44 10.33 -5.33
N LEU D 171 -31.03 10.96 -6.35
CA LEU D 171 -32.27 11.68 -6.18
C LEU D 171 -33.15 11.42 -7.40
N LEU D 172 -34.43 11.21 -7.16
CA LEU D 172 -35.40 10.97 -8.22
C LEU D 172 -36.53 11.97 -8.08
N ARG D 173 -36.81 12.72 -9.14
CA ARG D 173 -37.86 13.73 -9.16
C ARG D 173 -38.81 13.43 -10.32
N ILE D 174 -40.11 13.43 -10.04
CA ILE D 174 -41.12 13.09 -11.02
C ILE D 174 -42.02 14.31 -11.21
N THR D 175 -41.97 14.90 -12.40
CA THR D 175 -42.89 15.97 -12.74
C THR D 175 -44.26 15.40 -13.07
N GLU D 176 -45.28 16.26 -13.05
CA GLU D 176 -46.65 15.79 -13.27
C GLU D 176 -46.83 15.22 -14.67
N ASP D 177 -46.22 15.83 -15.68
CA ASP D 177 -46.39 15.36 -17.05
C ASP D 177 -45.70 14.04 -17.33
N GLY D 178 -44.86 13.55 -16.41
CA GLY D 178 -44.17 12.29 -16.57
C GLY D 178 -42.67 12.40 -16.73
N THR D 179 -42.13 13.61 -16.84
CA THR D 179 -40.69 13.77 -16.98
C THR D 179 -39.99 13.35 -15.69
N LEU D 180 -38.92 12.57 -15.84
CA LEU D 180 -38.15 12.07 -14.70
C LEU D 180 -36.75 12.65 -14.72
N LEU D 181 -36.28 13.09 -13.56
CA LEU D 181 -34.92 13.58 -13.39
C LEU D 181 -34.18 12.64 -12.47
N TYR D 182 -33.05 12.10 -12.94
CA TYR D 182 -32.29 11.11 -12.20
C TYR D 182 -30.85 11.60 -12.07
N THR D 183 -30.37 11.72 -10.84
CA THR D 183 -29.04 12.26 -10.56
C THR D 183 -28.32 11.33 -9.59
N MET D 184 -27.01 11.20 -9.78
CA MET D 184 -26.20 10.37 -8.90
C MET D 184 -24.78 10.91 -8.87
N ARG D 185 -24.06 10.54 -7.81
CA ARG D 185 -22.68 10.95 -7.61
C ARG D 185 -21.77 9.75 -7.77
N LEU D 186 -20.75 9.88 -8.61
CA LEU D 186 -19.92 8.76 -9.01
C LEU D 186 -18.44 9.13 -8.92
N THR D 187 -17.60 8.11 -8.81
CA THR D 187 -16.15 8.25 -8.87
C THR D 187 -15.64 7.24 -9.88
N VAL D 188 -15.21 7.71 -11.04
CA VAL D 188 -14.93 6.86 -12.19
C VAL D 188 -13.43 6.83 -12.43
N ARG D 189 -12.89 5.63 -12.63
CA ARG D 189 -11.52 5.43 -13.08
C ARG D 189 -11.58 4.94 -14.52
N ALA D 190 -10.92 5.65 -15.42
CA ALA D 190 -11.02 5.37 -16.85
C ALA D 190 -9.64 5.19 -17.46
N GLU D 191 -9.58 4.41 -18.53
CA GLU D 191 -8.34 4.17 -19.23
C GLU D 191 -7.98 5.36 -20.11
N CYS D 192 -6.70 5.73 -20.11
CA CYS D 192 -6.18 6.79 -20.98
C CYS D 192 -4.93 6.28 -21.66
N PRO D 193 -5.06 5.71 -22.87
CA PRO D 193 -3.88 5.24 -23.60
C PRO D 193 -2.94 6.38 -23.94
N MET D 194 -1.73 6.31 -23.41
CA MET D 194 -0.75 7.39 -23.54
C MET D 194 0.38 6.97 -24.48
N HIS D 195 0.74 7.86 -25.39
CA HIS D 195 1.92 7.70 -26.23
C HIS D 195 3.02 8.55 -25.61
N LEU D 196 3.93 7.89 -24.88
CA LEU D 196 4.95 8.56 -24.09
C LEU D 196 6.27 8.70 -24.84
N GLU D 197 6.24 8.85 -26.16
CA GLU D 197 7.47 9.04 -26.92
C GLU D 197 8.11 10.39 -26.61
N ASP D 198 7.29 11.42 -26.36
CA ASP D 198 7.77 12.77 -26.14
C ASP D 198 7.90 13.12 -24.66
N PHE D 199 7.98 12.11 -23.80
CA PHE D 199 8.11 12.38 -22.37
C PHE D 199 9.41 13.15 -22.10
N PRO D 200 9.37 14.19 -21.26
CA PRO D 200 8.23 14.71 -20.51
C PRO D 200 7.58 15.91 -21.18
N MET D 201 7.67 16.06 -22.49
CA MET D 201 7.08 17.17 -23.23
C MET D 201 5.89 16.71 -24.07
N ASP D 202 5.08 15.82 -23.51
CA ASP D 202 3.97 15.19 -24.23
C ASP D 202 2.65 15.77 -23.79
N ALA D 203 1.64 15.57 -24.63
CA ALA D 203 0.26 15.97 -24.35
C ALA D 203 -0.65 14.78 -24.58
N HIS D 204 -1.80 14.80 -23.92
CA HIS D 204 -2.73 13.67 -23.97
C HIS D 204 -4.16 14.20 -24.07
N ALA D 205 -5.04 13.32 -24.56
CA ALA D 205 -6.47 13.59 -24.64
C ALA D 205 -7.18 12.40 -24.03
N CYS D 206 -7.35 12.42 -22.71
CA CYS D 206 -7.96 11.30 -22.00
C CYS D 206 -9.47 11.32 -22.23
N PRO D 207 -10.06 10.24 -22.77
CA PRO D 207 -11.48 10.24 -23.08
C PRO D 207 -12.34 9.78 -21.92
N LEU D 208 -13.65 9.90 -22.11
CA LEU D 208 -14.64 9.41 -21.15
C LEU D 208 -15.90 9.07 -21.95
N LYS D 209 -16.08 7.80 -22.26
CA LYS D 209 -17.18 7.33 -23.09
C LYS D 209 -18.21 6.63 -22.23
N PHE D 210 -19.49 6.91 -22.49
CA PHE D 210 -20.57 6.24 -21.80
C PHE D 210 -21.75 6.04 -22.74
N GLY D 211 -22.62 5.12 -22.38
CA GLY D 211 -23.80 4.85 -23.19
C GLY D 211 -24.56 3.68 -22.62
N SER D 212 -25.57 3.25 -23.36
CA SER D 212 -26.40 2.12 -22.94
C SER D 212 -25.63 0.82 -23.12
N TYR D 213 -25.98 -0.17 -22.30
CA TYR D 213 -25.33 -1.47 -22.34
C TYR D 213 -26.16 -2.53 -23.06
N ALA D 214 -27.48 -2.52 -22.89
CA ALA D 214 -28.34 -3.55 -23.45
C ALA D 214 -29.27 -3.06 -24.54
N TYR D 215 -29.50 -1.75 -24.65
CA TYR D 215 -30.46 -1.20 -25.59
C TYR D 215 -29.73 -0.58 -26.78
N THR D 216 -30.11 -0.99 -27.98
CA THR D 216 -29.49 -0.51 -29.20
C THR D 216 -30.02 0.88 -29.56
N ARG D 217 -29.49 1.45 -30.64
CA ARG D 217 -29.89 2.79 -31.06
C ARG D 217 -31.34 2.85 -31.52
N ALA D 218 -31.95 1.71 -31.82
CA ALA D 218 -33.36 1.66 -32.18
C ALA D 218 -34.27 1.66 -30.97
N GLU D 219 -33.73 1.58 -29.75
CA GLU D 219 -34.50 1.53 -28.53
C GLU D 219 -34.23 2.70 -27.61
N VAL D 220 -32.95 3.01 -27.36
CA VAL D 220 -32.57 4.09 -26.46
C VAL D 220 -31.49 4.93 -27.13
N VAL D 221 -31.68 6.25 -27.13
CA VAL D 221 -30.71 7.19 -27.67
C VAL D 221 -30.36 8.18 -26.58
N TYR D 222 -29.17 8.79 -26.70
CA TYR D 222 -28.67 9.73 -25.71
C TYR D 222 -28.41 11.07 -26.37
N GLU D 223 -28.79 12.14 -25.68
CA GLU D 223 -28.57 13.51 -26.15
C GLU D 223 -28.05 14.33 -24.99
N TRP D 224 -27.34 15.40 -25.32
CA TRP D 224 -26.91 16.37 -24.31
C TRP D 224 -28.06 17.31 -24.00
N THR D 225 -28.18 17.68 -22.72
CA THR D 225 -29.30 18.52 -22.28
C THR D 225 -29.28 19.87 -22.99
N ARG D 226 -28.10 20.47 -23.12
CA ARG D 226 -27.95 21.77 -23.77
C ARG D 226 -26.90 21.60 -24.87
N GLU D 227 -26.39 22.71 -25.37
CA GLU D 227 -25.35 22.65 -26.40
C GLU D 227 -24.20 21.76 -25.90
N PRO D 228 -23.62 20.94 -26.77
CA PRO D 228 -22.64 19.94 -26.31
C PRO D 228 -21.47 20.54 -25.56
N ALA D 229 -21.01 21.74 -25.94
CA ALA D 229 -19.89 22.35 -25.25
C ALA D 229 -20.25 22.71 -23.80
N ARG D 230 -21.49 23.14 -23.58
CA ARG D 230 -21.92 23.60 -22.26
C ARG D 230 -22.61 22.50 -21.44
N SER D 231 -22.71 21.28 -21.97
CA SER D 231 -23.33 20.20 -21.22
C SER D 231 -22.39 19.53 -20.24
N VAL D 232 -21.08 19.77 -20.33
CA VAL D 232 -20.10 19.27 -19.38
C VAL D 232 -19.42 20.48 -18.76
N VAL D 233 -19.49 20.57 -17.42
CA VAL D 233 -18.99 21.73 -16.69
C VAL D 233 -17.99 21.24 -15.65
N VAL D 234 -16.86 21.93 -15.55
CA VAL D 234 -15.82 21.63 -14.58
C VAL D 234 -15.77 22.76 -13.57
N ALA D 235 -15.76 22.41 -12.28
CA ALA D 235 -15.73 23.41 -11.23
C ALA D 235 -14.39 24.14 -11.22
N GLU D 236 -14.42 25.37 -10.71
CA GLU D 236 -13.19 26.16 -10.65
C GLU D 236 -12.16 25.51 -9.73
N ASP D 237 -12.60 24.99 -8.59
CA ASP D 237 -11.70 24.28 -7.68
C ASP D 237 -11.44 22.84 -8.10
N GLY D 238 -12.12 22.36 -9.13
CA GLY D 238 -12.01 20.97 -9.53
C GLY D 238 -10.80 20.65 -10.38
N SER D 239 -9.63 20.61 -9.76
CA SER D 239 -8.41 20.23 -10.49
C SER D 239 -7.41 19.71 -9.45
N ARG D 240 -7.30 18.39 -9.35
CA ARG D 240 -6.37 17.73 -8.45
C ARG D 240 -5.11 17.27 -9.18
N LEU D 241 -4.73 17.97 -10.24
CA LEU D 241 -3.59 17.58 -11.06
C LEU D 241 -2.31 18.20 -10.52
N ASN D 242 -1.30 17.36 -10.27
CA ASN D 242 0.00 17.83 -9.80
C ASN D 242 0.97 18.10 -10.94
N GLN D 243 0.95 17.27 -11.99
CA GLN D 243 1.92 17.36 -13.07
C GLN D 243 1.27 17.59 -14.42
N TYR D 244 0.04 18.08 -14.45
CA TYR D 244 -0.66 18.32 -15.70
C TYR D 244 -1.41 19.64 -15.64
N ASP D 245 -1.81 20.13 -16.81
CA ASP D 245 -2.63 21.33 -16.92
C ASP D 245 -3.82 21.01 -17.81
N LEU D 246 -5.03 21.10 -17.24
CA LEU D 246 -6.24 20.83 -17.99
C LEU D 246 -6.55 21.98 -18.93
N LEU D 247 -6.09 21.87 -20.18
CA LEU D 247 -6.25 22.96 -21.14
C LEU D 247 -7.72 23.20 -21.48
N GLY D 248 -8.43 22.13 -21.85
CA GLY D 248 -9.81 22.29 -22.26
C GLY D 248 -10.48 20.95 -22.45
N GLN D 249 -11.61 20.98 -23.15
CA GLN D 249 -12.37 19.75 -23.38
C GLN D 249 -13.23 19.92 -24.62
N THR D 250 -13.42 18.81 -25.33
CA THR D 250 -14.30 18.75 -26.48
C THR D 250 -15.34 17.65 -26.25
N VAL D 251 -16.57 17.92 -26.68
CA VAL D 251 -17.70 17.04 -26.42
C VAL D 251 -18.37 16.72 -27.74
N ASP D 252 -18.65 15.44 -27.98
CA ASP D 252 -19.30 14.99 -29.19
C ASP D 252 -19.95 13.64 -28.95
N SER D 253 -20.81 13.24 -29.88
CA SER D 253 -21.52 11.97 -29.80
C SER D 253 -21.46 11.26 -31.15
N GLY D 254 -21.54 9.94 -31.11
CA GLY D 254 -21.48 9.16 -32.33
C GLY D 254 -22.15 7.80 -32.21
N ILE D 255 -21.80 6.88 -33.11
CA ILE D 255 -22.37 5.54 -33.13
C ILE D 255 -21.23 4.53 -33.10
N VAL D 256 -21.32 3.55 -32.20
CA VAL D 256 -20.37 2.46 -32.11
C VAL D 256 -21.11 1.16 -32.35
N GLN D 257 -20.57 0.32 -33.23
CA GLN D 257 -21.18 -0.95 -33.57
C GLN D 257 -20.35 -2.09 -33.02
N SER D 258 -20.99 -3.01 -32.33
CA SER D 258 -20.33 -4.15 -31.71
C SER D 258 -21.00 -5.45 -32.20
N SER D 259 -20.63 -6.56 -31.56
CA SER D 259 -21.12 -7.86 -31.99
C SER D 259 -22.63 -8.03 -31.77
N THR D 260 -23.24 -7.21 -30.92
CA THR D 260 -24.66 -7.35 -30.63
C THR D 260 -25.54 -6.35 -31.37
N GLY D 261 -24.99 -5.22 -31.79
CA GLY D 261 -25.80 -4.23 -32.48
C GLY D 261 -25.06 -2.91 -32.56
N GLU D 262 -25.83 -1.84 -32.81
CA GLU D 262 -25.31 -0.49 -32.89
C GLU D 262 -25.83 0.31 -31.70
N TYR D 263 -24.92 0.99 -31.01
CA TYR D 263 -25.24 1.74 -29.80
C TYR D 263 -24.80 3.18 -29.93
N VAL D 264 -25.53 4.08 -29.26
CA VAL D 264 -25.18 5.48 -29.22
C VAL D 264 -24.21 5.71 -28.07
N VAL D 265 -23.07 6.32 -28.38
CA VAL D 265 -22.01 6.55 -27.40
C VAL D 265 -21.75 8.04 -27.29
N MET D 266 -21.68 8.54 -26.06
CA MET D 266 -21.41 9.94 -25.78
C MET D 266 -19.97 10.06 -25.29
N THR D 267 -19.20 10.95 -25.93
CA THR D 267 -17.77 11.03 -25.71
C THR D 267 -17.39 12.45 -25.28
N THR D 268 -16.38 12.53 -24.41
CA THR D 268 -15.78 13.80 -24.04
C THR D 268 -14.30 13.57 -23.77
N HIS D 269 -13.46 14.44 -24.31
CA HIS D 269 -12.01 14.33 -24.18
C HIS D 269 -11.49 15.49 -23.34
N PHE D 270 -10.68 15.17 -22.34
CA PHE D 270 -10.00 16.18 -21.53
C PHE D 270 -8.56 16.29 -22.01
N HIS D 271 -8.18 17.48 -22.49
CA HIS D 271 -6.86 17.70 -23.06
C HIS D 271 -5.90 18.14 -21.96
N LEU D 272 -4.86 17.36 -21.74
CA LEU D 272 -3.87 17.63 -20.70
C LEU D 272 -2.55 18.06 -21.32
N LYS D 273 -1.62 18.46 -20.46
CA LYS D 273 -0.30 18.92 -20.90
C LYS D 273 0.63 18.84 -19.71
N ARG D 274 1.71 18.08 -19.83
CA ARG D 274 2.61 17.82 -18.70
C ARG D 274 3.46 19.04 -18.39
N LYS D 275 3.70 19.27 -17.10
CA LYS D 275 4.58 20.33 -16.66
C LYS D 275 6.03 19.89 -16.77
N ILE D 276 6.88 20.77 -17.29
CA ILE D 276 8.29 20.44 -17.55
C ILE D 276 9.23 21.04 -16.52
N GLY D 277 8.78 21.98 -15.70
CA GLY D 277 9.68 22.70 -14.82
C GLY D 277 10.41 21.81 -13.83
N TYR D 278 9.77 20.71 -13.40
CA TYR D 278 10.41 19.82 -12.44
C TYR D 278 11.54 19.04 -13.07
N PHE D 279 11.34 18.51 -14.28
CA PHE D 279 12.37 17.71 -14.92
C PHE D 279 13.57 18.55 -15.34
N VAL D 280 13.36 19.84 -15.60
CA VAL D 280 14.47 20.71 -15.96
C VAL D 280 15.42 20.87 -14.78
N ILE D 281 14.88 21.08 -13.58
CA ILE D 281 15.72 21.29 -12.40
C ILE D 281 16.16 19.99 -11.75
N GLN D 282 15.57 18.85 -12.13
CA GLN D 282 15.89 17.58 -11.49
C GLN D 282 16.77 16.69 -12.35
N THR D 283 16.61 16.70 -13.67
CA THR D 283 17.37 15.83 -14.55
C THR D 283 18.23 16.58 -15.55
N TYR D 284 17.66 17.57 -16.24
CA TYR D 284 18.39 18.23 -17.32
C TYR D 284 19.56 19.04 -16.80
N LEU D 285 19.32 19.88 -15.78
CA LEU D 285 20.40 20.70 -15.25
C LEU D 285 21.54 19.87 -14.66
N PRO D 286 21.31 18.87 -13.80
CA PRO D 286 22.44 18.05 -13.33
C PRO D 286 23.19 17.35 -14.45
N CYS D 287 22.49 16.90 -15.49
CA CYS D 287 23.16 16.22 -16.60
C CYS D 287 23.94 17.20 -17.46
N ILE D 288 23.40 18.38 -17.73
CA ILE D 288 24.11 19.37 -18.52
C ILE D 288 25.36 19.84 -17.79
N MET D 289 25.25 20.10 -16.49
CA MET D 289 26.40 20.57 -15.73
C MET D 289 27.46 19.48 -15.58
N THR D 290 27.04 18.21 -15.57
CA THR D 290 28.02 17.12 -15.51
C THR D 290 28.79 17.01 -16.81
N VAL D 291 28.12 17.17 -17.95
CA VAL D 291 28.80 17.12 -19.24
C VAL D 291 29.78 18.28 -19.37
N ILE D 292 29.35 19.47 -18.94
CA ILE D 292 30.25 20.63 -18.93
C ILE D 292 31.44 20.36 -18.04
N LEU D 293 31.20 19.76 -16.88
CA LEU D 293 32.28 19.50 -15.93
C LEU D 293 33.32 18.56 -16.52
N SER D 294 32.88 17.52 -17.22
CA SER D 294 33.82 16.59 -17.84
C SER D 294 34.66 17.26 -18.91
N GLN D 295 34.14 18.30 -19.56
CA GLN D 295 34.88 19.02 -20.58
C GLN D 295 35.87 20.03 -20.01
N VAL D 296 35.83 20.27 -18.70
CA VAL D 296 36.84 21.11 -18.07
C VAL D 296 38.17 20.38 -17.97
N SER D 297 38.16 19.06 -18.08
CA SER D 297 39.39 18.27 -17.99
C SER D 297 40.37 18.62 -19.10
N PHE D 298 39.90 19.18 -20.21
CA PHE D 298 40.78 19.52 -21.32
C PHE D 298 41.73 20.67 -21.00
N TRP D 299 41.48 21.42 -19.92
CA TRP D 299 42.31 22.57 -19.59
C TRP D 299 43.38 22.27 -18.55
N LEU D 300 43.26 21.17 -17.82
CA LEU D 300 44.32 20.76 -16.91
C LEU D 300 45.55 20.32 -17.70
N ASN D 301 46.73 20.55 -17.11
CA ASN D 301 47.97 20.21 -17.80
C ASN D 301 48.07 18.71 -18.00
N ARG D 302 48.65 18.32 -19.14
CA ARG D 302 48.74 16.91 -19.50
C ARG D 302 49.65 16.12 -18.58
N GLU D 303 50.52 16.79 -17.83
CA GLU D 303 51.44 16.09 -16.95
C GLU D 303 50.75 15.53 -15.71
N SER D 304 49.56 16.04 -15.37
CA SER D 304 48.82 15.57 -14.21
C SER D 304 47.98 14.35 -14.60
N VAL D 305 48.69 13.24 -14.82
CA VAL D 305 48.01 12.00 -15.20
C VAL D 305 47.06 11.50 -14.12
N PRO D 306 47.44 11.43 -12.83
CA PRO D 306 46.46 11.01 -11.82
C PRO D 306 45.27 11.95 -11.70
N ALA D 307 45.46 13.24 -11.92
CA ALA D 307 44.37 14.20 -11.74
C ALA D 307 43.32 14.04 -12.84
N ARG D 308 43.75 13.95 -14.09
CA ARG D 308 42.80 13.86 -15.20
C ARG D 308 42.13 12.49 -15.27
N THR D 309 42.84 11.44 -14.87
CA THR D 309 42.25 10.11 -14.87
C THR D 309 41.14 9.99 -13.83
N VAL D 310 41.38 10.52 -12.62
CA VAL D 310 40.35 10.53 -11.60
C VAL D 310 39.20 11.43 -12.02
N PHE D 311 39.51 12.53 -12.71
CA PHE D 311 38.47 13.43 -13.17
C PHE D 311 37.52 12.73 -14.14
N GLY D 312 38.06 11.94 -15.07
CA GLY D 312 37.22 11.29 -16.05
C GLY D 312 36.36 10.18 -15.48
N VAL D 313 36.95 9.34 -14.63
CA VAL D 313 36.22 8.18 -14.12
C VAL D 313 35.11 8.60 -13.17
N THR D 314 35.34 9.63 -12.36
CA THR D 314 34.33 10.04 -11.41
C THR D 314 33.14 10.71 -12.08
N THR D 315 33.37 11.39 -13.21
CA THR D 315 32.25 11.96 -13.95
C THR D 315 31.42 10.88 -14.62
N VAL D 316 32.06 9.79 -15.04
CA VAL D 316 31.32 8.65 -15.57
C VAL D 316 30.45 8.04 -14.48
N LEU D 317 31.00 7.90 -13.27
CA LEU D 317 30.21 7.40 -12.15
C LEU D 317 29.10 8.39 -11.79
N THR D 318 29.37 9.69 -11.94
CA THR D 318 28.34 10.69 -11.68
C THR D 318 27.19 10.57 -12.67
N MET D 319 27.49 10.33 -13.95
CA MET D 319 26.44 10.16 -14.93
C MET D 319 25.61 8.91 -14.65
N THR D 320 26.26 7.84 -14.19
CA THR D 320 25.53 6.63 -13.86
C THR D 320 24.52 6.88 -12.74
N THR D 321 24.92 7.66 -11.74
CA THR D 321 23.99 7.99 -10.65
C THR D 321 22.80 8.79 -11.16
N LEU D 322 23.04 9.79 -12.02
CA LEU D 322 21.95 10.58 -12.56
C LEU D 322 21.06 9.77 -13.49
N SER D 323 21.68 8.93 -14.33
CA SER D 323 20.90 8.14 -15.28
C SER D 323 19.99 7.14 -14.57
N ILE D 324 20.49 6.50 -13.51
CA ILE D 324 19.68 5.54 -12.77
C ILE D 324 18.50 6.23 -12.10
N SER D 325 18.76 7.39 -11.48
CA SER D 325 17.69 8.09 -10.77
C SER D 325 16.60 8.57 -11.72
N ALA D 326 17.00 9.07 -12.89
CA ALA D 326 16.02 9.60 -13.85
C ALA D 326 15.09 8.49 -14.35
N ARG D 327 15.63 7.31 -14.58
CA ARG D 327 14.82 6.22 -15.14
C ARG D 327 13.72 5.79 -14.18
N ASN D 328 13.95 5.93 -12.88
CA ASN D 328 12.93 5.55 -11.90
C ASN D 328 11.67 6.40 -12.06
N SER D 329 11.84 7.71 -12.29
CA SER D 329 10.70 8.59 -12.48
C SER D 329 9.92 8.22 -13.73
N LEU D 330 10.62 7.80 -14.78
CA LEU D 330 9.94 7.46 -16.03
C LEU D 330 9.06 6.23 -15.82
N PRO D 331 7.82 6.26 -16.32
CA PRO D 331 6.96 5.08 -16.19
C PRO D 331 7.47 3.92 -17.02
N LYS D 332 7.14 2.70 -16.60
CA LYS D 332 7.58 1.51 -17.30
C LYS D 332 7.04 1.49 -18.73
N VAL D 333 7.95 1.63 -19.70
CA VAL D 333 7.59 1.60 -21.11
C VAL D 333 8.59 0.73 -21.86
N ALA D 334 8.46 0.69 -23.18
CA ALA D 334 9.34 -0.10 -24.04
C ALA D 334 10.15 0.74 -25.01
N TYR D 335 9.57 1.79 -25.57
CA TYR D 335 10.27 2.64 -26.51
C TYR D 335 11.25 3.54 -25.77
N ALA D 336 11.91 4.41 -26.53
CA ALA D 336 12.90 5.34 -25.97
C ALA D 336 12.26 6.73 -25.92
N THR D 337 11.98 7.20 -24.71
CA THR D 337 11.37 8.50 -24.51
C THR D 337 12.38 9.60 -24.84
N ALA D 338 11.87 10.84 -24.96
CA ALA D 338 12.75 11.97 -25.21
C ALA D 338 13.72 12.20 -24.08
N MET D 339 13.36 11.78 -22.86
CA MET D 339 14.29 11.86 -21.74
C MET D 339 15.46 10.91 -21.93
N ASP D 340 15.19 9.71 -22.46
CA ASP D 340 16.25 8.72 -22.61
C ASP D 340 17.27 9.12 -23.68
N TRP D 341 16.82 9.75 -24.77
CA TRP D 341 17.76 10.13 -25.81
C TRP D 341 18.67 11.27 -25.37
N PHE D 342 18.22 12.10 -24.42
CA PHE D 342 19.09 13.14 -23.90
C PHE D 342 20.15 12.56 -22.97
N ILE D 343 19.76 11.59 -22.14
CA ILE D 343 20.71 10.98 -21.22
C ILE D 343 21.72 10.13 -21.99
N ALA D 344 21.25 9.41 -23.01
CA ALA D 344 22.15 8.56 -23.80
C ALA D 344 23.22 9.38 -24.50
N VAL D 345 22.84 10.54 -25.04
CA VAL D 345 23.82 11.41 -25.68
C VAL D 345 24.77 12.01 -24.64
N CYS D 346 24.22 12.43 -23.50
CA CYS D 346 25.08 12.94 -22.43
C CYS D 346 26.02 11.85 -21.91
N TYR D 347 25.58 10.60 -21.95
CA TYR D 347 26.44 9.49 -21.57
C TYR D 347 27.60 9.31 -22.53
N ALA D 348 27.40 9.56 -23.82
CA ALA D 348 28.47 9.40 -24.80
C ALA D 348 29.47 10.56 -24.75
N PHE D 349 29.00 11.78 -24.47
CA PHE D 349 29.91 12.91 -24.38
C PHE D 349 30.88 12.75 -23.22
N VAL D 350 30.39 12.28 -22.07
CA VAL D 350 31.27 12.05 -20.93
C VAL D 350 32.20 10.87 -21.21
N PHE D 351 31.67 9.83 -21.87
CA PHE D 351 32.50 8.67 -22.22
C PHE D 351 33.61 9.07 -23.19
N SER D 352 33.29 9.92 -24.17
CA SER D 352 34.29 10.30 -25.17
C SER D 352 35.37 11.20 -24.58
N ALA D 353 35.05 11.94 -23.52
CA ALA D 353 36.05 12.81 -22.90
C ALA D 353 37.16 12.00 -22.27
N LEU D 354 36.83 10.88 -21.62
CA LEU D 354 37.85 10.03 -21.02
C LEU D 354 38.67 9.34 -22.09
N ILE D 355 38.04 8.96 -23.21
CA ILE D 355 38.77 8.37 -24.32
C ILE D 355 39.74 9.37 -24.93
N GLU D 356 39.34 10.65 -24.97
CA GLU D 356 40.19 11.68 -25.54
C GLU D 356 41.49 11.82 -24.75
N PHE D 357 41.41 11.80 -23.42
CA PHE D 357 42.61 11.91 -22.60
C PHE D 357 43.53 10.71 -22.81
N ALA D 358 42.95 9.52 -23.01
CA ALA D 358 43.77 8.34 -23.24
C ALA D 358 44.61 8.50 -24.52
N THR D 359 44.01 9.06 -25.56
CA THR D 359 44.77 9.32 -26.79
C THR D 359 45.86 10.35 -26.55
N VAL D 360 45.53 11.44 -25.85
CA VAL D 360 46.51 12.49 -25.58
C VAL D 360 47.64 11.95 -24.72
N ASN D 361 47.31 11.18 -23.68
CA ASN D 361 48.33 10.61 -22.81
C ASN D 361 49.22 9.62 -23.54
N TYR D 362 48.75 9.06 -24.65
CA TYR D 362 49.56 8.11 -25.41
C TYR D 362 50.66 8.80 -26.20
N PHE D 363 50.43 10.03 -26.64
CA PHE D 363 51.41 10.78 -27.42
C PHE D 363 52.16 11.81 -26.60
N THR D 364 52.02 11.78 -25.27
CA THR D 364 52.61 12.83 -24.43
C THR D 364 54.14 12.83 -24.55
N LYS D 365 54.76 11.65 -24.57
CA LYS D 365 56.21 11.56 -24.59
C LYS D 365 56.76 11.44 -26.01
N SER D 366 56.17 10.55 -26.83
CA SER D 366 56.72 10.30 -28.16
C SER D 366 56.55 11.50 -29.08
N GLN D 367 55.34 12.05 -29.14
CA GLN D 367 55.02 13.16 -30.04
C GLN D 367 54.31 14.25 -29.25
N PRO D 368 55.06 15.03 -28.47
CA PRO D 368 54.40 16.08 -27.65
C PRO D 368 53.64 17.11 -28.46
N ALA D 369 54.10 17.42 -29.67
CA ALA D 369 53.41 18.41 -30.50
C ALA D 369 52.03 17.93 -30.89
N ARG D 370 51.90 16.67 -31.27
CA ARG D 370 50.58 16.13 -31.64
C ARG D 370 49.64 16.09 -30.45
N ALA D 371 50.16 15.72 -29.27
CA ALA D 371 49.32 15.64 -28.09
C ALA D 371 48.72 16.99 -27.72
N ALA D 372 49.52 18.06 -27.84
CA ALA D 372 49.00 19.40 -27.58
C ALA D 372 47.96 19.79 -28.62
N LYS D 373 48.17 19.36 -29.87
CA LYS D 373 47.21 19.69 -30.92
C LYS D 373 45.85 19.02 -30.67
N ILE D 374 45.87 17.75 -30.24
CA ILE D 374 44.62 17.06 -29.93
C ILE D 374 43.92 17.72 -28.76
N ASP D 375 44.67 18.08 -27.73
CA ASP D 375 44.08 18.72 -26.56
C ASP D 375 43.57 20.11 -26.88
N ARG D 376 44.17 20.78 -27.87
CA ARG D 376 43.74 22.13 -28.22
C ARG D 376 42.42 22.11 -28.98
N LEU D 377 42.26 21.16 -29.91
CA LEU D 377 41.03 21.12 -30.70
C LEU D 377 39.85 20.59 -29.90
N SER D 378 40.11 19.71 -28.92
CA SER D 378 39.02 19.19 -28.09
C SER D 378 38.41 20.26 -27.22
N ARG D 379 39.13 21.35 -26.95
CA ARG D 379 38.58 22.46 -26.20
C ARG D 379 37.52 23.22 -26.97
N ILE D 380 37.43 23.01 -28.28
CA ILE D 380 36.44 23.67 -29.12
C ILE D 380 35.41 22.69 -29.64
N ALA D 381 35.85 21.51 -30.11
CA ALA D 381 34.93 20.57 -30.74
C ALA D 381 33.87 20.07 -29.75
N PHE D 382 34.29 19.66 -28.56
CA PHE D 382 33.33 19.15 -27.59
C PHE D 382 32.32 20.18 -27.15
N PRO D 383 32.69 21.40 -26.75
CA PRO D 383 31.65 22.40 -26.42
C PRO D 383 30.77 22.75 -27.59
N LEU D 384 31.31 22.76 -28.81
CA LEU D 384 30.51 23.12 -29.98
C LEU D 384 29.50 22.04 -30.34
N LEU D 385 29.93 20.78 -30.34
CA LEU D 385 29.02 19.69 -30.71
C LEU D 385 27.90 19.56 -29.69
N PHE D 386 28.22 19.69 -28.40
CA PHE D 386 27.18 19.59 -27.38
C PHE D 386 26.21 20.76 -27.46
N GLY D 387 26.71 21.96 -27.77
CA GLY D 387 25.83 23.09 -27.96
C GLY D 387 24.91 22.92 -29.15
N ILE D 388 25.43 22.34 -30.24
CA ILE D 388 24.61 22.07 -31.41
C ILE D 388 23.54 21.04 -31.08
N PHE D 389 23.90 20.01 -30.32
CA PHE D 389 22.93 18.97 -29.97
C PHE D 389 21.78 19.55 -29.15
N ASN D 390 22.08 20.44 -28.21
CA ASN D 390 21.03 21.08 -27.43
C ASN D 390 20.14 21.94 -28.32
N LEU D 391 20.71 22.60 -29.31
CA LEU D 391 19.92 23.40 -30.24
C LEU D 391 18.94 22.53 -31.01
N VAL D 392 19.40 21.37 -31.49
CA VAL D 392 18.52 20.47 -32.22
C VAL D 392 17.48 19.84 -31.30
N TYR D 393 17.92 19.40 -30.11
CA TYR D 393 17.02 18.69 -29.21
C TYR D 393 15.87 19.58 -28.74
N TRP D 394 16.18 20.78 -28.28
CA TRP D 394 15.15 21.65 -27.72
C TRP D 394 14.25 22.24 -28.80
N ALA D 395 14.77 22.40 -30.03
CA ALA D 395 13.92 22.88 -31.10
C ALA D 395 12.97 21.79 -31.61
N THR D 396 13.41 20.54 -31.55
CA THR D 396 12.57 19.44 -32.06
C THR D 396 11.32 19.24 -31.21
N TYR D 397 11.45 19.33 -29.88
CA TYR D 397 10.37 18.98 -28.98
C TYR D 397 9.57 20.16 -28.48
N LEU D 398 10.22 21.29 -28.18
CA LEU D 398 9.47 22.46 -27.72
C LEU D 398 8.61 23.07 -28.82
N ASN D 399 8.82 22.70 -30.07
CA ASN D 399 8.01 23.14 -31.20
C ASN D 399 7.24 21.98 -31.81
N ARG D 400 6.70 21.12 -30.95
CA ARG D 400 6.02 19.91 -31.40
C ARG D 400 5.02 19.42 -30.37
N ASN E 62 -36.17 -37.51 19.33
CA ASN E 62 -37.06 -37.00 18.28
C ASN E 62 -36.71 -35.57 17.92
N MET E 63 -36.32 -35.35 16.66
CA MET E 63 -35.97 -34.01 16.20
C MET E 63 -37.19 -33.15 15.90
N SER E 64 -38.38 -33.75 15.77
CA SER E 64 -39.58 -32.95 15.61
C SER E 64 -39.94 -32.22 16.90
N PHE E 65 -39.70 -32.86 18.05
CA PHE E 65 -39.92 -32.21 19.33
C PHE E 65 -38.96 -31.03 19.53
N VAL E 66 -37.72 -31.18 19.09
CA VAL E 66 -36.75 -30.09 19.22
C VAL E 66 -37.13 -28.92 18.33
N LYS E 67 -37.68 -29.22 17.14
CA LYS E 67 -38.08 -28.16 16.22
C LYS E 67 -39.19 -27.30 16.82
N GLU E 68 -40.17 -27.94 17.48
CA GLU E 68 -41.24 -27.19 18.10
C GLU E 68 -40.73 -26.30 19.23
N THR E 69 -39.79 -26.82 20.03
CA THR E 69 -39.27 -26.05 21.16
C THR E 69 -38.57 -24.78 20.68
N VAL E 70 -37.74 -24.89 19.64
CA VAL E 70 -37.01 -23.72 19.15
C VAL E 70 -37.94 -22.73 18.49
N ASP E 71 -38.92 -23.22 17.72
CA ASP E 71 -39.86 -22.32 17.06
C ASP E 71 -40.72 -21.57 18.06
N LYS E 72 -41.01 -22.18 19.21
CA LYS E 72 -41.79 -21.49 20.24
C LYS E 72 -40.98 -20.35 20.86
N LEU E 73 -39.66 -20.54 21.00
CA LEU E 73 -38.82 -19.48 21.56
C LEU E 73 -38.81 -18.25 20.67
N LEU E 74 -38.75 -18.43 19.35
CA LEU E 74 -38.65 -17.32 18.42
C LEU E 74 -40.00 -16.72 18.05
N LYS E 75 -41.09 -17.27 18.56
CA LYS E 75 -42.41 -16.72 18.28
C LYS E 75 -42.68 -15.55 19.22
N GLY E 76 -42.89 -14.37 18.65
CA GLY E 76 -43.09 -13.18 19.45
C GLY E 76 -41.82 -12.58 20.03
N TYR E 77 -40.65 -13.10 19.65
CA TYR E 77 -39.40 -12.59 20.18
C TYR E 77 -39.05 -11.29 19.49
N ASP E 78 -38.88 -10.22 20.28
CA ASP E 78 -38.55 -8.90 19.76
C ASP E 78 -37.05 -8.67 19.91
N ILE E 79 -36.36 -8.50 18.78
CA ILE E 79 -34.91 -8.27 18.81
C ILE E 79 -34.55 -6.83 19.11
N ARG E 80 -35.54 -5.93 19.15
CA ARG E 80 -35.26 -4.52 19.43
C ARG E 80 -35.17 -4.23 20.92
N LEU E 81 -35.53 -5.17 21.78
CA LEU E 81 -35.54 -4.96 23.22
C LEU E 81 -34.49 -5.84 23.88
N ARG E 82 -33.64 -5.24 24.71
CA ARG E 82 -32.63 -5.98 25.44
C ARG E 82 -33.29 -6.84 26.52
N PRO E 83 -32.60 -7.89 26.97
CA PRO E 83 -33.12 -8.67 28.10
C PRO E 83 -33.28 -7.79 29.33
N ASP E 84 -34.35 -8.05 30.09
CA ASP E 84 -34.69 -7.28 31.28
C ASP E 84 -34.81 -5.79 30.96
N PHE E 85 -35.52 -5.49 29.88
CA PHE E 85 -35.74 -4.10 29.50
C PHE E 85 -36.49 -3.36 30.59
N GLY E 86 -35.95 -2.21 30.99
CA GLY E 86 -36.50 -1.47 32.11
C GLY E 86 -36.12 -1.98 33.48
N GLY E 87 -35.28 -3.01 33.55
CA GLY E 87 -34.87 -3.58 34.81
C GLY E 87 -33.38 -3.42 35.05
N PRO E 88 -32.80 -4.36 35.80
CA PRO E 88 -31.36 -4.28 36.06
C PRO E 88 -30.56 -4.49 34.79
N PRO E 89 -29.35 -3.94 34.70
CA PRO E 89 -28.54 -4.12 33.50
C PRO E 89 -28.13 -5.57 33.31
N VAL E 90 -27.98 -5.97 32.06
CA VAL E 90 -27.62 -7.33 31.71
C VAL E 90 -26.10 -7.47 31.76
N CYS E 91 -25.61 -8.44 32.53
CA CYS E 91 -24.18 -8.65 32.66
C CYS E 91 -23.67 -9.48 31.50
N VAL E 92 -22.64 -8.98 30.82
CA VAL E 92 -22.05 -9.65 29.68
C VAL E 92 -20.60 -9.98 30.01
N GLY E 93 -20.26 -11.26 29.98
CA GLY E 93 -18.91 -11.71 30.22
C GLY E 93 -18.21 -12.01 28.90
N MET E 94 -16.91 -11.72 28.87
CA MET E 94 -16.13 -11.86 27.64
C MET E 94 -14.81 -12.56 27.93
N ASN E 95 -14.29 -13.24 26.91
CA ASN E 95 -12.95 -13.80 26.94
C ASN E 95 -12.46 -13.92 25.51
N ILE E 96 -11.13 -13.86 25.35
CA ILE E 96 -10.51 -13.79 24.04
C ILE E 96 -9.42 -14.86 23.95
N ASP E 97 -9.31 -15.50 22.80
CA ASP E 97 -8.22 -16.42 22.50
C ASP E 97 -7.43 -15.83 21.33
N ILE E 98 -6.23 -15.34 21.62
CA ILE E 98 -5.42 -14.65 20.61
C ILE E 98 -4.85 -15.68 19.66
N ALA E 99 -5.36 -15.71 18.42
CA ALA E 99 -4.85 -16.64 17.43
C ALA E 99 -3.44 -16.26 16.98
N SER E 100 -3.23 -14.98 16.67
CA SER E 100 -1.92 -14.51 16.21
C SER E 100 -1.92 -12.99 16.18
N ILE E 101 -0.71 -12.44 16.12
CA ILE E 101 -0.50 -11.02 15.90
C ILE E 101 0.31 -10.90 14.61
N ASP E 102 -0.36 -10.51 13.53
CA ASP E 102 0.24 -10.66 12.20
C ASP E 102 1.41 -9.71 12.00
N MET E 103 1.18 -8.41 12.05
CA MET E 103 2.23 -7.45 11.74
C MET E 103 2.08 -6.22 12.60
N VAL E 104 3.22 -5.66 13.01
CA VAL E 104 3.28 -4.41 13.76
C VAL E 104 4.00 -3.40 12.88
N SER E 105 3.33 -2.29 12.58
CA SER E 105 3.84 -1.31 11.62
C SER E 105 4.04 0.02 12.33
N GLU E 106 5.27 0.52 12.29
CA GLU E 106 5.55 1.85 12.81
C GLU E 106 5.10 2.94 11.85
N VAL E 107 5.14 2.67 10.55
CA VAL E 107 4.77 3.68 9.56
C VAL E 107 3.30 4.05 9.69
N ASN E 108 2.43 3.05 9.77
CA ASN E 108 1.00 3.28 9.88
C ASN E 108 0.52 3.35 11.32
N MET E 109 1.39 3.04 12.29
CA MET E 109 1.04 3.10 13.72
C MET E 109 -0.16 2.22 14.03
N ASP E 110 -0.10 0.96 13.62
CA ASP E 110 -1.17 0.01 13.92
C ASP E 110 -0.61 -1.40 13.87
N TYR E 111 -1.39 -2.34 14.41
CA TYR E 111 -1.04 -3.75 14.39
C TYR E 111 -2.28 -4.55 14.04
N THR E 112 -2.06 -5.76 13.52
CA THR E 112 -3.14 -6.65 13.12
C THR E 112 -3.28 -7.76 14.14
N LEU E 113 -4.53 -8.06 14.49
CA LEU E 113 -4.83 -9.05 15.52
C LEU E 113 -5.89 -10.01 15.02
N THR E 114 -5.71 -11.30 15.29
CA THR E 114 -6.68 -12.33 14.99
C THR E 114 -7.03 -13.05 16.28
N MET E 115 -8.33 -13.24 16.51
CA MET E 115 -8.77 -13.72 17.82
C MET E 115 -10.11 -14.41 17.72
N TYR E 116 -10.42 -15.20 18.75
CA TYR E 116 -11.74 -15.80 18.94
C TYR E 116 -12.43 -15.01 20.05
N PHE E 117 -13.46 -14.26 19.68
CA PHE E 117 -14.14 -13.36 20.60
C PHE E 117 -15.45 -13.99 21.06
N GLN E 118 -15.53 -14.33 22.34
CA GLN E 118 -16.72 -14.95 22.92
C GLN E 118 -17.41 -13.99 23.86
N GLN E 119 -18.74 -13.98 23.83
CA GLN E 119 -19.57 -13.20 24.73
C GLN E 119 -20.54 -14.11 25.46
N TYR E 120 -20.83 -13.76 26.71
CA TYR E 120 -21.66 -14.58 27.58
CA TYR E 120 -21.66 -14.57 27.59
C TYR E 120 -22.70 -13.70 28.25
N TRP E 121 -23.97 -14.10 28.16
CA TRP E 121 -25.05 -13.37 28.83
C TRP E 121 -26.23 -14.31 28.99
N ARG E 122 -27.16 -13.91 29.84
CA ARG E 122 -28.35 -14.70 30.15
C ARG E 122 -29.60 -13.97 29.67
N ASP E 123 -30.43 -14.67 28.91
CA ASP E 123 -31.69 -14.13 28.41
C ASP E 123 -32.79 -15.10 28.81
N LYS E 124 -33.66 -14.67 29.72
CA LYS E 124 -34.73 -15.55 30.20
C LYS E 124 -35.78 -15.83 29.14
N ARG E 125 -35.84 -15.02 28.07
CA ARG E 125 -36.77 -15.27 26.98
C ARG E 125 -36.39 -16.49 26.15
N LEU E 126 -35.18 -17.02 26.33
CA LEU E 126 -34.69 -18.17 25.58
C LEU E 126 -34.46 -19.36 26.49
N ALA E 127 -35.35 -19.55 27.45
CA ALA E 127 -35.27 -20.68 28.38
C ALA E 127 -36.17 -21.80 27.90
N TYR E 128 -35.63 -23.01 27.82
CA TYR E 128 -36.37 -24.18 27.37
C TYR E 128 -36.21 -25.31 28.38
N SER E 129 -37.19 -26.21 28.37
CA SER E 129 -37.22 -27.32 29.32
C SER E 129 -37.52 -28.62 28.58
N GLY E 130 -37.13 -29.72 29.20
CA GLY E 130 -37.37 -31.04 28.66
C GLY E 130 -36.32 -31.55 27.70
N ILE E 131 -35.31 -30.73 27.38
CA ILE E 131 -34.23 -31.13 26.49
C ILE E 131 -32.92 -31.00 27.25
N PRO E 132 -32.40 -32.09 27.81
CA PRO E 132 -31.15 -32.04 28.57
C PRO E 132 -29.92 -31.96 27.68
N LEU E 133 -29.90 -30.96 26.80
CA LEU E 133 -28.80 -30.77 25.86
C LEU E 133 -28.55 -29.29 25.68
N ASN E 134 -27.32 -28.96 25.29
CA ASN E 134 -26.94 -27.60 24.93
C ASN E 134 -27.12 -27.45 23.43
N LEU E 135 -28.16 -26.73 23.02
CA LEU E 135 -28.51 -26.61 21.60
C LEU E 135 -27.47 -25.75 20.88
N THR E 136 -26.62 -26.38 20.08
CA THR E 136 -25.68 -25.66 19.23
C THR E 136 -26.36 -25.47 17.87
N LEU E 137 -27.07 -24.35 17.73
CA LEU E 137 -27.86 -24.12 16.54
C LEU E 137 -27.00 -23.60 15.40
N ASP E 138 -27.61 -23.49 14.23
CA ASP E 138 -26.93 -22.93 13.07
C ASP E 138 -26.59 -21.47 13.31
N ASN E 139 -25.48 -21.03 12.71
CA ASN E 139 -25.00 -19.67 12.93
C ASN E 139 -25.92 -18.61 12.32
N ARG E 140 -26.86 -19.01 11.46
CA ARG E 140 -27.80 -18.06 10.88
C ARG E 140 -28.96 -17.73 11.80
N VAL E 141 -29.07 -18.40 12.95
CA VAL E 141 -30.13 -18.08 13.89
C VAL E 141 -29.79 -16.87 14.76
N ALA E 142 -28.53 -16.44 14.76
CA ALA E 142 -28.15 -15.25 15.52
C ALA E 142 -28.81 -13.99 14.99
N ASP E 143 -29.20 -13.98 13.72
CA ASP E 143 -29.88 -12.81 13.16
C ASP E 143 -31.28 -12.63 13.70
N GLN E 144 -31.83 -13.62 14.40
CA GLN E 144 -33.17 -13.55 14.97
C GLN E 144 -33.14 -13.39 16.48
N LEU E 145 -31.99 -13.14 17.07
CA LEU E 145 -31.84 -12.96 18.51
C LEU E 145 -31.28 -11.57 18.79
N TRP E 146 -31.19 -11.25 20.08
CA TRP E 146 -30.58 -10.00 20.53
C TRP E 146 -29.13 -10.28 20.94
N VAL E 147 -28.21 -9.48 20.41
CA VAL E 147 -26.80 -9.62 20.74
C VAL E 147 -26.25 -8.27 21.17
N PRO E 148 -25.25 -8.22 22.04
CA PRO E 148 -24.70 -6.93 22.45
C PRO E 148 -24.06 -6.20 21.27
N ASP E 149 -24.15 -4.88 21.31
CA ASP E 149 -23.57 -4.05 20.25
C ASP E 149 -22.12 -3.67 20.59
N THR E 150 -21.31 -4.71 20.77
CA THR E 150 -19.91 -4.54 21.15
C THR E 150 -19.09 -4.11 19.94
N TYR E 151 -18.28 -3.08 20.11
CA TYR E 151 -17.36 -2.64 19.08
C TYR E 151 -16.01 -2.33 19.72
N PHE E 152 -14.96 -2.39 18.89
CA PHE E 152 -13.61 -2.11 19.34
C PHE E 152 -13.29 -0.65 19.07
N LEU E 153 -13.03 0.11 20.14
CA LEU E 153 -13.02 1.56 20.05
C LEU E 153 -11.85 2.12 19.26
N ASN E 154 -10.74 1.39 19.16
CA ASN E 154 -9.54 1.90 18.54
C ASN E 154 -9.09 1.04 17.36
N ASP E 155 -10.02 0.64 16.51
CA ASP E 155 -9.71 -0.16 15.34
C ASP E 155 -9.84 0.68 14.08
N LYS E 156 -8.97 0.40 13.11
CA LYS E 156 -9.02 1.09 11.83
C LYS E 156 -9.80 0.31 10.79
N LYS E 157 -9.78 -1.02 10.85
CA LYS E 157 -10.54 -1.85 9.93
C LYS E 157 -10.59 -3.29 10.46
N SER E 158 -11.78 -3.87 10.49
CA SER E 158 -11.96 -5.22 11.00
C SER E 158 -13.08 -5.91 10.25
N PHE E 159 -13.06 -7.24 10.31
CA PHE E 159 -14.06 -8.04 9.60
C PHE E 159 -14.19 -9.39 10.28
N VAL E 160 -15.27 -10.09 9.96
CA VAL E 160 -15.53 -11.44 10.44
C VAL E 160 -15.33 -12.40 9.28
N HIS E 161 -14.54 -13.44 9.51
CA HIS E 161 -14.24 -14.40 8.45
C HIS E 161 -15.49 -15.15 8.02
N GLY E 162 -15.59 -15.42 6.72
CA GLY E 162 -16.79 -16.03 6.18
C GLY E 162 -16.56 -17.18 5.22
N VAL E 163 -15.49 -17.94 5.44
CA VAL E 163 -15.17 -19.11 4.63
C VAL E 163 -14.98 -20.29 5.57
N THR E 164 -15.66 -21.41 5.30
CA THR E 164 -16.59 -21.56 4.17
C THR E 164 -17.92 -20.88 4.45
N VAL E 165 -18.33 -20.89 5.71
CA VAL E 165 -19.52 -20.15 6.14
C VAL E 165 -19.05 -19.03 7.05
N LYS E 166 -19.97 -18.17 7.47
CA LYS E 166 -19.60 -17.09 8.38
C LYS E 166 -19.16 -17.67 9.71
N ASN E 167 -17.97 -17.26 10.17
CA ASN E 167 -17.39 -17.79 11.39
C ASN E 167 -18.12 -17.24 12.60
N ARG E 168 -19.20 -17.91 13.00
CA ARG E 168 -20.05 -17.45 14.09
C ARG E 168 -20.59 -18.66 14.83
N MET E 169 -20.87 -18.49 16.12
CA MET E 169 -21.32 -19.59 16.96
C MET E 169 -22.48 -19.13 17.82
N ILE E 170 -23.50 -20.00 17.93
CA ILE E 170 -24.60 -19.81 18.84
C ILE E 170 -24.80 -21.11 19.61
N ARG E 171 -24.85 -21.02 20.93
CA ARG E 171 -24.98 -22.21 21.78
C ARG E 171 -25.89 -21.85 22.95
N LEU E 172 -27.15 -22.24 22.85
CA LEU E 172 -28.12 -21.96 23.90
C LEU E 172 -27.90 -22.91 25.08
N HIS E 173 -28.52 -22.59 26.20
CA HIS E 173 -28.45 -23.38 27.42
C HIS E 173 -29.85 -23.46 28.01
N PRO E 174 -30.13 -24.51 28.80
CA PRO E 174 -31.49 -24.70 29.31
C PRO E 174 -32.01 -23.54 30.15
N ASP E 175 -31.14 -22.87 30.90
CA ASP E 175 -31.57 -21.77 31.77
C ASP E 175 -31.70 -20.45 31.04
N GLY E 176 -31.46 -20.41 29.74
CA GLY E 176 -31.55 -19.20 28.97
C GLY E 176 -30.22 -18.54 28.64
N THR E 177 -29.11 -19.14 29.07
CA THR E 177 -27.80 -18.56 28.79
C THR E 177 -27.45 -18.72 27.32
N VAL E 178 -26.71 -17.75 26.79
CA VAL E 178 -26.33 -17.72 25.39
C VAL E 178 -24.82 -17.56 25.30
N LEU E 179 -24.17 -18.37 24.47
CA LEU E 179 -22.77 -18.22 24.13
C LEU E 179 -22.67 -17.77 22.67
N TYR E 180 -21.98 -16.66 22.45
CA TYR E 180 -21.91 -16.03 21.13
C TYR E 180 -20.45 -15.83 20.77
N GLY E 181 -19.93 -16.69 19.91
CA GLY E 181 -18.53 -16.65 19.50
C GLY E 181 -18.37 -16.05 18.11
N LEU E 182 -17.27 -15.36 17.91
CA LEU E 182 -16.93 -14.77 16.62
C LEU E 182 -15.44 -14.91 16.38
N ARG E 183 -15.07 -14.88 15.10
CA ARG E 183 -13.66 -14.94 14.70
C ARG E 183 -13.37 -13.68 13.89
N ILE E 184 -12.58 -12.78 14.47
CA ILE E 184 -12.40 -11.42 13.96
C ILE E 184 -10.93 -11.18 13.70
N THR E 185 -10.63 -10.54 12.57
CA THR E 185 -9.30 -10.03 12.27
C THR E 185 -9.39 -8.51 12.26
N THR E 186 -8.77 -7.87 13.25
CA THR E 186 -8.87 -6.44 13.44
C THR E 186 -7.50 -5.78 13.29
N THR E 187 -7.52 -4.54 12.83
CA THR E 187 -6.32 -3.71 12.70
C THR E 187 -6.47 -2.55 13.67
N ALA E 188 -6.04 -2.74 14.92
CA ALA E 188 -6.18 -1.72 15.94
C ALA E 188 -5.07 -0.69 15.82
N ALA E 189 -5.39 0.55 16.21
CA ALA E 189 -4.42 1.63 16.18
C ALA E 189 -3.54 1.60 17.42
N CYS E 190 -2.26 1.93 17.24
CA CYS E 190 -1.31 1.94 18.35
C CYS E 190 -0.32 3.06 18.12
N MET E 191 -0.48 4.16 18.85
CA MET E 191 0.50 5.24 18.80
C MET E 191 1.81 4.79 19.43
N MET E 192 2.93 5.18 18.83
CA MET E 192 4.24 4.72 19.26
C MET E 192 5.15 5.90 19.54
N ASP E 193 6.09 5.69 20.45
CA ASP E 193 7.08 6.69 20.85
C ASP E 193 8.43 6.22 20.29
N LEU E 194 8.78 6.72 19.11
CA LEU E 194 9.97 6.30 18.40
C LEU E 194 11.18 7.19 18.67
N ARG E 195 11.19 7.90 19.81
CA ARG E 195 12.35 8.71 20.15
C ARG E 195 13.58 7.84 20.38
N ARG E 196 13.40 6.69 21.02
CA ARG E 196 14.49 5.79 21.36
C ARG E 196 14.66 4.66 20.34
N TYR E 197 14.04 4.78 19.18
CA TYR E 197 14.16 3.74 18.16
C TYR E 197 15.62 3.61 17.75
N PRO E 198 16.14 2.39 17.58
CA PRO E 198 15.46 1.08 17.69
C PRO E 198 15.54 0.46 19.08
N LEU E 199 15.80 1.23 20.13
CA LEU E 199 15.82 0.71 21.49
C LEU E 199 14.57 1.09 22.26
N ASP E 200 13.43 1.12 21.57
CA ASP E 200 12.19 1.61 22.15
C ASP E 200 11.37 0.47 22.76
N GLU E 201 10.35 0.86 23.52
CA GLU E 201 9.43 -0.08 24.14
C GLU E 201 8.02 0.47 23.96
N GLN E 202 7.10 -0.39 23.51
CA GLN E 202 5.77 0.03 23.12
C GLN E 202 4.72 -0.60 24.01
N ASN E 203 3.52 0.00 24.00
CA ASN E 203 2.38 -0.48 24.77
C ASN E 203 1.14 -0.30 23.89
N CYS E 204 0.77 -1.36 23.18
CA CYS E 204 -0.39 -1.36 22.30
C CYS E 204 -1.57 -1.98 23.02
N THR E 205 -2.73 -1.33 22.90
CA THR E 205 -3.93 -1.72 23.65
C THR E 205 -5.03 -2.17 22.68
N LEU E 206 -6.14 -2.61 23.27
CA LEU E 206 -7.34 -2.98 22.52
C LEU E 206 -8.53 -2.66 23.40
N GLU E 207 -9.32 -1.68 23.00
CA GLU E 207 -10.42 -1.17 23.83
C GLU E 207 -11.73 -1.77 23.35
N ILE E 208 -12.50 -2.29 24.31
CA ILE E 208 -13.79 -2.92 24.05
C ILE E 208 -14.86 -2.13 24.78
N GLU E 209 -15.91 -1.73 24.06
CA GLU E 209 -16.94 -0.88 24.64
C GLU E 209 -18.26 -1.08 23.91
N SER E 210 -19.36 -0.89 24.63
CA SER E 210 -20.67 -0.90 24.03
C SER E 210 -20.92 0.41 23.29
N TYR E 211 -21.70 0.33 22.20
CA TYR E 211 -21.91 1.48 21.35
C TYR E 211 -23.16 2.28 21.70
N GLY E 212 -24.23 1.63 22.14
CA GLY E 212 -25.47 2.33 22.35
C GLY E 212 -26.03 2.28 23.75
N TYR E 213 -25.60 1.30 24.53
CA TYR E 213 -26.15 1.09 25.87
C TYR E 213 -25.17 1.61 26.93
N THR E 214 -25.70 2.40 27.86
CA THR E 214 -24.90 2.93 28.95
C THR E 214 -24.80 1.89 30.07
N THR E 215 -24.19 2.28 31.19
CA THR E 215 -24.08 1.39 32.33
C THR E 215 -25.43 1.11 33.00
N ASP E 216 -26.46 1.87 32.65
CA ASP E 216 -27.81 1.60 33.16
C ASP E 216 -28.48 0.44 32.42
N ASP E 217 -27.89 -0.03 31.32
CA ASP E 217 -28.49 -1.08 30.52
C ASP E 217 -27.61 -2.32 30.38
N ILE E 218 -26.29 -2.14 30.26
CA ILE E 218 -25.39 -3.25 30.02
C ILE E 218 -24.16 -3.10 30.91
N GLU E 219 -23.52 -4.22 31.21
CA GLU E 219 -22.29 -4.25 31.99
C GLU E 219 -21.33 -5.26 31.38
N PHE E 220 -20.04 -4.97 31.50
CA PHE E 220 -18.99 -5.84 30.97
C PHE E 220 -18.11 -6.33 32.10
N TYR E 221 -17.60 -7.56 31.95
CA TYR E 221 -16.60 -8.09 32.86
C TYR E 221 -15.83 -9.18 32.14
N TRP E 222 -14.63 -9.45 32.64
CA TRP E 222 -13.81 -10.52 32.09
C TRP E 222 -14.22 -11.85 32.72
N ARG E 223 -14.59 -12.81 31.87
CA ARG E 223 -15.03 -14.12 32.35
C ARG E 223 -13.80 -14.96 32.67
N GLY E 224 -13.61 -15.27 33.95
CA GLY E 224 -12.45 -16.00 34.39
C GLY E 224 -11.34 -15.17 34.99
N GLY E 225 -11.58 -13.88 35.24
CA GLY E 225 -10.55 -13.04 35.82
C GLY E 225 -9.39 -12.82 34.89
N ASP E 226 -8.18 -12.95 35.43
CA ASP E 226 -6.96 -12.74 34.64
C ASP E 226 -6.72 -13.86 33.63
N LYS E 227 -7.45 -14.95 33.70
CA LYS E 227 -7.32 -16.05 32.76
C LYS E 227 -8.28 -15.95 31.59
N ALA E 228 -8.86 -14.76 31.36
CA ALA E 228 -9.80 -14.60 30.26
C ALA E 228 -9.10 -14.68 28.90
N VAL E 229 -7.95 -14.01 28.77
CA VAL E 229 -7.22 -13.98 27.51
C VAL E 229 -6.17 -15.07 27.52
N THR E 230 -6.14 -15.87 26.45
CA THR E 230 -5.19 -16.97 26.32
C THR E 230 -4.49 -16.88 24.98
N GLY E 231 -3.42 -17.65 24.83
CA GLY E 231 -2.67 -17.73 23.60
C GLY E 231 -1.62 -16.67 23.40
N VAL E 232 -1.46 -15.74 24.35
CA VAL E 232 -0.47 -14.68 24.20
C VAL E 232 0.94 -15.26 24.28
N GLU E 233 1.15 -16.24 25.15
CA GLU E 233 2.48 -16.80 25.34
C GLU E 233 3.02 -17.51 24.10
N ARG E 234 2.16 -17.91 23.18
CA ARG E 234 2.59 -18.60 21.97
C ARG E 234 2.83 -17.65 20.80
N ILE E 235 2.69 -16.36 21.01
CA ILE E 235 2.81 -15.38 19.93
C ILE E 235 4.27 -15.02 19.73
N GLU E 236 4.73 -15.09 18.49
CA GLU E 236 6.09 -14.72 18.13
C GLU E 236 6.06 -13.61 17.08
N LEU E 237 6.77 -12.53 17.34
CA LEU E 237 6.85 -11.41 16.43
C LEU E 237 8.25 -11.30 15.84
N PRO E 238 8.35 -11.04 14.54
CA PRO E 238 9.68 -10.98 13.91
C PRO E 238 10.59 -9.92 14.49
N GLN E 239 10.03 -8.81 14.97
CA GLN E 239 10.84 -7.68 15.40
C GLN E 239 10.65 -7.29 16.86
N PHE E 240 9.61 -7.78 17.52
CA PHE E 240 9.32 -7.42 18.91
C PHE E 240 9.37 -8.65 19.80
N SER E 241 8.99 -8.46 21.06
CA SER E 241 8.95 -9.55 22.03
C SER E 241 7.96 -9.15 23.12
N ILE E 242 6.87 -9.91 23.25
CA ILE E 242 5.85 -9.57 24.23
C ILE E 242 6.37 -9.83 25.63
N VAL E 243 6.28 -8.82 26.49
CA VAL E 243 6.79 -8.91 27.85
C VAL E 243 5.68 -9.18 28.86
N GLU E 244 4.56 -8.46 28.75
CA GLU E 244 3.50 -8.58 29.74
C GLU E 244 2.18 -8.12 29.11
N HIS E 245 1.08 -8.68 29.62
CA HIS E 245 -0.26 -8.29 29.21
C HIS E 245 -1.12 -8.10 30.45
N ARG E 246 -2.06 -7.15 30.36
CA ARG E 246 -2.90 -6.81 31.50
C ARG E 246 -4.36 -6.70 31.04
N LEU E 247 -5.26 -6.87 32.00
CA LEU E 247 -6.70 -6.77 31.77
C LEU E 247 -7.27 -5.69 32.68
N VAL E 248 -7.98 -4.73 32.09
CA VAL E 248 -8.50 -3.58 32.82
C VAL E 248 -10.00 -3.47 32.58
N SER E 249 -10.75 -3.23 33.64
CA SER E 249 -12.18 -2.98 33.56
C SER E 249 -12.48 -1.65 34.23
N ARG E 250 -13.23 -0.79 33.55
CA ARG E 250 -13.52 0.55 34.05
C ARG E 250 -14.73 1.10 33.32
N ASN E 251 -15.15 2.29 33.71
CA ASN E 251 -16.26 3.00 33.07
C ASN E 251 -15.73 4.27 32.42
N VAL E 252 -16.26 4.58 31.24
CA VAL E 252 -15.87 5.75 30.47
C VAL E 252 -17.08 6.66 30.34
N VAL E 253 -16.91 7.93 30.71
CA VAL E 253 -17.99 8.90 30.71
C VAL E 253 -17.87 9.79 29.48
N PHE E 254 -18.93 9.86 28.69
CA PHE E 254 -19.06 10.75 27.56
C PHE E 254 -20.16 11.77 27.83
N ALA E 255 -20.43 12.61 26.83
CA ALA E 255 -21.55 13.55 26.94
C ALA E 255 -22.88 12.82 27.03
N THR E 256 -23.05 11.76 26.23
CA THR E 256 -24.32 11.03 26.23
C THR E 256 -24.52 10.27 27.54
N GLY E 257 -23.46 9.68 28.09
CA GLY E 257 -23.59 8.94 29.31
C GLY E 257 -22.29 8.20 29.64
N ALA E 258 -22.41 7.26 30.57
CA ALA E 258 -21.29 6.45 31.02
C ALA E 258 -21.38 5.07 30.40
N TYR E 259 -20.30 4.63 29.76
CA TYR E 259 -20.28 3.36 29.06
C TYR E 259 -19.29 2.39 29.70
N PRO E 260 -19.62 1.10 29.73
CA PRO E 260 -18.66 0.11 30.24
C PRO E 260 -17.46 -0.02 29.31
N ARG E 261 -16.32 -0.38 29.90
CA ARG E 261 -15.08 -0.45 29.15
C ARG E 261 -14.28 -1.67 29.58
N LEU E 262 -13.76 -2.41 28.60
CA LEU E 262 -12.80 -3.48 28.85
C LEU E 262 -11.56 -3.20 28.00
N SER E 263 -10.39 -3.39 28.60
CA SER E 263 -9.13 -3.03 27.96
C SER E 263 -8.15 -4.18 28.04
N LEU E 264 -7.50 -4.47 26.92
CA LEU E 264 -6.44 -5.46 26.83
C LEU E 264 -5.22 -4.80 26.22
N SER E 265 -4.07 -4.89 26.91
CA SER E 265 -2.87 -4.21 26.49
C SER E 265 -1.68 -5.15 26.53
N PHE E 266 -0.75 -4.93 25.60
CA PHE E 266 0.50 -5.67 25.53
C PHE E 266 1.66 -4.69 25.61
N ARG E 267 2.76 -5.14 26.23
CA ARG E 267 3.98 -4.35 26.31
C ARG E 267 5.02 -5.00 25.40
N LEU E 268 5.41 -4.29 24.35
CA LEU E 268 6.31 -4.81 23.33
C LEU E 268 7.69 -4.20 23.50
N LYS E 269 8.71 -5.06 23.56
CA LYS E 269 10.10 -4.64 23.63
C LYS E 269 10.81 -5.07 22.37
N ARG E 270 11.46 -4.13 21.69
CA ARG E 270 12.11 -4.43 20.42
C ARG E 270 13.42 -5.18 20.65
N ASN E 271 13.83 -5.95 19.63
CA ASN E 271 15.06 -6.70 19.67
C ASN E 271 16.19 -5.86 19.11
N ILE E 272 17.21 -5.60 19.94
CA ILE E 272 18.29 -4.70 19.56
C ILE E 272 19.47 -5.43 18.93
N GLY E 273 19.58 -6.74 19.12
CA GLY E 273 20.76 -7.46 18.66
C GLY E 273 20.99 -7.35 17.16
N TYR E 274 19.90 -7.37 16.38
CA TYR E 274 20.05 -7.29 14.93
C TYR E 274 20.58 -5.94 14.48
N PHE E 275 20.11 -4.86 15.10
CA PHE E 275 20.50 -3.53 14.66
C PHE E 275 21.99 -3.26 14.91
N ILE E 276 22.60 -3.99 15.82
CA ILE E 276 24.03 -3.81 16.08
C ILE E 276 24.85 -4.18 14.85
N LEU E 277 24.58 -5.34 14.25
CA LEU E 277 25.34 -5.78 13.09
C LEU E 277 25.03 -4.94 11.86
N GLN E 278 23.74 -4.73 11.58
CA GLN E 278 23.36 -4.13 10.31
C GLN E 278 23.63 -2.62 10.30
N THR E 279 23.31 -1.93 11.39
CA THR E 279 23.29 -0.47 11.40
C THR E 279 24.47 0.15 12.14
N TYR E 280 24.67 -0.22 13.40
CA TYR E 280 25.68 0.45 14.22
C TYR E 280 27.09 0.03 13.82
N MET E 281 27.31 -1.26 13.55
CA MET E 281 28.65 -1.73 13.27
C MET E 281 29.28 -1.09 12.02
N PRO E 282 28.62 -1.03 10.86
CA PRO E 282 29.29 -0.40 9.71
C PRO E 282 29.66 1.05 9.93
N SER E 283 28.84 1.82 10.67
CA SER E 283 29.15 3.21 10.89
C SER E 283 30.37 3.38 11.80
N ILE E 284 30.51 2.52 12.80
CA ILE E 284 31.66 2.60 13.69
C ILE E 284 32.95 2.28 12.95
N LEU E 285 32.93 1.25 12.11
CA LEU E 285 34.13 0.84 11.40
C LEU E 285 34.65 1.94 10.48
N ILE E 286 33.74 2.62 9.78
CA ILE E 286 34.15 3.69 8.88
C ILE E 286 34.74 4.86 9.67
N THR E 287 34.16 5.16 10.84
CA THR E 287 34.72 6.23 11.66
C THR E 287 36.13 5.88 12.13
N ILE E 288 36.34 4.63 12.54
CA ILE E 288 37.69 4.20 12.92
C ILE E 288 38.60 4.23 11.71
N LEU E 289 38.07 3.89 10.53
CA LEU E 289 38.88 3.87 9.32
C LEU E 289 39.34 5.27 8.92
N SER E 290 38.60 6.31 9.30
CA SER E 290 38.99 7.68 8.98
C SER E 290 40.16 8.15 9.83
N TRP E 291 40.44 7.49 10.94
CA TRP E 291 41.56 7.85 11.80
C TRP E 291 42.89 7.37 11.25
N VAL E 292 42.88 6.53 10.22
CA VAL E 292 44.13 6.05 9.61
C VAL E 292 44.91 7.21 9.02
N SER E 293 44.21 8.27 8.59
CA SER E 293 44.90 9.41 7.99
C SER E 293 45.87 10.07 8.95
N PHE E 294 45.63 9.96 10.26
CA PHE E 294 46.52 10.56 11.23
C PHE E 294 47.85 9.82 11.32
N TRP E 295 47.94 8.60 10.80
CA TRP E 295 49.15 7.80 10.84
C TRP E 295 49.89 7.81 9.52
N ILE E 296 49.52 8.70 8.60
CA ILE E 296 50.21 8.87 7.33
C ILE E 296 50.91 10.22 7.37
N ASN E 297 52.15 10.26 6.88
CA ASN E 297 52.93 11.49 6.88
C ASN E 297 52.20 12.57 6.09
N TYR E 298 52.22 13.80 6.63
CA TYR E 298 51.43 14.89 6.08
C TYR E 298 51.87 15.34 4.70
N ASP E 299 53.04 14.91 4.23
CA ASP E 299 53.48 15.28 2.88
C ASP E 299 52.72 14.52 1.80
N ALA E 300 52.13 13.38 2.13
CA ALA E 300 51.38 12.58 1.16
C ALA E 300 49.97 13.15 1.04
N SER E 301 49.87 14.24 0.27
CA SER E 301 48.58 14.93 0.13
C SER E 301 47.55 14.06 -0.57
N ALA E 302 47.95 13.35 -1.61
CA ALA E 302 46.99 12.55 -2.37
C ALA E 302 46.40 11.43 -1.53
N ALA E 303 47.23 10.80 -0.68
CA ALA E 303 46.76 9.66 0.10
C ALA E 303 45.75 10.08 1.15
N ARG E 304 46.02 11.17 1.88
CA ARG E 304 45.17 11.55 2.98
C ARG E 304 43.87 12.19 2.51
N VAL E 305 43.92 12.97 1.42
CA VAL E 305 42.70 13.57 0.90
C VAL E 305 41.77 12.51 0.33
N ALA E 306 42.32 11.56 -0.42
CA ALA E 306 41.49 10.49 -0.98
C ALA E 306 40.84 9.65 0.12
N LEU E 307 41.61 9.32 1.16
CA LEU E 307 41.03 8.59 2.28
C LEU E 307 40.00 9.42 3.02
N GLY E 308 40.28 10.72 3.20
CA GLY E 308 39.36 11.56 3.94
C GLY E 308 38.03 11.77 3.25
N ILE E 309 38.06 11.95 1.93
CA ILE E 309 36.84 12.26 1.20
C ILE E 309 36.06 11.01 0.79
N THR E 310 36.72 9.85 0.70
CA THR E 310 36.00 8.62 0.38
C THR E 310 35.20 8.12 1.57
N THR E 311 35.73 8.28 2.79
CA THR E 311 34.96 7.90 3.97
C THR E 311 33.75 8.80 4.16
N VAL E 312 33.85 10.07 3.79
CA VAL E 312 32.69 10.95 3.81
C VAL E 312 31.65 10.48 2.80
N LEU E 313 32.10 10.09 1.60
CA LEU E 313 31.17 9.55 0.61
C LEU E 313 30.57 8.24 1.08
N THR E 314 31.37 7.40 1.75
CA THR E 314 30.85 6.13 2.25
C THR E 314 29.87 6.34 3.41
N MET E 315 30.05 7.42 4.19
CA MET E 315 29.14 7.70 5.28
C MET E 315 27.80 8.20 4.77
N THR E 316 27.80 8.98 3.69
CA THR E 316 26.54 9.42 3.10
C THR E 316 25.79 8.25 2.47
N THR E 317 26.51 7.26 1.92
CA THR E 317 25.87 6.10 1.33
C THR E 317 25.09 5.32 2.39
N ILE E 318 25.64 5.22 3.60
CA ILE E 318 24.94 4.53 4.68
C ILE E 318 23.68 5.29 5.06
N ASN E 319 23.80 6.62 5.22
CA ASN E 319 22.65 7.41 5.64
C ASN E 319 21.54 7.40 4.59
N THR E 320 21.89 7.53 3.32
CA THR E 320 20.88 7.65 2.27
C THR E 320 20.32 6.30 1.83
N HIS E 321 20.86 5.20 2.32
CA HIS E 321 20.35 3.88 1.98
C HIS E 321 19.72 3.14 3.15
N LEU E 322 20.08 3.50 4.38
CA LEU E 322 19.42 2.91 5.54
C LEU E 322 18.03 3.51 5.74
N ARG E 323 17.87 4.80 5.44
CA ARG E 323 16.57 5.45 5.64
C ARG E 323 15.51 4.81 4.76
N GLU E 324 15.91 4.24 3.63
CA GLU E 324 14.98 3.45 2.83
C GLU E 324 14.56 2.19 3.57
N THR E 325 15.50 1.53 4.25
CA THR E 325 15.17 0.35 5.03
C THR E 325 14.43 0.72 6.31
N LEU E 326 14.89 1.77 6.99
CA LEU E 326 14.24 2.22 8.20
C LEU E 326 12.87 2.81 7.89
N PRO E 327 11.94 2.78 8.85
CA PRO E 327 10.59 3.27 8.58
C PRO E 327 10.59 4.74 8.19
N LYS E 328 9.69 5.09 7.26
CA LYS E 328 9.61 6.44 6.72
C LYS E 328 8.56 7.25 7.49
N ILE E 329 8.87 7.45 8.78
CA ILE E 329 8.06 8.29 9.66
C ILE E 329 8.91 9.49 10.05
N PRO E 330 8.74 10.64 9.41
CA PRO E 330 9.71 11.73 9.58
C PRO E 330 9.65 12.43 10.94
N TYR E 331 10.61 12.10 11.80
CA TYR E 331 11.02 12.92 12.93
C TYR E 331 12.23 12.28 13.59
N VAL E 332 12.93 13.03 14.45
CA VAL E 332 14.23 12.61 14.93
C VAL E 332 14.10 11.38 15.81
N LYS E 333 14.91 10.37 15.53
CA LYS E 333 14.98 9.14 16.31
C LYS E 333 16.35 9.02 16.95
N ALA E 334 16.50 7.99 17.78
CA ALA E 334 17.79 7.77 18.44
C ALA E 334 18.86 7.33 17.45
N ILE E 335 18.48 6.59 16.41
CA ILE E 335 19.47 6.14 15.44
C ILE E 335 19.96 7.30 14.58
N ASP E 336 19.08 8.28 14.32
CA ASP E 336 19.47 9.43 13.50
C ASP E 336 20.54 10.25 14.18
N MET E 337 20.45 10.43 15.50
CA MET E 337 21.45 11.20 16.22
C MET E 337 22.80 10.50 16.21
N TYR E 338 22.82 9.17 16.16
CA TYR E 338 24.09 8.45 16.14
C TYR E 338 24.76 8.56 14.77
N LEU E 339 23.97 8.42 13.70
CA LEU E 339 24.54 8.50 12.35
C LEU E 339 25.06 9.91 12.06
N MET E 340 24.33 10.93 12.50
CA MET E 340 24.83 12.29 12.35
C MET E 340 26.04 12.56 13.23
N GLY E 341 26.10 11.94 14.41
CA GLY E 341 27.26 12.09 15.26
C GLY E 341 28.52 11.50 14.64
N CYS E 342 28.39 10.33 14.02
CA CYS E 342 29.53 9.75 13.33
C CYS E 342 29.89 10.54 12.08
N PHE E 343 28.91 11.20 11.47
CA PHE E 343 29.17 12.00 10.29
C PHE E 343 30.06 13.20 10.62
N VAL E 344 29.95 13.74 11.83
CA VAL E 344 30.77 14.88 12.21
C VAL E 344 32.23 14.46 12.38
N PHE E 345 32.46 13.29 12.98
CA PHE E 345 33.83 12.85 13.23
C PHE E 345 34.59 12.62 11.93
N VAL E 346 33.96 11.99 10.94
CA VAL E 346 34.63 11.82 9.66
C VAL E 346 34.77 13.17 8.95
N PHE E 347 33.86 14.10 9.21
CA PHE E 347 33.98 15.44 8.65
C PHE E 347 35.12 16.21 9.28
N LEU E 348 35.28 16.09 10.61
CA LEU E 348 36.35 16.81 11.29
C LEU E 348 37.72 16.19 11.00
N ALA E 349 37.77 14.89 10.75
CA ALA E 349 39.04 14.25 10.44
C ALA E 349 39.63 14.80 9.16
N LEU E 350 38.80 14.98 8.13
CA LEU E 350 39.28 15.60 6.89
C LEU E 350 39.55 17.08 7.09
N LEU E 351 38.75 17.76 7.90
CA LEU E 351 38.98 19.17 8.17
C LEU E 351 40.26 19.39 8.98
N GLU E 352 40.67 18.38 9.76
CA GLU E 352 41.90 18.50 10.54
C GLU E 352 43.13 18.50 9.64
N TYR E 353 43.11 17.71 8.57
CA TYR E 353 44.27 17.64 7.68
C TYR E 353 44.51 18.97 6.98
N ALA E 354 43.44 19.70 6.66
CA ALA E 354 43.59 20.99 6.02
C ALA E 354 44.43 21.93 6.89
N PHE E 355 44.22 21.90 8.20
CA PHE E 355 45.04 22.71 9.10
CA PHE E 355 45.04 22.71 9.10
C PHE E 355 46.50 22.28 9.05
N VAL E 356 46.76 20.97 9.03
CA VAL E 356 48.13 20.49 8.99
C VAL E 356 48.77 20.79 7.64
N ASN E 357 48.04 20.58 6.56
CA ASN E 357 48.60 20.78 5.23
C ASN E 357 48.88 22.25 4.95
N TYR E 358 48.27 23.15 5.71
CA TYR E 358 48.45 24.57 5.47
C TYR E 358 49.70 25.11 6.15
N ILE E 359 50.12 24.47 7.25
CA ILE E 359 51.22 24.99 8.07
C ILE E 359 52.41 24.05 8.10
N PHE E 360 52.37 22.94 7.36
CA PHE E 360 53.49 22.00 7.41
C PHE E 360 54.70 22.50 6.63
N PHE E 361 54.51 23.39 5.67
CA PHE E 361 55.64 23.89 4.88
C PHE E 361 56.46 24.90 5.67
N SER E 362 55.82 25.72 6.50
CA SER E 362 56.51 26.75 7.26
C SER E 362 56.70 26.40 8.73
N GLN E 363 55.86 25.53 9.28
CA GLN E 363 55.96 25.12 10.68
C GLN E 363 55.92 23.60 10.77
N PRO E 364 56.99 22.93 10.34
CA PRO E 364 56.99 21.45 10.40
C PRO E 364 56.83 20.90 11.80
N ALA E 365 57.38 21.58 12.82
CA ALA E 365 57.27 21.09 14.19
C ALA E 365 55.83 21.12 14.68
N ARG E 366 55.12 22.22 14.42
CA ARG E 366 53.73 22.32 14.86
C ARG E 366 52.84 21.33 14.12
N ALA E 367 53.09 21.15 12.81
CA ALA E 367 52.28 20.22 12.03
C ALA E 367 52.43 18.79 12.54
N ALA E 368 53.65 18.39 12.88
CA ALA E 368 53.85 17.06 13.44
C ALA E 368 53.16 16.90 14.78
N ALA E 369 53.18 17.95 15.61
CA ALA E 369 52.55 17.88 16.92
C ALA E 369 51.04 17.71 16.80
N ILE E 370 50.42 18.40 15.84
CA ILE E 370 48.98 18.28 15.67
C ILE E 370 48.58 16.87 15.29
N ASP E 371 49.36 16.23 14.41
CA ASP E 371 49.07 14.84 14.06
C ASP E 371 49.23 13.91 15.25
N ARG E 372 50.22 14.17 16.11
CA ARG E 372 50.39 13.35 17.30
C ARG E 372 49.18 13.44 18.22
N TRP E 373 48.65 14.65 18.41
CA TRP E 373 47.50 14.81 19.29
C TRP E 373 46.22 14.30 18.64
N SER E 374 46.11 14.38 17.31
CA SER E 374 44.92 13.90 16.64
C SER E 374 44.79 12.39 16.76
N ARG E 375 45.91 11.68 16.94
CA ARG E 375 45.85 10.24 17.15
C ARG E 375 45.28 9.85 18.50
N ILE E 376 45.11 10.81 19.41
CA ILE E 376 44.61 10.56 20.76
C ILE E 376 43.25 11.23 20.97
N VAL E 377 43.11 12.48 20.55
CA VAL E 377 41.88 13.22 20.80
C VAL E 377 40.70 12.59 20.09
N PHE E 378 40.88 12.24 18.81
CA PHE E 378 39.77 11.67 18.04
C PHE E 378 39.30 10.33 18.60
N PRO E 379 40.15 9.33 18.86
CA PRO E 379 39.64 8.10 19.48
C PRO E 379 39.07 8.32 20.87
N PHE E 380 39.63 9.25 21.65
CA PHE E 380 39.13 9.50 22.99
C PHE E 380 37.78 10.21 22.97
N THR E 381 37.64 11.23 22.13
CA THR E 381 36.39 11.97 22.06
C THR E 381 35.27 11.10 21.52
N PHE E 382 35.58 10.19 20.58
CA PHE E 382 34.56 9.29 20.05
C PHE E 382 34.09 8.31 21.11
N SER E 383 34.95 7.99 22.09
CA SER E 383 34.51 7.12 23.18
C SER E 383 33.59 7.88 24.14
N LEU E 384 33.87 9.17 24.37
CA LEU E 384 32.97 9.97 25.19
C LEU E 384 31.61 10.13 24.52
N PHE E 385 31.60 10.30 23.20
CA PHE E 385 30.33 10.42 22.49
C PHE E 385 29.50 9.15 22.63
N ASN E 386 30.13 7.98 22.51
CA ASN E 386 29.40 6.73 22.71
C ASN E 386 28.91 6.60 24.14
N LEU E 387 29.76 6.95 25.12
CA LEU E 387 29.38 6.79 26.52
C LEU E 387 28.17 7.65 26.87
N VAL E 388 28.15 8.89 26.40
CA VAL E 388 27.00 9.76 26.64
C VAL E 388 25.79 9.26 25.89
N TYR E 389 25.97 8.77 24.66
CA TYR E 389 24.85 8.33 23.84
C TYR E 389 24.13 7.15 24.48
N TRP E 390 24.88 6.10 24.82
CA TRP E 390 24.24 4.87 25.31
C TRP E 390 23.58 5.09 26.67
N LEU E 391 24.22 5.84 27.56
CA LEU E 391 23.63 6.08 28.87
C LEU E 391 22.32 6.86 28.76
N TYR E 392 22.28 7.85 27.86
CA TYR E 392 21.08 8.65 27.69
C TYR E 392 19.94 7.87 27.05
N TYR E 393 20.24 6.79 26.31
CA TYR E 393 19.21 6.03 25.62
C TYR E 393 19.01 4.63 26.17
N VAL E 394 19.88 4.17 27.07
CA VAL E 394 19.70 2.85 27.68
C VAL E 394 19.64 2.98 29.19
N GLN F 1 3.15 4.22 35.17
CA GLN F 1 2.90 5.06 36.34
C GLN F 1 3.47 6.46 36.11
N VAL F 2 2.68 7.48 36.43
CA VAL F 2 3.05 8.87 36.21
C VAL F 2 2.92 9.62 37.54
N GLN F 3 3.95 10.37 37.89
CA GLN F 3 3.94 11.20 39.09
C GLN F 3 3.76 12.66 38.69
N LEU F 4 2.85 13.35 39.37
CA LEU F 4 2.54 14.75 39.08
C LEU F 4 2.98 15.62 40.25
N VAL F 5 3.65 16.73 39.95
CA VAL F 5 4.16 17.66 40.95
C VAL F 5 3.55 19.03 40.69
N GLU F 6 3.08 19.68 41.75
CA GLU F 6 2.42 20.97 41.67
C GLU F 6 3.36 22.06 42.17
N SER F 7 3.50 23.12 41.40
CA SER F 7 4.34 24.25 41.76
C SER F 7 3.73 25.53 41.23
N GLY F 8 4.11 26.64 41.86
CA GLY F 8 3.61 27.94 41.47
C GLY F 8 2.64 28.53 42.48
N LEU F 405 0.74 34.97 39.82
CA LEU F 405 0.11 33.66 39.91
C LEU F 405 0.26 32.89 38.60
N ARG F 406 1.19 31.93 38.60
CA ARG F 406 1.45 31.08 37.43
C ARG F 406 1.72 29.67 37.95
N LEU F 407 0.67 28.85 37.98
CA LEU F 407 0.82 27.48 38.44
C LEU F 407 1.50 26.63 37.37
N SER F 408 2.36 25.72 37.82
CA SER F 408 3.07 24.81 36.93
C SER F 408 2.89 23.37 37.43
N CYS F 409 2.65 22.47 36.48
CA CYS F 409 2.50 21.05 36.77
C CYS F 409 3.63 20.28 36.10
N ALA F 410 4.36 19.51 36.89
CA ALA F 410 5.49 18.73 36.41
C ALA F 410 5.17 17.25 36.49
N ALA F 411 5.52 16.50 35.44
CA ALA F 411 5.20 15.10 35.33
C ALA F 411 6.45 14.29 35.01
N SER F 412 6.44 13.03 35.43
CA SER F 412 7.55 12.12 35.17
C SER F 412 7.01 10.70 35.08
N GLY F 413 7.80 9.82 34.47
CA GLY F 413 7.41 8.43 34.32
C GLY F 413 6.97 8.08 32.91
N HIS F 414 5.84 7.40 32.79
CA HIS F 414 5.28 7.05 31.48
C HIS F 414 4.31 8.14 31.00
N THR F 415 4.87 9.34 30.80
CA THR F 415 4.06 10.48 30.40
C THR F 415 3.51 10.35 28.98
N PHE F 416 4.01 9.41 28.19
CA PHE F 416 3.51 9.25 26.83
C PHE F 416 2.15 8.57 26.80
N ASN F 417 1.89 7.65 27.73
CA ASN F 417 0.60 6.99 27.78
C ASN F 417 -0.51 7.89 28.30
N TYR F 418 -0.17 9.06 28.84
CA TYR F 418 -1.14 10.03 29.35
C TYR F 418 -0.84 11.38 28.73
N PRO F 419 -1.16 11.56 27.45
CA PRO F 419 -0.72 12.76 26.72
C PRO F 419 -1.54 14.01 26.99
N ILE F 420 -2.56 13.94 27.85
CA ILE F 420 -3.44 15.07 28.11
C ILE F 420 -3.38 15.41 29.59
N MET F 421 -3.10 16.67 29.89
CA MET F 421 -3.09 17.17 31.26
C MET F 421 -4.27 18.13 31.45
N GLY F 422 -4.94 18.02 32.60
CA GLY F 422 -6.08 18.86 32.88
C GLY F 422 -5.95 19.53 34.23
N TRP F 423 -6.63 20.66 34.36
CA TRP F 423 -6.68 21.43 35.59
C TRP F 423 -8.11 21.45 36.11
N PHE F 424 -8.27 21.16 37.39
CA PHE F 424 -9.58 21.18 38.04
C PHE F 424 -9.49 22.00 39.32
N ARG F 425 -10.59 22.66 39.67
CA ARG F 425 -10.71 23.39 40.91
C ARG F 425 -11.92 22.89 41.68
N GLN F 426 -11.75 22.72 42.99
CA GLN F 426 -12.79 22.18 43.86
C GLN F 426 -13.27 23.28 44.80
N ALA F 427 -14.52 23.70 44.63
CA ALA F 427 -15.11 24.68 45.53
C ALA F 427 -15.32 24.06 46.90
N PRO F 428 -15.19 24.86 47.97
CA PRO F 428 -15.45 24.31 49.31
C PRO F 428 -16.87 23.80 49.49
N GLY F 429 -17.85 24.44 48.86
CA GLY F 429 -19.24 24.03 48.95
C GLY F 429 -19.77 23.27 47.75
N LYS F 430 -18.98 23.06 46.71
CA LYS F 430 -19.43 22.39 45.51
C LYS F 430 -18.40 21.32 45.13
N GLU F 431 -18.59 20.72 43.96
CA GLU F 431 -17.75 19.62 43.50
C GLU F 431 -16.68 20.13 42.54
N ARG F 432 -15.87 19.20 42.03
CA ARG F 432 -14.78 19.57 41.14
C ARG F 432 -15.30 20.11 39.82
N GLU F 433 -14.63 21.15 39.33
CA GLU F 433 -15.03 21.84 38.11
C GLU F 433 -13.87 21.86 37.12
N PHE F 434 -14.18 21.61 35.85
CA PHE F 434 -13.16 21.64 34.82
C PHE F 434 -12.69 23.07 34.56
N VAL F 435 -11.39 23.22 34.29
CA VAL F 435 -10.81 24.53 34.02
C VAL F 435 -10.21 24.56 32.62
N GLY F 436 -9.24 23.68 32.38
CA GLY F 436 -8.61 23.63 31.07
C GLY F 436 -7.81 22.36 30.88
N ALA F 437 -7.49 22.09 29.62
CA ALA F 437 -6.73 20.90 29.25
C ALA F 437 -5.75 21.26 28.14
N ILE F 438 -4.60 20.59 28.14
CA ILE F 438 -3.54 20.84 27.18
C ILE F 438 -2.98 19.50 26.69
N SER F 439 -2.88 19.34 25.38
CA SER F 439 -2.18 18.20 24.82
C SER F 439 -0.68 18.37 25.03
N TRP F 440 -0.01 17.26 25.37
CA TRP F 440 1.43 17.33 25.65
C TRP F 440 2.22 17.73 24.42
N SER F 441 1.86 17.20 23.26
CA SER F 441 2.64 17.40 22.04
C SER F 441 2.04 18.46 21.13
N GLY F 442 0.77 18.29 20.73
CA GLY F 442 0.18 19.18 19.75
C GLY F 442 0.09 20.63 20.22
N GLY F 443 -0.13 20.85 21.50
CA GLY F 443 -0.28 22.18 22.03
C GLY F 443 -1.68 22.76 21.95
N SER F 444 -2.63 22.04 21.34
CA SER F 444 -4.00 22.51 21.31
C SER F 444 -4.58 22.58 22.70
N THR F 445 -5.35 23.63 22.97
CA THR F 445 -5.87 23.89 24.30
C THR F 445 -7.39 24.00 24.27
N SER F 446 -8.01 23.65 25.39
CA SER F 446 -9.44 23.83 25.60
C SER F 446 -9.65 24.45 26.97
N TYR F 447 -10.63 25.34 27.08
CA TYR F 447 -10.87 26.08 28.31
C TYR F 447 -12.34 26.03 28.67
N ALA F 448 -12.61 26.15 29.96
CA ALA F 448 -13.98 26.30 30.43
C ALA F 448 -14.52 27.66 30.03
N ASP F 449 -15.85 27.75 29.95
CA ASP F 449 -16.49 28.99 29.49
C ASP F 449 -16.20 30.15 30.43
N SER F 450 -16.19 29.90 31.74
CA SER F 450 -16.03 30.97 32.71
C SER F 450 -14.61 31.52 32.76
N VAL F 451 -13.64 30.81 32.20
CA VAL F 451 -12.24 31.21 32.29
C VAL F 451 -11.61 31.43 30.92
N LYS F 452 -12.43 31.58 29.88
CA LYS F 452 -11.88 31.87 28.56
C LYS F 452 -11.32 33.28 28.52
N ASP F 453 -10.16 33.42 27.87
CA ASP F 453 -9.42 34.67 27.68
C ASP F 453 -8.83 35.22 28.97
N ARG F 454 -9.07 34.58 30.12
CA ARG F 454 -8.47 34.99 31.38
C ARG F 454 -7.35 34.07 31.83
N PHE F 455 -7.46 32.78 31.52
CA PHE F 455 -6.43 31.80 31.83
C PHE F 455 -5.81 31.27 30.54
N THR F 456 -4.50 31.09 30.55
CA THR F 456 -3.77 30.57 29.41
C THR F 456 -2.95 29.36 29.84
N ILE F 457 -2.97 28.31 29.03
CA ILE F 457 -2.29 27.07 29.34
C ILE F 457 -1.30 26.75 28.23
N SER F 458 -0.07 26.42 28.61
CA SER F 458 0.97 26.03 27.67
C SER F 458 1.88 25.02 28.35
N ARG F 459 2.65 24.30 27.53
CA ARG F 459 3.49 23.23 28.04
C ARG F 459 4.84 23.26 27.32
N ASP F 460 5.83 22.65 27.97
CA ASP F 460 7.14 22.43 27.35
C ASP F 460 7.58 21.01 27.67
N ASN F 461 8.10 20.32 26.65
CA ASN F 461 8.59 18.96 26.81
C ASN F 461 10.06 18.90 27.17
N ALA F 462 10.72 20.06 27.32
CA ALA F 462 12.11 20.06 27.74
C ALA F 462 12.27 19.49 29.13
N LYS F 463 11.37 19.84 30.04
CA LYS F 463 11.39 19.31 31.40
C LYS F 463 10.04 18.75 31.83
N ASN F 464 9.13 18.51 30.88
CA ASN F 464 7.81 17.93 31.16
C ASN F 464 7.05 18.77 32.19
N THR F 465 6.73 20.00 31.79
CA THR F 465 6.02 20.94 32.65
C THR F 465 4.85 21.55 31.90
N VAL F 466 3.74 21.72 32.59
CA VAL F 466 2.53 22.34 32.05
C VAL F 466 2.26 23.61 32.84
N TYR F 467 2.08 24.72 32.13
CA TYR F 467 1.94 26.03 32.74
C TYR F 467 0.50 26.50 32.68
N LEU F 468 0.03 27.08 33.78
CA LEU F 468 -1.31 27.64 33.90
C LEU F 468 -1.16 29.12 34.24
N GLU F 469 -1.19 29.98 33.23
CA GLU F 469 -1.06 31.42 33.45
C GLU F 469 -2.41 32.01 33.83
N MET F 470 -2.51 32.56 35.03
CA MET F 470 -3.76 33.08 35.57
C MET F 470 -3.74 34.60 35.51
N ASN F 471 -4.72 35.19 34.85
CA ASN F 471 -4.85 36.63 34.70
C ASN F 471 -6.28 37.05 35.02
N ASN F 472 -6.43 38.33 35.38
CA ASN F 472 -7.72 38.93 35.69
C ASN F 472 -8.43 38.13 36.80
N LEU F 473 -7.67 37.86 37.86
CA LEU F 473 -8.18 37.07 38.97
C LEU F 473 -9.32 37.79 39.67
N LYS F 474 -10.24 37.01 40.22
CA LYS F 474 -11.42 37.50 40.91
C LYS F 474 -11.55 36.80 42.25
N PRO F 475 -12.23 37.42 43.22
CA PRO F 475 -12.36 36.77 44.54
C PRO F 475 -13.16 35.48 44.51
N GLU F 476 -13.94 35.22 43.45
CA GLU F 476 -14.76 34.02 43.40
C GLU F 476 -13.96 32.83 42.89
N ASP F 477 -12.67 33.03 42.59
CA ASP F 477 -11.83 31.96 42.06
C ASP F 477 -11.02 31.29 43.15
N THR F 478 -11.56 31.22 44.36
CA THR F 478 -10.87 30.61 45.49
C THR F 478 -11.26 29.13 45.57
N ALA F 479 -10.35 28.26 45.14
CA ALA F 479 -10.59 26.83 45.18
C ALA F 479 -9.24 26.11 45.15
N VAL F 480 -9.28 24.83 45.49
CA VAL F 480 -8.07 24.00 45.46
C VAL F 480 -7.86 23.51 44.03
N TYR F 481 -6.68 23.81 43.47
CA TYR F 481 -6.38 23.50 42.09
C TYR F 481 -5.63 22.17 41.99
N TYR F 482 -6.11 21.28 41.14
CA TYR F 482 -5.51 19.97 40.92
C TYR F 482 -5.01 19.86 39.50
N CYS F 483 -3.97 19.06 39.32
CA CYS F 483 -3.45 18.68 38.01
C CYS F 483 -3.69 17.19 37.82
N ALA F 484 -4.20 16.82 36.65
CA ALA F 484 -4.60 15.43 36.41
C ALA F 484 -4.11 14.99 35.03
N ALA F 485 -4.01 13.68 34.88
CA ALA F 485 -3.59 13.06 33.63
C ALA F 485 -4.68 12.14 33.11
N LYS F 486 -4.90 12.19 31.80
CA LYS F 486 -5.97 11.44 31.15
C LYS F 486 -5.39 10.54 30.08
N GLY F 487 -5.88 9.31 30.01
CA GLY F 487 -5.41 8.36 29.04
C GLY F 487 -5.82 8.74 27.62
N ARG F 488 -5.25 8.00 26.66
CA ARG F 488 -5.47 8.32 25.26
C ARG F 488 -6.91 8.02 24.84
N TYR F 489 -7.49 6.93 25.36
CA TYR F 489 -8.85 6.53 25.03
C TYR F 489 -9.75 6.55 26.27
N SER F 490 -9.62 7.59 27.08
CA SER F 490 -10.38 7.69 28.32
C SER F 490 -11.72 8.39 28.16
N GLY F 491 -12.05 8.84 26.96
CA GLY F 491 -13.38 9.37 26.69
C GLY F 491 -13.43 10.88 26.82
N GLY F 492 -14.43 11.37 27.56
CA GLY F 492 -14.67 12.80 27.64
C GLY F 492 -13.56 13.54 28.36
N LEU F 493 -13.54 14.85 28.13
CA LEU F 493 -12.48 15.71 28.66
C LEU F 493 -12.91 16.57 29.83
N TYR F 494 -14.22 16.77 30.02
CA TYR F 494 -14.73 17.66 31.05
C TYR F 494 -15.18 16.93 32.31
N TYR F 495 -14.90 15.64 32.42
CA TYR F 495 -15.40 14.82 33.51
C TYR F 495 -14.24 14.30 34.35
N PRO F 496 -14.21 14.59 35.66
CA PRO F 496 -13.03 14.22 36.46
C PRO F 496 -12.78 12.72 36.56
N THR F 497 -13.81 11.89 36.37
CA THR F 497 -13.64 10.46 36.58
C THR F 497 -12.68 9.84 35.57
N ASN F 498 -12.64 10.38 34.35
CA ASN F 498 -11.79 9.81 33.31
C ASN F 498 -10.31 10.00 33.57
N TYR F 499 -9.94 10.84 34.53
CA TYR F 499 -8.53 11.11 34.83
C TYR F 499 -8.01 10.13 35.87
N ASP F 500 -6.80 9.63 35.64
CA ASP F 500 -6.23 8.58 36.49
C ASP F 500 -5.40 9.14 37.63
N TYR F 501 -4.34 9.87 37.31
CA TYR F 501 -3.39 10.35 38.31
C TYR F 501 -3.72 11.79 38.68
N TRP F 502 -3.94 12.03 39.98
CA TRP F 502 -4.28 13.35 40.49
C TRP F 502 -3.13 13.90 41.31
N GLY F 503 -2.78 15.16 41.07
CA GLY F 503 -1.72 15.81 41.81
C GLY F 503 -2.16 16.25 43.19
N GLN F 504 -1.19 16.75 43.95
CA GLN F 504 -1.46 17.23 45.30
C GLN F 504 -2.27 18.52 45.27
N GLY F 505 -3.14 18.67 46.25
CA GLY F 505 -3.98 19.85 46.33
C GLY F 505 -3.14 21.12 46.53
N THR F 506 -3.46 22.15 45.75
CA THR F 506 -2.79 23.44 45.82
C THR F 506 -3.83 24.52 46.02
N GLN F 507 -3.60 25.40 46.99
CA GLN F 507 -4.52 26.48 47.32
C GLN F 507 -3.95 27.81 46.86
N VAL F 508 -4.73 28.55 46.08
CA VAL F 508 -4.35 29.88 45.60
C VAL F 508 -5.49 30.84 45.91
N THR F 509 -5.16 31.98 46.51
CA THR F 509 -6.16 32.97 46.86
C THR F 509 -5.78 34.34 46.32
C1 NAG G . -22.94 -14.62 -6.32
C2 NAG G . -23.38 -13.77 -5.14
C3 NAG G . -24.86 -14.00 -4.85
C4 NAG G . -25.68 -13.74 -6.11
C5 NAG G . -25.14 -14.58 -7.26
C6 NAG G . -25.83 -14.28 -8.58
C7 NAG G . -22.26 -13.15 -3.05
C8 NAG G . -21.43 -13.62 -1.89
N2 NAG G . -22.58 -14.07 -3.95
O3 NAG G . -25.29 -13.13 -3.81
O4 NAG G . -27.04 -14.10 -5.88
O5 NAG G . -23.75 -14.30 -7.46
O6 NAG G . -25.30 -15.07 -9.64
O7 NAG G . -22.62 -11.98 -3.15
C1 NAG G . -27.88 -12.93 -5.89
C2 NAG G . -29.32 -13.38 -6.11
C3 NAG G . -30.27 -12.18 -6.09
C4 NAG G . -30.08 -11.41 -4.79
C5 NAG G . -28.61 -11.02 -4.63
C6 NAG G . -28.32 -10.32 -3.32
C7 NAG G . -29.95 -15.35 -7.43
C8 NAG G . -30.01 -15.97 -8.80
N2 NAG G . -29.45 -14.11 -7.36
O3 NAG G . -31.61 -12.64 -6.20
O4 NAG G . -30.89 -10.24 -4.79
O5 NAG G . -27.79 -12.19 -4.68
O6 NAG G . -26.94 -9.99 -3.21
O7 NAG G . -30.33 -15.96 -6.43
C1 BMA G . -31.94 -10.41 -3.81
C2 BMA G . -32.70 -9.10 -3.67
C3 BMA G . -33.85 -9.25 -2.68
C4 BMA G . -34.73 -10.42 -3.06
C5 BMA G . -33.89 -11.68 -3.23
C6 BMA G . -34.70 -12.86 -3.74
O2 BMA G . -33.20 -8.70 -4.94
O3 BMA G . -34.62 -8.05 -2.64
O4 BMA G . -35.71 -10.65 -2.05
O5 BMA G . -32.85 -11.44 -4.20
O6 BMA G . -35.51 -12.49 -4.84
C1 MAN G . -34.03 -7.14 -1.70
C2 MAN G . -35.11 -6.71 -0.70
C3 MAN G . -36.20 -5.92 -1.42
C4 MAN G . -35.59 -4.75 -2.18
C5 MAN G . -34.48 -5.26 -3.12
C6 MAN G . -33.74 -4.14 -3.82
O2 MAN G . -34.54 -5.93 0.33
O3 MAN G . -37.15 -5.44 -0.48
O4 MAN G . -36.58 -4.10 -2.96
O5 MAN G . -33.50 -5.99 -2.35
O6 MAN G . -32.73 -4.65 -4.67
C1 MAN G . -36.32 -13.61 -5.25
C2 MAN G . -36.99 -13.25 -6.58
C3 MAN G . -37.99 -12.12 -6.38
C4 MAN G . -38.98 -12.48 -5.28
C5 MAN G . -38.23 -12.85 -4.01
C6 MAN G . -39.15 -13.33 -2.91
O2 MAN G . -37.64 -14.39 -7.11
O3 MAN G . -38.67 -11.85 -7.60
O4 MAN G . -39.84 -11.38 -5.02
O5 MAN G . -37.32 -13.93 -4.28
O6 MAN G . -39.88 -14.49 -3.30
C1 NAG H . -0.26 -22.11 -24.84
C2 NAG H . -0.55 -22.19 -26.33
C3 NAG H . -1.79 -23.03 -26.60
C4 NAG H . -1.66 -24.39 -25.93
C5 NAG H . -1.31 -24.23 -24.45
C6 NAG H . -1.03 -25.54 -23.76
C7 NAG H . -0.55 -20.58 -28.19
C8 NAG H . -0.76 -19.16 -28.60
N2 NAG H . -0.71 -20.85 -26.90
O3 NAG H . -1.97 -23.20 -28.00
O4 NAG H . -2.90 -25.08 -26.00
O5 NAG H . -0.12 -23.43 -24.32
O6 NAG H . -0.68 -25.34 -22.39
O7 NAG H . -0.25 -21.45 -29.01
C1 NAG H . -2.84 -26.19 -26.93
C2 NAG H . -3.85 -27.25 -26.48
C3 NAG H . -3.87 -28.41 -27.46
C4 NAG H . -4.14 -27.89 -28.86
C5 NAG H . -3.12 -26.81 -29.23
C6 NAG H . -3.39 -26.18 -30.57
C7 NAG H . -4.22 -27.36 -24.05
C8 NAG H . -3.76 -27.95 -22.76
N2 NAG H . -3.52 -27.71 -25.13
O3 NAG H . -4.88 -29.33 -27.08
O4 NAG H . -4.04 -28.96 -29.80
O5 NAG H . -3.17 -25.76 -28.26
O6 NAG H . -2.44 -25.16 -30.86
O7 NAG H . -5.20 -26.61 -24.12
C1 BMA H . -5.33 -29.19 -30.42
C2 BMA H . -5.10 -30.05 -31.66
C3 BMA H . -6.44 -30.34 -32.34
C4 BMA H . -7.43 -30.94 -31.35
C5 BMA H . -7.54 -30.05 -30.12
C6 BMA H . -8.40 -30.66 -29.04
O2 BMA H . -4.49 -31.28 -31.27
O3 BMA H . -6.26 -31.22 -33.44
O4 BMA H . -8.70 -31.07 -31.96
O5 BMA H . -6.24 -29.84 -29.53
O6 BMA H . -7.91 -31.95 -28.65
C1 MAN H . -5.31 -30.68 -34.38
C2 MAN H . -6.05 -30.37 -35.69
C3 MAN H . -6.55 -31.65 -36.32
C4 MAN H . -5.41 -32.65 -36.49
C5 MAN H . -4.70 -32.86 -35.16
C6 MAN H . -3.50 -33.75 -35.26
O2 MAN H . -5.17 -29.69 -36.58
O3 MAN H . -7.14 -31.37 -37.59
O4 MAN H . -5.92 -33.90 -36.96
O5 MAN H . -4.25 -31.60 -34.64
O6 MAN H . -2.88 -33.95 -33.99
C1 MAN H . -8.92 -32.61 -27.85
C2 MAN H . -8.22 -33.60 -26.92
C3 MAN H . -7.58 -34.72 -27.74
C4 MAN H . -8.60 -35.36 -28.67
C5 MAN H . -9.27 -34.29 -29.52
C6 MAN H . -10.38 -34.85 -30.38
O2 MAN H . -9.17 -34.15 -26.02
O3 MAN H . -7.01 -35.69 -26.87
O4 MAN H . -7.96 -36.31 -29.51
O5 MAN H . -9.86 -33.30 -28.67
O6 MAN H . -10.99 -33.82 -31.16
C1 NAG I . -33.55 -10.29 -33.66
C2 NAG I . -33.69 -9.46 -34.93
C3 NAG I . -33.37 -10.29 -36.16
C4 NAG I . -31.98 -10.92 -36.01
C5 NAG I . -31.92 -11.71 -34.71
C6 NAG I . -30.54 -12.29 -34.43
C7 NAG I . -35.27 -7.60 -35.22
C8 NAG I . -36.71 -7.20 -35.31
N2 NAG I . -35.03 -8.91 -35.04
O3 NAG I . -33.40 -9.48 -37.32
O4 NAG I . -31.72 -11.79 -37.11
O5 NAG I . -32.23 -10.85 -33.61
O6 NAG I . -29.57 -11.26 -34.36
O7 NAG I . -34.36 -6.78 -35.31
C1 NAG I . -30.57 -11.30 -37.83
C2 NAG I . -30.04 -12.42 -38.71
C3 NAG I . -28.83 -11.94 -39.51
C4 NAG I . -29.21 -10.68 -40.29
C5 NAG I . -29.78 -9.63 -39.35
C6 NAG I . -30.27 -8.39 -40.07
C7 NAG I . -30.50 -14.65 -37.79
C8 NAG I . -29.97 -15.77 -36.94
N2 NAG I . -29.69 -13.59 -37.92
O3 NAG I . -28.42 -12.96 -40.41
O4 NAG I . -28.06 -10.15 -40.94
O5 NAG I . -30.90 -10.17 -38.64
O6 NAG I . -29.22 -7.74 -40.77
O7 NAG I . -31.59 -14.71 -38.35
C1 NAG J . -9.37 26.99 5.17
C2 NAG J . -9.61 27.77 6.47
C3 NAG J . -11.09 28.12 6.61
C4 NAG J . -11.62 28.79 5.35
C5 NAG J . -11.26 27.98 4.11
C6 NAG J . -11.62 28.69 2.82
C7 NAG J . -8.78 27.60 8.77
C8 NAG J . -8.33 26.66 9.87
N2 NAG J . -9.14 27.01 7.62
O3 NAG J . -11.26 28.96 7.73
O4 NAG J . -13.03 28.87 5.45
O5 NAG J . -9.85 27.74 4.07
O6 NAG J . -11.22 27.92 1.70
O7 NAG J . -8.81 28.81 8.93
C1 NAG J . -13.54 30.22 5.43
C2 NAG J . -14.87 30.19 4.69
C3 NAG J . -15.52 31.57 4.70
C4 NAG J . -15.63 32.08 6.13
C5 NAG J . -14.26 32.06 6.78
C6 NAG J . -14.29 32.48 8.24
C7 NAG J . -15.65 29.01 2.68
C8 NAG J . -15.29 28.60 1.29
N2 NAG J . -14.71 29.70 3.34
O3 NAG J . -16.80 31.51 4.10
O4 NAG J . -16.15 33.42 6.12
O5 NAG J . -13.73 30.73 6.75
O6 NAG J . -12.98 32.46 8.81
O7 NAG J . -16.72 28.75 3.19
C1 BMA J . -17.37 33.46 6.89
C2 BMA J . -17.53 34.89 7.41
C3 BMA J . -18.81 35.02 8.23
C4 BMA J . -20.00 34.54 7.41
C5 BMA J . -19.75 33.14 6.86
C6 BMA J . -20.84 32.64 5.94
O2 BMA J . -17.56 35.80 6.32
O3 BMA J . -19.01 36.35 8.64
O4 BMA J . -21.17 34.51 8.22
O5 BMA J . -18.52 33.12 6.11
O6 BMA J . -21.10 33.58 4.90
C1 MAN J . -17.92 36.77 9.49
C2 MAN J . -18.46 37.12 10.86
C3 MAN J . -19.37 38.35 10.78
C4 MAN J . -18.64 39.50 10.10
C5 MAN J . -18.09 39.04 8.76
C6 MAN J . -17.26 40.10 8.06
O2 MAN J . -17.38 37.38 11.76
O3 MAN J . -19.80 38.73 12.08
O4 MAN J . -19.54 40.59 9.90
O5 MAN J . -17.24 37.90 8.94
O6 MAN J . -16.78 39.65 6.81
C1 MAN J . -22.35 33.23 4.28
C2 MAN J . -22.24 33.48 2.78
C3 MAN J . -22.07 34.96 2.50
C4 MAN J . -23.18 35.76 3.16
C5 MAN J . -23.24 35.42 4.65
C6 MAN J . -24.40 36.09 5.35
O2 MAN J . -23.41 32.99 2.12
O3 MAN J . -22.07 35.20 1.10
O4 MAN J . -22.93 37.15 3.02
O5 MAN J . -23.42 34.00 4.81
O6 MAN J . -24.44 35.74 6.73
C1 NAG K . -33.89 11.58 28.03
C2 NAG K . -33.57 11.69 29.52
C3 NAG K . -33.73 13.15 29.98
C4 NAG K . -32.90 14.07 29.09
C5 NAG K . -33.26 13.85 27.63
C6 NAG K . -32.39 14.65 26.69
C7 NAG K . -33.96 10.13 31.38
C8 NAG K . -34.96 9.27 32.08
N2 NAG K . -34.41 10.81 30.31
O3 NAG K . -33.32 13.26 31.33
O4 NAG K . -33.16 15.42 29.45
O5 NAG K . -33.07 12.47 27.29
O6 NAG K . -31.02 14.33 26.84
O7 NAG K . -32.80 10.23 31.75
C1 NAG K . -31.94 16.02 29.95
C2 NAG K . -31.98 17.52 29.62
C3 NAG K . -30.72 18.21 30.16
C4 NAG K . -30.59 17.92 31.65
C5 NAG K . -30.60 16.42 31.89
C6 NAG K . -30.57 16.06 33.37
C7 NAG K . -33.26 18.01 27.60
C8 NAG K . -33.22 18.21 26.11
N2 NAG K . -32.10 17.73 28.19
O3 NAG K . -30.81 19.61 29.93
O4 NAG K . -29.35 18.46 32.14
O5 NAG K . -31.81 15.85 31.36
O6 NAG K . -29.40 16.56 33.99
O7 NAG K . -34.32 18.11 28.23
C1 NAG L . -24.72 1.17 -0.10
C2 NAG L . -25.87 0.36 0.48
C3 NAG L . -25.34 -0.68 1.47
C4 NAG L . -24.29 -1.54 0.80
C5 NAG L . -23.19 -0.65 0.22
C6 NAG L . -22.14 -1.43 -0.55
C7 NAG L . -28.13 0.89 1.31
C8 NAG L . -28.99 1.91 1.99
N2 NAG L . -26.84 1.24 1.12
O3 NAG L . -26.42 -1.49 1.93
O4 NAG L . -23.72 -2.44 1.74
O5 NAG L . -23.76 0.29 -0.70
O6 NAG L . -21.13 -0.58 -1.06
O7 NAG L . -28.56 -0.20 0.96
C1 NAG L . -24.20 -3.77 1.45
C2 NAG L . -23.24 -4.79 2.07
C3 NAG L . -23.75 -6.20 1.84
C4 NAG L . -25.18 -6.33 2.34
C5 NAG L . -26.05 -5.27 1.69
C6 NAG L . -27.48 -5.27 2.21
C7 NAG L . -20.80 -4.91 2.25
C8 NAG L . -19.49 -4.69 1.55
N2 NAG L . -21.90 -4.63 1.54
O3 NAG L . -22.91 -7.14 2.52
O4 NAG L . -25.70 -7.62 2.02
O5 NAG L . -25.51 -3.97 1.97
O6 NAG L . -27.52 -5.00 3.60
O7 NAG L . -20.85 -5.32 3.40
C1 BMA L . -25.88 -8.37 3.25
C2 BMA L . -27.18 -9.15 3.14
C3 BMA L . -27.39 -10.00 4.39
C4 BMA L . -26.17 -10.88 4.65
C5 BMA L . -24.91 -10.01 4.69
C6 BMA L . -23.64 -10.83 4.82
O2 BMA L . -27.14 -9.98 1.98
O3 BMA L . -28.55 -10.82 4.24
O4 BMA L . -26.31 -11.56 5.90
O5 BMA L . -24.79 -9.26 3.47
O6 BMA L . -22.49 -10.01 4.74
C1 MAN L . -29.68 -10.15 4.81
C2 MAN L . -30.64 -11.21 5.35
C3 MAN L . -31.18 -12.05 4.22
C4 MAN L . -31.81 -11.17 3.15
C5 MAN L . -30.81 -10.11 2.69
C6 MAN L . -31.40 -9.12 1.71
O2 MAN L . -31.70 -10.58 6.05
O3 MAN L . -32.15 -12.98 4.71
O4 MAN L . -32.20 -11.96 2.02
O5 MAN L . -30.36 -9.36 3.82
O6 MAN L . -31.87 -9.76 0.54
C1 MAN L . -21.33 -10.80 5.12
C2 MAN L . -20.20 -9.83 5.48
C3 MAN L . -19.76 -9.06 4.24
C4 MAN L . -19.41 -10.02 3.11
C5 MAN L . -20.57 -10.96 2.85
C6 MAN L . -20.26 -12.01 1.81
O2 MAN L . -19.11 -10.58 6.02
O3 MAN L . -18.63 -8.24 4.56
O4 MAN L . -19.10 -9.29 1.93
O5 MAN L . -20.92 -11.66 4.06
O6 MAN L . -21.37 -12.88 1.61
C1 NAG M . -0.53 0.60 28.64
C2 NAG M . -0.30 -0.29 29.86
C3 NAG M . -1.60 -0.45 30.64
C4 NAG M . -2.21 0.90 30.96
C5 NAG M . -2.32 1.76 29.70
C6 NAG M . -2.78 3.17 29.98
C7 NAG M . 0.93 -2.38 30.27
C8 NAG M . 1.39 -3.68 29.68
N2 NAG M . 0.22 -1.59 29.45
O3 NAG M . -1.34 -1.16 31.84
O4 NAG M . -3.52 0.73 31.49
O5 NAG M . -1.05 1.86 29.05
O6 NAG M . -2.82 3.93 28.78
O7 NAG M . 1.21 -2.05 31.41
C1 NAG M . -3.62 1.07 32.87
C2 NAG M . -5.01 1.63 33.12
C3 NAG M . -5.21 1.95 34.60
C4 NAG M . -4.90 0.72 35.44
C5 NAG M . -3.51 0.20 35.11
C6 NAG M . -3.16 -1.07 35.83
C7 NAG M . -6.18 2.88 31.36
C8 NAG M . -6.27 4.19 30.62
N2 NAG M . -5.24 2.82 32.32
O3 NAG M . -6.55 2.37 34.81
O4 NAG M . -4.99 1.04 36.82
O5 NAG M . -3.41 -0.07 33.71
O6 NAG M . -1.85 -1.52 35.49
O7 NAG M . -6.92 1.95 31.12
C1 BMA M . -6.00 0.26 37.49
C2 BMA M . -5.76 0.36 38.99
C3 BMA M . -6.81 -0.41 39.75
C4 BMA M . -8.21 0.03 39.33
C5 BMA M . -8.35 -0.06 37.82
C6 BMA M . -9.67 0.47 37.32
O2 BMA M . -5.78 1.73 39.37
O3 BMA M . -6.65 -0.19 41.16
O4 BMA M . -9.19 -0.81 39.94
O5 BMA M . -7.32 0.72 37.19
O6 BMA M . -9.99 1.72 37.91
C1 MAN M . -6.04 -1.34 41.75
C2 MAN M . -6.62 -1.52 43.15
C3 MAN M . -6.25 -0.33 44.02
C4 MAN M . -4.75 -0.11 44.02
C5 MAN M . -4.24 0.00 42.58
C6 MAN M . -2.73 0.09 42.51
O2 MAN M . -6.12 -2.73 43.72
O3 MAN M . -6.72 -0.55 45.35
O4 MAN M . -4.44 1.09 44.72
O5 MAN M . -4.62 -1.17 41.85
O6 MAN M . -2.29 0.16 41.16
C1 MAN M . -11.38 2.01 37.67
C2 MAN M . -11.54 3.53 37.50
C3 MAN M . -11.21 4.23 38.82
C4 MAN M . -12.05 3.66 39.95
C5 MAN M . -11.88 2.15 40.02
C6 MAN M . -12.77 1.50 41.05
O2 MAN M . -12.86 3.84 37.10
O3 MAN M . -11.44 5.63 38.69
O4 MAN M . -11.65 4.24 41.19
O5 MAN M . -12.21 1.57 38.75
O6 MAN M . -12.60 0.09 41.07
C1 NAG N . -24.06 -27.57 28.82
C2 NAG N . -23.46 -28.86 29.38
C3 NAG N . -23.20 -28.71 30.88
C4 NAG N . -22.33 -27.49 31.14
C5 NAG N . -22.98 -26.26 30.51
C6 NAG N . -22.12 -25.02 30.63
C7 NAG N . -24.01 -31.01 28.32
C8 NAG N . -25.05 -32.09 28.16
N2 NAG N . -24.34 -29.99 29.13
O3 NAG N . -22.55 -29.89 31.36
O4 NAG N . -22.19 -27.28 32.53
O5 NAG N . -23.18 -26.48 29.11
O6 NAG N . -20.87 -25.20 29.99
O7 NAG N . -22.93 -31.05 27.74
C1 NAG N . -20.82 -27.52 32.92
C2 NAG N . -20.63 -27.03 34.35
C3 NAG N . -19.21 -27.29 34.82
C4 NAG N . -18.87 -28.77 34.64
C5 NAG N . -19.13 -29.19 33.19
C6 NAG N . -18.92 -30.67 32.96
C7 NAG N . -22.09 -25.17 35.02
C8 NAG N . -22.26 -23.68 35.05
N2 NAG N . -20.95 -25.62 34.46
O3 NAG N . -19.07 -26.93 36.19
O4 NAG N . -17.51 -29.01 34.96
O5 NAG N . -20.49 -28.91 32.84
O6 NAG N . -17.58 -31.06 33.29
O7 NAG N . -22.94 -25.94 35.47
C1 D10 O . 46.61 4.70 -31.58
C2 D10 O . 46.69 5.09 -30.11
C3 D10 O . 45.34 5.01 -29.41
C4 D10 O . 45.40 5.40 -27.95
C5 D10 O . 44.06 5.36 -27.24
C6 D10 O . 43.42 3.98 -27.21
C7 D10 O . 42.09 3.93 -26.48
C8 D10 O . 41.44 2.55 -26.49
C9 D10 O . 40.10 2.49 -25.77
C10 D10 O . 39.48 1.12 -25.82
C1 D10 P . 45.38 29.33 9.91
C2 D10 P . 44.90 28.40 8.83
C3 D10 P . 43.44 28.01 9.00
C4 D10 P . 42.90 27.10 7.89
C5 D10 P . 41.42 26.79 8.04
C6 D10 P . 40.84 26.02 6.87
C7 D10 P . 39.33 25.82 6.98
C8 D10 P . 38.71 25.16 5.75
C9 D10 P . 37.20 25.04 5.83
C10 D10 P . 36.52 26.38 6.00
C1 D10 Q . 53.76 1.38 16.39
C2 D10 Q . 52.58 0.75 15.67
C3 D10 Q . 51.76 1.75 14.88
C4 D10 Q . 50.51 1.16 14.25
C5 D10 Q . 49.60 2.19 13.61
C6 D10 Q . 48.21 1.66 13.29
C7 D10 Q . 47.21 2.75 12.95
C8 D10 Q . 45.76 2.32 13.03
C9 D10 Q . 44.77 3.45 12.90
C10 D10 Q . 43.34 3.02 13.13
#